data_4E0K
# 
_entry.id   4E0K 
# 
_audit_conform.dict_name       mmcif_pdbx.dic 
_audit_conform.dict_version    5.387 
_audit_conform.dict_location   http://mmcif.pdb.org/dictionaries/ascii/mmcif_pdbx.dic 
# 
loop_
_database_2.database_id 
_database_2.database_code 
_database_2.pdbx_database_accession 
_database_2.pdbx_DOI 
PDB   4E0K         pdb_00004e0k 10.2210/pdb4e0k/pdb 
RCSB  RCSB071016   ?            ?                   
WWPDB D_1000071016 ?            ?                   
# 
loop_
_pdbx_audit_revision_history.ordinal 
_pdbx_audit_revision_history.data_content_type 
_pdbx_audit_revision_history.major_revision 
_pdbx_audit_revision_history.minor_revision 
_pdbx_audit_revision_history.revision_date 
1 'Structure model' 1 0 2012-12-19 
2 'Structure model' 1 1 2013-06-19 
3 'Structure model' 1 2 2024-02-28 
# 
_pdbx_audit_revision_details.ordinal             1 
_pdbx_audit_revision_details.revision_ordinal    1 
_pdbx_audit_revision_details.data_content_type   'Structure model' 
_pdbx_audit_revision_details.provider            repository 
_pdbx_audit_revision_details.type                'Initial release' 
_pdbx_audit_revision_details.description         ? 
_pdbx_audit_revision_details.details             ? 
# 
loop_
_pdbx_audit_revision_group.ordinal 
_pdbx_audit_revision_group.revision_ordinal 
_pdbx_audit_revision_group.data_content_type 
_pdbx_audit_revision_group.group 
1 2 'Structure model' 'Database references'  
2 3 'Structure model' 'Data collection'      
3 3 'Structure model' 'Database references'  
4 3 'Structure model' 'Derived calculations' 
# 
loop_
_pdbx_audit_revision_category.ordinal 
_pdbx_audit_revision_category.revision_ordinal 
_pdbx_audit_revision_category.data_content_type 
_pdbx_audit_revision_category.category 
1 3 'Structure model' chem_comp_atom 
2 3 'Structure model' chem_comp_bond 
3 3 'Structure model' database_2     
4 3 'Structure model' struct_site    
# 
loop_
_pdbx_audit_revision_item.ordinal 
_pdbx_audit_revision_item.revision_ordinal 
_pdbx_audit_revision_item.data_content_type 
_pdbx_audit_revision_item.item 
1 3 'Structure model' '_database_2.pdbx_DOI'                
2 3 'Structure model' '_database_2.pdbx_database_accession' 
3 3 'Structure model' '_struct_site.pdbx_auth_asym_id'      
4 3 'Structure model' '_struct_site.pdbx_auth_comp_id'      
5 3 'Structure model' '_struct_site.pdbx_auth_seq_id'       
# 
_pdbx_database_status.entry_id                        4E0K 
_pdbx_database_status.status_code                     REL 
_pdbx_database_status.deposit_site                    RCSB 
_pdbx_database_status.process_site                    RCSB 
_pdbx_database_status.recvd_initial_deposition_date   2012-03-04 
_pdbx_database_status.status_code_sf                  REL 
_pdbx_database_status.status_code_mr                  ? 
_pdbx_database_status.SG_entry                        ? 
_pdbx_database_status.status_code_cs                  ? 
_pdbx_database_status.methods_development_category    ? 
_pdbx_database_status.pdb_format_compatible           Y 
_pdbx_database_status.status_code_nmr_data            ? 
# 
loop_
_pdbx_database_related.db_name 
_pdbx_database_related.db_id 
_pdbx_database_related.details 
_pdbx_database_related.content_type 
PDB 4E0L . unspecified 
PDB 4E0M . unspecified 
PDB 4E0N . unspecified 
PDB 4E0O . unspecified 
# 
loop_
_audit_author.name 
_audit_author.pdbx_ordinal 
'Zhao, M.'      1 
'Liu, C.'       2 
'Sawaya, M.R.'  3 
'Eisenberg, D.' 4 
# 
_citation.id                        primary 
_citation.title                     'Out-of-register beta-sheets suggest a pathway to toxic amyloid aggregates.' 
_citation.journal_abbrev            Proc.Natl.Acad.Sci.USA 
_citation.journal_volume            109 
_citation.page_first                20913 
_citation.page_last                 20918 
_citation.year                      2012 
_citation.journal_id_ASTM           PNASA6 
_citation.country                   US 
_citation.journal_id_ISSN           0027-8424 
_citation.journal_id_CSD            0040 
_citation.book_publisher            ? 
_citation.pdbx_database_id_PubMed   23213214 
_citation.pdbx_database_id_DOI      10.1073/pnas.1218792109 
# 
loop_
_citation_author.citation_id 
_citation_author.name 
_citation_author.ordinal 
_citation_author.identifier_ORCID 
primary 'Liu, C.'        1  ? 
primary 'Zhao, M.'       2  ? 
primary 'Jiang, L.'      3  ? 
primary 'Cheng, P.N.'    4  ? 
primary 'Park, J.'       5  ? 
primary 'Sawaya, M.R.'   6  ? 
primary 'Pensalfini, A.' 7  ? 
primary 'Gou, D.'        8  ? 
primary 'Berk, A.J.'     9  ? 
primary 'Glabe, C.G.'    10 ? 
primary 'Nowick, J.'     11 ? 
primary 'Eisenberg, D.'  12 ? 
# 
loop_
_entity.id 
_entity.type 
_entity.src_method 
_entity.pdbx_description 
_entity.formula_weight 
_entity.pdbx_number_of_molecules 
_entity.pdbx_ec 
_entity.pdbx_mutation 
_entity.pdbx_fragment 
_entity.details 
1 polymer     syn 'Amyloidogenic peptide segment KDWSFY'                                               845.918 4  ? ? ? ? 
2 non-polymer syn '2-{2-[2-(2-{2-[2-(2-ETHOXY-ETHOXY)-ETHOXY]-ETHOXY}-ETHOXY)-ETHOXY]-ETHOXY}-ETHANOL' 354.436 2  ? ? ? ? 
3 non-polymer syn 'SODIUM ION'                                                                         22.990  1  ? ? ? ? 
4 water       nat water                                                                                18.015  49 ? ? ? ? 
# 
_entity_poly.entity_id                      1 
_entity_poly.type                           'polypeptide(L)' 
_entity_poly.nstd_linkage                   no 
_entity_poly.nstd_monomer                   no 
_entity_poly.pdbx_seq_one_letter_code       KDWSFY 
_entity_poly.pdbx_seq_one_letter_code_can   KDWSFY 
_entity_poly.pdbx_strand_id                 A,B,C,D 
_entity_poly.pdbx_target_identifier         ? 
# 
loop_
_pdbx_entity_nonpoly.entity_id 
_pdbx_entity_nonpoly.name 
_pdbx_entity_nonpoly.comp_id 
2 '2-{2-[2-(2-{2-[2-(2-ETHOXY-ETHOXY)-ETHOXY]-ETHOXY}-ETHOXY)-ETHOXY]-ETHOXY}-ETHANOL' PE4 
3 'SODIUM ION'                                                                         NA  
4 water                                                                                HOH 
# 
loop_
_entity_poly_seq.entity_id 
_entity_poly_seq.num 
_entity_poly_seq.mon_id 
_entity_poly_seq.hetero 
1 1 LYS n 
1 2 ASP n 
1 3 TRP n 
1 4 SER n 
1 5 PHE n 
1 6 TYR n 
# 
_pdbx_entity_src_syn.entity_id              1 
_pdbx_entity_src_syn.pdbx_src_id            1 
_pdbx_entity_src_syn.pdbx_alt_source_flag   sample 
_pdbx_entity_src_syn.pdbx_beg_seq_num       ? 
_pdbx_entity_src_syn.pdbx_end_seq_num       ? 
_pdbx_entity_src_syn.organism_scientific    ? 
_pdbx_entity_src_syn.organism_common_name   ? 
_pdbx_entity_src_syn.ncbi_taxonomy_id       ? 
_pdbx_entity_src_syn.details                'Synthetic peptide' 
# 
loop_
_chem_comp.id 
_chem_comp.type 
_chem_comp.mon_nstd_flag 
_chem_comp.name 
_chem_comp.pdbx_synonyms 
_chem_comp.formula 
_chem_comp.formula_weight 
ASP 'L-peptide linking' y 'ASPARTIC ACID'                                                                      ? 'C4 H7 N O4'     
133.103 
HOH non-polymer         . WATER                                                                                ? 'H2 O'           
18.015  
LYS 'L-peptide linking' y LYSINE                                                                               ? 'C6 H15 N2 O2 1' 
147.195 
NA  non-polymer         . 'SODIUM ION'                                                                         ? 'Na 1'           
22.990  
PE4 non-polymer         . '2-{2-[2-(2-{2-[2-(2-ETHOXY-ETHOXY)-ETHOXY]-ETHOXY}-ETHOXY)-ETHOXY]-ETHOXY}-ETHANOL' 
'POLYETHYLENE GLYCOL PEG4000' 'C16 H34 O8'     354.436 
PHE 'L-peptide linking' y PHENYLALANINE                                                                        ? 'C9 H11 N O2'    
165.189 
SER 'L-peptide linking' y SERINE                                                                               ? 'C3 H7 N O3'     
105.093 
TRP 'L-peptide linking' y TRYPTOPHAN                                                                           ? 'C11 H12 N2 O2'  
204.225 
TYR 'L-peptide linking' y TYROSINE                                                                             ? 'C9 H11 N O3'    
181.189 
# 
loop_
_pdbx_poly_seq_scheme.asym_id 
_pdbx_poly_seq_scheme.entity_id 
_pdbx_poly_seq_scheme.seq_id 
_pdbx_poly_seq_scheme.mon_id 
_pdbx_poly_seq_scheme.ndb_seq_num 
_pdbx_poly_seq_scheme.pdb_seq_num 
_pdbx_poly_seq_scheme.auth_seq_num 
_pdbx_poly_seq_scheme.pdb_mon_id 
_pdbx_poly_seq_scheme.auth_mon_id 
_pdbx_poly_seq_scheme.pdb_strand_id 
_pdbx_poly_seq_scheme.pdb_ins_code 
_pdbx_poly_seq_scheme.hetero 
A 1 1 LYS 1 1 1 LYS LYS A . n 
A 1 2 ASP 2 2 2 ASP ASP A . n 
A 1 3 TRP 3 3 3 TRP TRP A . n 
A 1 4 SER 4 4 4 SER SER A . n 
A 1 5 PHE 5 5 5 PHE PHE A . n 
A 1 6 TYR 6 6 6 TYR TYR A . n 
B 1 1 LYS 1 1 1 LYS LYS B . n 
B 1 2 ASP 2 2 2 ASP ASP B . n 
B 1 3 TRP 3 3 3 TRP TRP B . n 
B 1 4 SER 4 4 4 SER SER B . n 
B 1 5 PHE 5 5 5 PHE PHE B . n 
B 1 6 TYR 6 6 6 TYR TYR B . n 
C 1 1 LYS 1 1 1 LYS LYS C . n 
C 1 2 ASP 2 2 2 ASP ASP C . n 
C 1 3 TRP 3 3 3 TRP TRP C . n 
C 1 4 SER 4 4 4 SER SER C . n 
C 1 5 PHE 5 5 5 PHE PHE C . n 
C 1 6 TYR 6 6 6 TYR TYR C . n 
D 1 1 LYS 1 1 1 LYS LYS D . n 
D 1 2 ASP 2 2 2 ASP ASP D . n 
D 1 3 TRP 3 3 3 TRP TRP D . n 
D 1 4 SER 4 4 4 SER SER D . n 
D 1 5 PHE 5 5 5 PHE PHE D . n 
D 1 6 TYR 6 6 6 TYR TYR D . n 
# 
loop_
_pdbx_nonpoly_scheme.asym_id 
_pdbx_nonpoly_scheme.entity_id 
_pdbx_nonpoly_scheme.mon_id 
_pdbx_nonpoly_scheme.ndb_seq_num 
_pdbx_nonpoly_scheme.pdb_seq_num 
_pdbx_nonpoly_scheme.auth_seq_num 
_pdbx_nonpoly_scheme.pdb_mon_id 
_pdbx_nonpoly_scheme.auth_mon_id 
_pdbx_nonpoly_scheme.pdb_strand_id 
_pdbx_nonpoly_scheme.pdb_ins_code 
E 2 PE4 1  101 6061 PE4 PE4 B . 
F 3 NA  1  102 1    NA  NA  B . 
G 2 PE4 1  101 6061 PE4 PE4 C . 
H 4 HOH 1  101 8    HOH HOH A . 
H 4 HOH 2  102 14   HOH HOH A . 
H 4 HOH 3  103 18   HOH HOH A . 
H 4 HOH 4  104 22   HOH HOH A . 
H 4 HOH 5  105 26   HOH HOH A . 
H 4 HOH 6  106 28   HOH HOH A . 
H 4 HOH 7  107 30   HOH HOH A . 
H 4 HOH 8  108 39   HOH HOH A . 
H 4 HOH 9  109 41   HOH HOH A . 
H 4 HOH 10 110 50   HOH HOH A . 
H 4 HOH 11 111 52   HOH HOH A . 
H 4 HOH 12 112 56   HOH HOH A . 
I 4 HOH 1  201 3    HOH HOH B . 
I 4 HOH 2  202 5    HOH HOH B . 
I 4 HOH 3  203 12   HOH HOH B . 
I 4 HOH 4  204 17   HOH HOH B . 
I 4 HOH 5  205 31   HOH HOH B . 
I 4 HOH 6  206 32   HOH HOH B . 
I 4 HOH 7  207 33   HOH HOH B . 
I 4 HOH 8  208 36   HOH HOH B . 
I 4 HOH 9  209 43   HOH HOH B . 
I 4 HOH 10 210 45   HOH HOH B . 
I 4 HOH 11 211 47   HOH HOH B . 
I 4 HOH 12 212 48   HOH HOH B . 
I 4 HOH 13 213 51   HOH HOH B . 
J 4 HOH 1  201 1    HOH HOH C . 
J 4 HOH 2  202 4    HOH HOH C . 
J 4 HOH 3  203 7    HOH HOH C . 
J 4 HOH 4  204 13   HOH HOH C . 
J 4 HOH 5  205 15   HOH HOH C . 
J 4 HOH 6  206 16   HOH HOH C . 
J 4 HOH 7  207 21   HOH HOH C . 
J 4 HOH 8  208 23   HOH HOH C . 
J 4 HOH 9  209 24   HOH HOH C . 
J 4 HOH 10 210 29   HOH HOH C . 
J 4 HOH 11 211 44   HOH HOH C . 
J 4 HOH 12 212 46   HOH HOH C . 
J 4 HOH 13 213 10   HOH HOH C . 
K 4 HOH 1  101 2    HOH HOH D . 
K 4 HOH 2  102 6    HOH HOH D . 
K 4 HOH 3  103 9    HOH HOH D . 
K 4 HOH 4  104 11   HOH HOH D . 
K 4 HOH 5  105 20   HOH HOH D . 
K 4 HOH 6  106 34   HOH HOH D . 
K 4 HOH 7  107 42   HOH HOH D . 
K 4 HOH 8  108 49   HOH HOH D . 
K 4 HOH 9  109 53   HOH HOH D . 
K 4 HOH 10 110 54   HOH HOH D . 
K 4 HOH 11 111 55   HOH HOH D . 
# 
loop_
_pdbx_unobs_or_zero_occ_atoms.id 
_pdbx_unobs_or_zero_occ_atoms.PDB_model_num 
_pdbx_unobs_or_zero_occ_atoms.polymer_flag 
_pdbx_unobs_or_zero_occ_atoms.occupancy_flag 
_pdbx_unobs_or_zero_occ_atoms.auth_asym_id 
_pdbx_unobs_or_zero_occ_atoms.auth_comp_id 
_pdbx_unobs_or_zero_occ_atoms.auth_seq_id 
_pdbx_unobs_or_zero_occ_atoms.PDB_ins_code 
_pdbx_unobs_or_zero_occ_atoms.auth_atom_id 
_pdbx_unobs_or_zero_occ_atoms.label_alt_id 
_pdbx_unobs_or_zero_occ_atoms.label_asym_id 
_pdbx_unobs_or_zero_occ_atoms.label_comp_id 
_pdbx_unobs_or_zero_occ_atoms.label_seq_id 
_pdbx_unobs_or_zero_occ_atoms.label_atom_id 
1  1 N 1 B PE4 101 ? O1  ? E PE4 1 O1  
2  1 N 1 B PE4 101 ? C1  ? E PE4 1 C1  
3  1 N 1 B PE4 101 ? C2  ? E PE4 1 C2  
4  1 N 1 B PE4 101 ? O7  ? E PE4 1 O7  
5  1 N 1 B PE4 101 ? C13 ? E PE4 1 C13 
6  1 N 1 B PE4 101 ? C14 ? E PE4 1 C14 
7  1 N 1 B PE4 101 ? O8  ? E PE4 1 O8  
8  1 N 1 B PE4 101 ? C15 ? E PE4 1 C15 
9  1 N 1 B PE4 101 ? C16 ? E PE4 1 C16 
10 1 N 1 C PE4 101 ? O1  ? G PE4 1 O1  
11 1 N 1 C PE4 101 ? C1  ? G PE4 1 C1  
12 1 N 1 C PE4 101 ? C2  ? G PE4 1 C2  
13 1 N 1 C PE4 101 ? O7  ? G PE4 1 O7  
14 1 N 1 C PE4 101 ? C13 ? G PE4 1 C13 
15 1 N 1 C PE4 101 ? C14 ? G PE4 1 C14 
16 1 N 1 C PE4 101 ? O8  ? G PE4 1 O8  
17 1 N 1 C PE4 101 ? C15 ? G PE4 1 C15 
18 1 N 1 C PE4 101 ? C16 ? G PE4 1 C16 
# 
loop_
_software.pdbx_ordinal 
_software.name 
_software.version 
_software.date 
_software.type 
_software.contact_author 
_software.contact_author_email 
_software.classification 
_software.location 
_software.language 
_software.citation_id 
1 XSCALE      .       ?               package 'Wolfgang Kabsch' ?                        'data scaling'    
http://www.mpimf-heidelberg.mpg.de/~kabsch/xds/html_doc/xscale_program.html ?   ? 
2 PHENIX      1.7_650 ?               package 'Paul D. Adams'   PDAdams@lbl.gov          refinement        
http://www.phenix-online.org/                                               C++ ? 
3 PDB_EXTRACT 3.10    'June 10, 2010' package PDB               deposit@deposit.rcsb.org 'data extraction' 
http://sw-tools.pdb.org/apps/PDB_EXTRACT/                                   C++ ? 
# 
_cell.length_a           62.370 
_cell.length_b           62.370 
_cell.length_c           11.730 
_cell.angle_alpha        90.000 
_cell.angle_beta         90.000 
_cell.angle_gamma        120.000 
_cell.entry_id           4E0K 
_cell.pdbx_unique_axis   ? 
_cell.Z_PDB              24 
_cell.length_a_esd       ? 
_cell.length_b_esd       ? 
_cell.length_c_esd       ? 
_cell.angle_alpha_esd    ? 
_cell.angle_beta_esd     ? 
_cell.angle_gamma_esd    ? 
# 
_symmetry.space_group_name_H-M             'P 61' 
_symmetry.entry_id                         4E0K 
_symmetry.Int_Tables_number                169 
_symmetry.pdbx_full_space_group_name_H-M   ? 
_symmetry.cell_setting                     ? 
_symmetry.space_group_name_Hall            ? 
# 
_exptl.crystals_number   1 
_exptl.entry_id          4E0K 
_exptl.method            'X-RAY DIFFRACTION' 
# 
_exptl_crystal.id                    1 
_exptl_crystal.density_Matthews      1.95 
_exptl_crystal.density_meas          ? 
_exptl_crystal.density_percent_sol   36.81 
_exptl_crystal.description           ? 
_exptl_crystal.F_000                 ? 
_exptl_crystal.preparation           ? 
# 
_exptl_crystal_grow.crystal_id      1 
_exptl_crystal_grow.method          'VAPOR DIFFUSION, HANGING DROP' 
_exptl_crystal_grow.pH              6.5 
_exptl_crystal_grow.temp            290 
_exptl_crystal_grow.pdbx_details    
'0.1M BIS-TRIS PROPANE pH 6.5, 0.2 M SODIUM FLUORIDE, 20% (w/v) PEG 3350, vapor diffusion, hanging drop, temperature 290K' 
_exptl_crystal_grow.temp_details    ? 
_exptl_crystal_grow.pdbx_pH_range   ? 
# 
_diffrn.id                     1 
_diffrn.ambient_temp           100 
_diffrn.ambient_temp_details   ? 
_diffrn.crystal_id             1 
# 
_diffrn_detector.diffrn_id              1 
_diffrn_detector.detector               CCD 
_diffrn_detector.type                   'ADSC QUANTUM 315' 
_diffrn_detector.pdbx_collection_date   2010-12-11 
_diffrn_detector.details                ? 
# 
_diffrn_radiation.diffrn_id                        1 
_diffrn_radiation.pdbx_diffrn_protocol             'SINGLE WAVELENGTH' 
_diffrn_radiation.monochromator                    ? 
_diffrn_radiation.wavelength_id                    1 
_diffrn_radiation.pdbx_monochromatic_or_laue_m_l   M 
_diffrn_radiation.pdbx_scattering_type             x-ray 
# 
_diffrn_radiation_wavelength.id           1 
_diffrn_radiation_wavelength.wavelength   0.97911 
_diffrn_radiation_wavelength.wt           1.0 
# 
_diffrn_source.diffrn_id                   1 
_diffrn_source.source                      SYNCHROTRON 
_diffrn_source.type                        'APS BEAMLINE 24-ID-C' 
_diffrn_source.pdbx_wavelength_list        0.97911 
_diffrn_source.pdbx_wavelength             ? 
_diffrn_source.pdbx_synchrotron_site       APS 
_diffrn_source.pdbx_synchrotron_beamline   24-ID-C 
# 
_reflns.entry_id                     4E0K 
_reflns.d_resolution_high            0.970 
_reflns.number_obs                   ? 
_reflns.pdbx_Rmerge_I_obs            0.069 
_reflns.pdbx_netI_over_sigmaI        12.660 
_reflns.percent_possible_obs         99.300 
_reflns.B_iso_Wilson_estimate        9.162 
_reflns.observed_criterion_sigma_I   -3.000 
_reflns.observed_criterion_sigma_F   ? 
_reflns.d_resolution_low             14.9810 
_reflns.number_all                   ? 
_reflns.pdbx_Rsym_value              ? 
_reflns.pdbx_redundancy              ? 
_reflns.R_free_details               ? 
_reflns.limit_h_max                  ? 
_reflns.limit_h_min                  ? 
_reflns.limit_k_max                  ? 
_reflns.limit_k_min                  ? 
_reflns.limit_l_max                  ? 
_reflns.limit_l_min                  ? 
_reflns.observed_criterion_F_max     ? 
_reflns.observed_criterion_F_min     ? 
_reflns.pdbx_chi_squared             ? 
_reflns.pdbx_scaling_rejects         ? 
_reflns.pdbx_ordinal                 1 
_reflns.pdbx_diffrn_id               1 
# 
loop_
_reflns_shell.d_res_high 
_reflns_shell.d_res_low 
_reflns_shell.number_measured_obs 
_reflns_shell.number_measured_all 
_reflns_shell.number_unique_obs 
_reflns_shell.Rmerge_I_obs 
_reflns_shell.meanI_over_sigI_obs 
_reflns_shell.pdbx_Rsym_value 
_reflns_shell.pdbx_chi_squared 
_reflns_shell.pdbx_redundancy 
_reflns_shell.percent_possible_obs 
_reflns_shell.number_unique_all 
_reflns_shell.percent_possible_all 
_reflns_shell.pdbx_ordinal 
_reflns_shell.pdbx_diffrn_id 
0.970 1.000 5383  ? 2168 0.448 2.420  ? ? ? ? ? 97.400  1  1 
1.000 1.020 5490  ? 2173 0.340 3.080  ? ? ? ? ? 99.900  2  1 
1.020 1.050 5435  ? 2097 0.262 3.820  ? ? ? ? ? 98.500  3  1 
1.050 1.080 5364  ? 2010 0.180 4.890  ? ? ? ? ? 97.900  4  1 
1.080 1.120 5159  ? 1944 0.147 5.690  ? ? ? ? ? 100.000 5  1 
1.120 1.160 5411  ? 1981 0.122 6.680  ? ? ? ? ? 99.300  6  1 
1.160 1.200 5033  ? 1795 0.110 7.220  ? ? ? ? ? 98.500  7  1 
1.200 1.250 9045  ? 1788 0.144 9.170  ? ? ? ? ? 100.000 8  1 
1.250 1.310 11764 ? 1769 0.140 11.090 ? ? ? ? ? 100.000 9  1 
1.310 1.370 10607 ? 1583 0.120 13.160 ? ? ? ? ? 100.000 10 1 
1.370 1.450 10676 ? 1599 0.102 15.660 ? ? ? ? ? 100.000 11 1 
1.450 1.530 9680  ? 1437 0.088 18.100 ? ? ? ? ? 100.000 12 1 
1.530 1.640 9283  ? 1400 0.080 20.790 ? ? ? ? ? 100.000 13 1 
1.640 1.770 8510  ? 1286 0.071 23.720 ? ? ? ? ? 100.000 14 1 
1.770 1.940 8047  ? 1224 0.067 26.120 ? ? ? ? ? 100.000 15 1 
1.940 2.170 6712  ? 1039 0.062 29.010 ? ? ? ? ? 100.000 16 1 
2.170 2.510 6277  ? 949  0.058 29.890 ? ? ? ? ? 100.000 17 1 
2.510 3.070 5165  ? 806  0.060 31.340 ? ? ? ? ? 99.800  18 1 
3.070 4.340 3330  ? 599  0.046 31.900 ? ? ? ? ? 98.200  19 1 
4.340 ?     1568  ? 326  0.043 31.180 ? ? ? ? ? 95.000  20 1 
# 
_refine.entry_id                                 4E0K 
_refine.ls_d_res_high                            0.9700 
_refine.ls_d_res_low                             14.9810 
_refine.pdbx_ls_sigma_F                          2.010 
_refine.pdbx_data_cutoff_high_absF               ? 
_refine.pdbx_data_cutoff_low_absF                ? 
_refine.ls_percent_reflns_obs                    99.8400 
_refine.ls_number_reflns_obs                     15997 
_refine.ls_number_reflns_all                     ? 
_refine.pdbx_ls_cross_valid_method               ? 
_refine.pdbx_R_Free_selection_details            ? 
_refine.details                                  ? 
_refine.ls_R_factor_all                          ? 
_refine.ls_R_factor_obs                          0.1138 
_refine.ls_R_factor_R_work                       0.1119 
_refine.ls_wR_factor_R_work                      ? 
_refine.ls_R_factor_R_free                       0.1311 
_refine.ls_wR_factor_R_free                      ? 
_refine.ls_percent_reflns_R_free                 10.0100 
_refine.ls_number_reflns_R_free                  1601 
_refine.ls_R_factor_R_free_error                 ? 
_refine.B_iso_mean                               10.9748 
_refine.solvent_model_param_bsol                 38.5410 
_refine.solvent_model_param_ksol                 0.4070 
_refine.pdbx_isotropic_thermal_model             ? 
_refine.aniso_B[1][1]                            0.2207 
_refine.aniso_B[2][2]                            0.2207 
_refine.aniso_B[3][3]                            -0.4415 
_refine.aniso_B[1][2]                            -0.0000 
_refine.aniso_B[1][3]                            -0.0000 
_refine.aniso_B[2][3]                            -0.0000 
_refine.correlation_coeff_Fo_to_Fc               ? 
_refine.correlation_coeff_Fo_to_Fc_free          ? 
_refine.overall_SU_R_Cruickshank_DPI             ? 
_refine.overall_SU_R_free                        ? 
_refine.pdbx_overall_ESU_R                       ? 
_refine.pdbx_overall_ESU_R_Free                  ? 
_refine.overall_SU_ML                            0.0600 
_refine.overall_SU_B                             ? 
_refine.solvent_model_details                    'FLAT BULK SOLVENT MODEL' 
_refine.pdbx_solvent_vdw_probe_radii             0.9000 
_refine.pdbx_solvent_ion_probe_radii             ? 
_refine.pdbx_solvent_shrinkage_radii             0.7700 
_refine.ls_number_parameters                     ? 
_refine.ls_number_restraints                     ? 
_refine.pdbx_starting_model                      ? 
_refine.pdbx_method_to_determine_struct          SIRAS 
_refine.pdbx_stereochemistry_target_values       ML 
_refine.pdbx_stereochem_target_val_spec_case     ? 
_refine.overall_FOM_work_R_set                   0.9532 
_refine.B_iso_max                                48.940 
_refine.B_iso_min                                1.730 
_refine.pdbx_overall_phase_error                 9.1500 
_refine.occupancy_max                            1.000 
_refine.occupancy_min                            0.130 
_refine.pdbx_ls_sigma_I                          ? 
_refine.ls_redundancy_reflns_obs                 ? 
_refine.ls_R_factor_R_free_error_details         ? 
_refine.pdbx_data_cutoff_high_rms_absF           ? 
_refine.overall_FOM_free_R_set                   ? 
_refine.pdbx_diffrn_id                           1 
_refine.pdbx_refine_id                           'X-RAY DIFFRACTION' 
_refine.pdbx_TLS_residual_ADP_flag               ? 
_refine.pdbx_overall_SU_R_free_Cruickshank_DPI   ? 
_refine.pdbx_overall_SU_R_Blow_DPI               ? 
_refine.pdbx_overall_SU_R_free_Blow_DPI          ? 
# 
_refine_hist.pdbx_refine_id                   'X-RAY DIFFRACTION' 
_refine_hist.cycle_id                         LAST 
_refine_hist.pdbx_number_atoms_protein        244 
_refine_hist.pdbx_number_atoms_nucleic_acid   0 
_refine_hist.pdbx_number_atoms_ligand         31 
_refine_hist.number_atoms_solvent             49 
_refine_hist.number_atoms_total               324 
_refine_hist.d_res_high                       0.9700 
_refine_hist.d_res_low                        14.9810 
# 
loop_
_refine_ls_restr.type 
_refine_ls_restr.number 
_refine_ls_restr.dev_ideal 
_refine_ls_restr.dev_ideal_target 
_refine_ls_restr.weight 
_refine_ls_restr.pdbx_restraint_function 
_refine_ls_restr.pdbx_refine_id 
f_bond_d           369 0.010  ? ? ? 'X-RAY DIFFRACTION' 
f_angle_d          495 1.417  ? ? ? 'X-RAY DIFFRACTION' 
f_chiral_restr     37  0.095  ? ? ? 'X-RAY DIFFRACTION' 
f_plane_restr      58  0.009  ? ? ? 'X-RAY DIFFRACTION' 
f_dihedral_angle_d 163 19.613 ? ? ? 'X-RAY DIFFRACTION' 
# 
loop_
_refine_ls_shell.d_res_high 
_refine_ls_shell.d_res_low 
_refine_ls_shell.pdbx_total_number_of_bins_used 
_refine_ls_shell.percent_reflns_obs 
_refine_ls_shell.number_reflns_R_work 
_refine_ls_shell.R_factor_all 
_refine_ls_shell.R_factor_R_work 
_refine_ls_shell.R_factor_R_free 
_refine_ls_shell.percent_reflns_R_free 
_refine_ls_shell.number_reflns_R_free 
_refine_ls_shell.R_factor_R_free_error 
_refine_ls_shell.number_reflns_all 
_refine_ls_shell.number_reflns_obs 
_refine_ls_shell.redundancy_reflns_obs 
_refine_ls_shell.pdbx_refine_id 
0.9703 1.0016  11 99.0000  1251 . 0.1495 0.1713 . 140 . 1391 . . 'X-RAY DIFFRACTION' 
1.0016 1.0374  11 100.0000 1303 . 0.1342 0.1571 . 144 . 1447 . . 'X-RAY DIFFRACTION' 
1.0374 1.0789  11 100.0000 1301 . 0.1072 0.1138 . 145 . 1446 . . 'X-RAY DIFFRACTION' 
1.0789 1.1280  11 100.0000 1278 . 0.0908 0.1088 . 142 . 1420 . . 'X-RAY DIFFRACTION' 
1.1280 1.1874  11 100.0000 1299 . 0.0891 0.1048 . 144 . 1443 . . 'X-RAY DIFFRACTION' 
1.1874 1.2618  11 100.0000 1291 . 0.0941 0.1198 . 144 . 1435 . . 'X-RAY DIFFRACTION' 
1.2618 1.3592  11 100.0000 1316 . 0.0961 0.1238 . 146 . 1462 . . 'X-RAY DIFFRACTION' 
1.3592 1.4958  11 100.0000 1314 . 0.0982 0.1029 . 146 . 1460 . . 'X-RAY DIFFRACTION' 
1.4958 1.7120  11 100.0000 1320 . 0.1003 0.1325 . 147 . 1467 . . 'X-RAY DIFFRACTION' 
1.7120 2.1559  11 100.0000 1330 . 0.1075 0.1349 . 147 . 1477 . . 'X-RAY DIFFRACTION' 
2.1559 14.9826 11 99.0000  1393 . 0.1304 0.1445 . 156 . 1549 . . 'X-RAY DIFFRACTION' 
# 
_struct.entry_id                  4E0K 
_struct.title                     
'Crystal Structure of the amyloid-fibril forming peptide KDWSFY derived from human Beta 2 Microglobulin (58-63)' 
_struct.pdbx_model_details        ? 
_struct.pdbx_CASP_flag            ? 
_struct.pdbx_model_type_details   ? 
# 
_struct_keywords.entry_id        4E0K 
_struct_keywords.text            'amyloid, out-of-register, fiber-forming, PROTEIN FIBRIL' 
_struct_keywords.pdbx_keywords   'PROTEIN FIBRIL' 
# 
loop_
_struct_asym.id 
_struct_asym.pdbx_blank_PDB_chainid_flag 
_struct_asym.pdbx_modified 
_struct_asym.entity_id 
_struct_asym.details 
A N N 1 ? 
B N N 1 ? 
C N N 1 ? 
D N N 1 ? 
E N N 2 ? 
F N N 3 ? 
G N N 2 ? 
H N N 4 ? 
I N N 4 ? 
J N N 4 ? 
K N N 4 ? 
# 
_struct_ref.id                         1 
_struct_ref.db_name                    PDB 
_struct_ref.db_code                    4E0K 
_struct_ref.pdbx_db_accession          4E0K 
_struct_ref.entity_id                  1 
_struct_ref.pdbx_align_begin           ? 
_struct_ref.pdbx_seq_one_letter_code   ? 
_struct_ref.pdbx_db_isoform            ? 
# 
loop_
_struct_ref_seq.align_id 
_struct_ref_seq.ref_id 
_struct_ref_seq.pdbx_PDB_id_code 
_struct_ref_seq.pdbx_strand_id 
_struct_ref_seq.seq_align_beg 
_struct_ref_seq.pdbx_seq_align_beg_ins_code 
_struct_ref_seq.seq_align_end 
_struct_ref_seq.pdbx_seq_align_end_ins_code 
_struct_ref_seq.pdbx_db_accession 
_struct_ref_seq.db_align_beg 
_struct_ref_seq.pdbx_db_align_beg_ins_code 
_struct_ref_seq.db_align_end 
_struct_ref_seq.pdbx_db_align_end_ins_code 
_struct_ref_seq.pdbx_auth_seq_align_beg 
_struct_ref_seq.pdbx_auth_seq_align_end 
1 1 4E0K A 1 ? 6 ? 4E0K 1 ? 6 ? 1 6 
2 1 4E0K B 1 ? 6 ? 4E0K 1 ? 6 ? 1 6 
3 1 4E0K C 1 ? 6 ? 4E0K 1 ? 6 ? 1 6 
4 1 4E0K D 1 ? 6 ? 4E0K 1 ? 6 ? 1 6 
# 
loop_
_pdbx_struct_assembly.id 
_pdbx_struct_assembly.details 
_pdbx_struct_assembly.method_details 
_pdbx_struct_assembly.oligomeric_details 
_pdbx_struct_assembly.oligomeric_count 
1 software_defined_assembly PISA dimeric 2 
2 software_defined_assembly PISA dimeric 2 
# 
loop_
_pdbx_struct_assembly_prop.biol_id 
_pdbx_struct_assembly_prop.type 
_pdbx_struct_assembly_prop.value 
_pdbx_struct_assembly_prop.details 
1 'ABSA (A^2)' 890  ? 
1 MORE         -9   ? 
1 'SSA (A^2)'  2030 ? 
2 'ABSA (A^2)' 690  ? 
2 MORE         -5   ? 
2 'SSA (A^2)'  2120 ? 
# 
loop_
_pdbx_struct_assembly_gen.assembly_id 
_pdbx_struct_assembly_gen.oper_expression 
_pdbx_struct_assembly_gen.asym_id_list 
1 1 A,B,E,F,H,I 
2 1 C,D,G,J,K   
# 
_pdbx_struct_oper_list.id                   1 
_pdbx_struct_oper_list.type                 'identity operation' 
_pdbx_struct_oper_list.name                 1_555 
_pdbx_struct_oper_list.symmetry_operation   x,y,z 
_pdbx_struct_oper_list.matrix[1][1]         1.0000000000 
_pdbx_struct_oper_list.matrix[1][2]         0.0000000000 
_pdbx_struct_oper_list.matrix[1][3]         0.0000000000 
_pdbx_struct_oper_list.vector[1]            0.0000000000 
_pdbx_struct_oper_list.matrix[2][1]         0.0000000000 
_pdbx_struct_oper_list.matrix[2][2]         1.0000000000 
_pdbx_struct_oper_list.matrix[2][3]         0.0000000000 
_pdbx_struct_oper_list.vector[2]            0.0000000000 
_pdbx_struct_oper_list.matrix[3][1]         0.0000000000 
_pdbx_struct_oper_list.matrix[3][2]         0.0000000000 
_pdbx_struct_oper_list.matrix[3][3]         1.0000000000 
_pdbx_struct_oper_list.vector[3]            0.0000000000 
# 
_struct_biol.id        1 
_struct_biol.details   ? 
# 
_struct_conn.id                            metalc1 
_struct_conn.conn_type_id                  metalc 
_struct_conn.pdbx_leaving_atom_flag        ? 
_struct_conn.pdbx_PDB_id                   ? 
_struct_conn.ptnr1_label_asym_id           B 
_struct_conn.ptnr1_label_comp_id           ASP 
_struct_conn.ptnr1_label_seq_id            2 
_struct_conn.ptnr1_label_atom_id           OD1 
_struct_conn.pdbx_ptnr1_label_alt_id       B 
_struct_conn.pdbx_ptnr1_PDB_ins_code       ? 
_struct_conn.pdbx_ptnr1_standard_comp_id   ? 
_struct_conn.ptnr1_symmetry                1_555 
_struct_conn.ptnr2_label_asym_id           F 
_struct_conn.ptnr2_label_comp_id           NA 
_struct_conn.ptnr2_label_seq_id            . 
_struct_conn.ptnr2_label_atom_id           NA 
_struct_conn.pdbx_ptnr2_label_alt_id       ? 
_struct_conn.pdbx_ptnr2_PDB_ins_code       ? 
_struct_conn.ptnr1_auth_asym_id            B 
_struct_conn.ptnr1_auth_comp_id            ASP 
_struct_conn.ptnr1_auth_seq_id             2 
_struct_conn.ptnr2_auth_asym_id            B 
_struct_conn.ptnr2_auth_comp_id            NA 
_struct_conn.ptnr2_auth_seq_id             102 
_struct_conn.ptnr2_symmetry                1_555 
_struct_conn.pdbx_ptnr3_label_atom_id      ? 
_struct_conn.pdbx_ptnr3_label_seq_id       ? 
_struct_conn.pdbx_ptnr3_label_comp_id      ? 
_struct_conn.pdbx_ptnr3_label_asym_id      ? 
_struct_conn.pdbx_ptnr3_label_alt_id       ? 
_struct_conn.pdbx_ptnr3_PDB_ins_code       ? 
_struct_conn.details                       ? 
_struct_conn.pdbx_dist_value               2.831 
_struct_conn.pdbx_value_order              ? 
_struct_conn.pdbx_role                     ? 
# 
_struct_conn_type.id          metalc 
_struct_conn_type.criteria    ? 
_struct_conn_type.reference   ? 
# 
loop_
_struct_sheet.id 
_struct_sheet.type 
_struct_sheet.number_strands 
_struct_sheet.details 
A ? 2 ? 
B ? 2 ? 
# 
loop_
_struct_sheet_order.sheet_id 
_struct_sheet_order.range_id_1 
_struct_sheet_order.range_id_2 
_struct_sheet_order.offset 
_struct_sheet_order.sense 
A 1 2 ? anti-parallel 
B 1 2 ? anti-parallel 
# 
loop_
_struct_sheet_range.sheet_id 
_struct_sheet_range.id 
_struct_sheet_range.beg_label_comp_id 
_struct_sheet_range.beg_label_asym_id 
_struct_sheet_range.beg_label_seq_id 
_struct_sheet_range.pdbx_beg_PDB_ins_code 
_struct_sheet_range.end_label_comp_id 
_struct_sheet_range.end_label_asym_id 
_struct_sheet_range.end_label_seq_id 
_struct_sheet_range.pdbx_end_PDB_ins_code 
_struct_sheet_range.beg_auth_comp_id 
_struct_sheet_range.beg_auth_asym_id 
_struct_sheet_range.beg_auth_seq_id 
_struct_sheet_range.end_auth_comp_id 
_struct_sheet_range.end_auth_asym_id 
_struct_sheet_range.end_auth_seq_id 
A 1 ASP A 2 ? PHE A 5 ? ASP A 2 PHE A 5 
A 2 TRP B 3 ? TYR B 6 ? TRP B 3 TYR B 6 
B 1 TRP C 3 ? PHE C 5 ? TRP C 3 PHE C 5 
B 2 TRP D 3 ? PHE D 5 ? TRP D 3 PHE D 5 
# 
loop_
_pdbx_struct_sheet_hbond.sheet_id 
_pdbx_struct_sheet_hbond.range_id_1 
_pdbx_struct_sheet_hbond.range_id_2 
_pdbx_struct_sheet_hbond.range_1_label_atom_id 
_pdbx_struct_sheet_hbond.range_1_label_comp_id 
_pdbx_struct_sheet_hbond.range_1_label_asym_id 
_pdbx_struct_sheet_hbond.range_1_label_seq_id 
_pdbx_struct_sheet_hbond.range_1_PDB_ins_code 
_pdbx_struct_sheet_hbond.range_1_auth_atom_id 
_pdbx_struct_sheet_hbond.range_1_auth_comp_id 
_pdbx_struct_sheet_hbond.range_1_auth_asym_id 
_pdbx_struct_sheet_hbond.range_1_auth_seq_id 
_pdbx_struct_sheet_hbond.range_2_label_atom_id 
_pdbx_struct_sheet_hbond.range_2_label_comp_id 
_pdbx_struct_sheet_hbond.range_2_label_asym_id 
_pdbx_struct_sheet_hbond.range_2_label_seq_id 
_pdbx_struct_sheet_hbond.range_2_PDB_ins_code 
_pdbx_struct_sheet_hbond.range_2_auth_atom_id 
_pdbx_struct_sheet_hbond.range_2_auth_comp_id 
_pdbx_struct_sheet_hbond.range_2_auth_asym_id 
_pdbx_struct_sheet_hbond.range_2_auth_seq_id 
A 1 2 N ASP A 2 ? N ASP A 2 O TYR B 6 ? O TYR B 6 
B 1 2 N SER C 4 ? N SER C 4 O SER D 4 ? O SER D 4 
# 
loop_
_struct_site.id 
_struct_site.pdbx_evidence_code 
_struct_site.pdbx_auth_asym_id 
_struct_site.pdbx_auth_comp_id 
_struct_site.pdbx_auth_seq_id 
_struct_site.pdbx_auth_ins_code 
_struct_site.pdbx_num_residues 
_struct_site.details 
AC1 Software B PE4 101 ? 14 'BINDING SITE FOR RESIDUE PE4 B 101' 
AC2 Software B NA  102 ? 5  'BINDING SITE FOR RESIDUE NA B 102'  
AC3 Software C PE4 101 ? 10 'BINDING SITE FOR RESIDUE PE4 C 101' 
# 
loop_
_struct_site_gen.id 
_struct_site_gen.site_id 
_struct_site_gen.pdbx_num_res 
_struct_site_gen.label_comp_id 
_struct_site_gen.label_asym_id 
_struct_site_gen.label_seq_id 
_struct_site_gen.pdbx_auth_ins_code 
_struct_site_gen.auth_comp_id 
_struct_site_gen.auth_asym_id 
_struct_site_gen.auth_seq_id 
_struct_site_gen.label_atom_id 
_struct_site_gen.label_alt_id 
_struct_site_gen.symmetry 
_struct_site_gen.details 
1  AC1 14 TRP A 3 ? TRP A 3   . ? 6_555 ? 
2  AC1 14 TYR A 6 ? TYR A 6   . ? 1_556 ? 
3  AC1 14 HOH H . ? HOH A 103 . ? 6_555 ? 
4  AC1 14 TRP B 3 ? TRP B 3   . ? 6_555 ? 
5  AC1 14 PHE B 5 ? PHE B 5   . ? 6_554 ? 
6  AC1 14 TYR B 6 ? TYR B 6   . ? 1_555 ? 
7  AC1 14 HOH I . ? HOH B 203 . ? 1_555 ? 
8  AC1 14 HOH I . ? HOH B 207 . ? 1_555 ? 
9  AC1 14 HOH I . ? HOH B 208 . ? 1_556 ? 
10 AC1 14 HOH I . ? HOH B 208 . ? 1_555 ? 
11 AC1 14 TRP C 3 ? TRP C 3   . ? 1_556 ? 
12 AC1 14 TRP C 3 ? TRP C 3   . ? 1_555 ? 
13 AC1 14 TRP D 3 ? TRP D 3   . ? 1_555 ? 
14 AC1 14 PHE D 5 ? PHE D 5   . ? 1_556 ? 
15 AC2 5  PHE A 5 ? PHE A 5   . ? 1_556 ? 
16 AC2 5  ASP B 2 ? ASP B 2   . ? 1_555 ? 
17 AC2 5  TRP B 3 ? TRP B 3   . ? 1_555 ? 
18 AC2 5  LYS D 1 ? LYS D 1   . ? 5_554 ? 
19 AC2 5  HOH K . ? HOH D 109 . ? 5_554 ? 
20 AC3 10 TYR C 6 ? TYR C 6   . ? 3_544 ? 
21 AC3 10 TYR C 6 ? TYR C 6   . ? 2_444 ? 
22 AC3 10 TYR C 6 ? TYR C 6   . ? 2_445 ? 
23 AC3 10 HOH J . ? HOH C 206 . ? 3_544 ? 
24 AC3 10 HOH J . ? HOH C 206 . ? 3_543 ? 
25 AC3 10 HOH J . ? HOH C 206 . ? 1_554 ? 
26 AC3 10 HOH J . ? HOH C 206 . ? 2_444 ? 
27 AC3 10 TYR D 6 ? TYR D 6   . ? 3_545 ? 
28 AC3 10 TYR D 6 ? TYR D 6   . ? 2_445 ? 
29 AC3 10 TYR D 6 ? TYR D 6   . ? 3_544 ? 
# 
_diffrn_reflns.diffrn_id                   1 
_diffrn_reflns.pdbx_d_res_high             0.970 
_diffrn_reflns.pdbx_d_res_low              ? 
_diffrn_reflns.pdbx_number_obs             29973 
_diffrn_reflns.pdbx_Rmerge_I_obs           0.069 
_diffrn_reflns.pdbx_Rsym_value             ? 
_diffrn_reflns.pdbx_chi_squared            ? 
_diffrn_reflns.av_sigmaI_over_netI         ? 
_diffrn_reflns.pdbx_redundancy             ? 
_diffrn_reflns.pdbx_percent_possible_obs   99.30 
_diffrn_reflns.number                      137939 
_diffrn_reflns.pdbx_observed_criterion     ? 
_diffrn_reflns.limit_h_max                 ? 
_diffrn_reflns.limit_h_min                 ? 
_diffrn_reflns.limit_k_max                 ? 
_diffrn_reflns.limit_k_min                 ? 
_diffrn_reflns.limit_l_max                 ? 
_diffrn_reflns.limit_l_min                 ? 
# 
loop_
_pdbx_diffrn_reflns_shell.diffrn_id 
_pdbx_diffrn_reflns_shell.d_res_high 
_pdbx_diffrn_reflns_shell.d_res_low 
_pdbx_diffrn_reflns_shell.number_obs 
_pdbx_diffrn_reflns_shell.rejects 
_pdbx_diffrn_reflns_shell.Rmerge_I_obs 
_pdbx_diffrn_reflns_shell.Rsym_value 
_pdbx_diffrn_reflns_shell.chi_squared 
_pdbx_diffrn_reflns_shell.redundancy 
_pdbx_diffrn_reflns_shell.percent_possible_obs 
1 3.07 4.34 599  ? 0.046 ? ? ? 98.20  
1 2.51 3.07 806  ? 0.060 ? ? ? 99.80  
1 2.17 2.51 949  ? 0.058 ? ? ? 100.00 
1 1.94 2.17 1039 ? 0.062 ? ? ? 100.00 
1 1.77 1.94 1224 ? 0.067 ? ? ? 100.00 
1 1.64 1.77 1286 ? 0.071 ? ? ? 100.00 
1 1.53 1.64 1400 ? 0.080 ? ? ? 100.00 
1 1.45 1.53 1437 ? 0.088 ? ? ? 100.00 
1 1.37 1.45 1599 ? 0.102 ? ? ? 100.00 
1 1.31 1.37 1583 ? 0.120 ? ? ? 100.00 
1 1.25 1.31 1769 ? 0.140 ? ? ? 100.00 
1 1.20 1.25 1788 ? 0.144 ? ? ? 100.00 
1 1.16 1.20 1795 ? 0.110 ? ? ? 98.50  
1 1.12 1.16 1981 ? 0.122 ? ? ? 99.30  
1 1.08 1.12 1944 ? 0.147 ? ? ? 100.00 
1 1.05 1.08 2010 ? 0.180 ? ? ? 97.90  
1 1.02 1.05 2097 ? 0.262 ? ? ? 98.50  
1 1.00 1.02 2173 ? 0.340 ? ? ? 99.90  
1 0.97 1.00 2168 ? 0.448 ? ? ? 97.40  
# 
loop_
_chem_comp_atom.comp_id 
_chem_comp_atom.atom_id 
_chem_comp_atom.type_symbol 
_chem_comp_atom.pdbx_aromatic_flag 
_chem_comp_atom.pdbx_stereo_config 
_chem_comp_atom.pdbx_ordinal 
ASP N    N  N N 1   
ASP CA   C  N S 2   
ASP C    C  N N 3   
ASP O    O  N N 4   
ASP CB   C  N N 5   
ASP CG   C  N N 6   
ASP OD1  O  N N 7   
ASP OD2  O  N N 8   
ASP OXT  O  N N 9   
ASP H    H  N N 10  
ASP H2   H  N N 11  
ASP HA   H  N N 12  
ASP HB2  H  N N 13  
ASP HB3  H  N N 14  
ASP HD2  H  N N 15  
ASP HXT  H  N N 16  
HOH O    O  N N 17  
HOH H1   H  N N 18  
HOH H2   H  N N 19  
LYS N    N  N N 20  
LYS CA   C  N S 21  
LYS C    C  N N 22  
LYS O    O  N N 23  
LYS CB   C  N N 24  
LYS CG   C  N N 25  
LYS CD   C  N N 26  
LYS CE   C  N N 27  
LYS NZ   N  N N 28  
LYS OXT  O  N N 29  
LYS H    H  N N 30  
LYS H2   H  N N 31  
LYS HA   H  N N 32  
LYS HB2  H  N N 33  
LYS HB3  H  N N 34  
LYS HG2  H  N N 35  
LYS HG3  H  N N 36  
LYS HD2  H  N N 37  
LYS HD3  H  N N 38  
LYS HE2  H  N N 39  
LYS HE3  H  N N 40  
LYS HZ1  H  N N 41  
LYS HZ2  H  N N 42  
LYS HZ3  H  N N 43  
LYS HXT  H  N N 44  
NA  NA   NA N N 45  
PE4 O1   O  N N 46  
PE4 C1   C  N N 47  
PE4 C2   C  N N 48  
PE4 O2   O  N N 49  
PE4 C3   C  N N 50  
PE4 C4   C  N N 51  
PE4 O3   O  N N 52  
PE4 C5   C  N N 53  
PE4 C6   C  N N 54  
PE4 O4   O  N N 55  
PE4 C7   C  N N 56  
PE4 C8   C  N N 57  
PE4 O5   O  N N 58  
PE4 C9   C  N N 59  
PE4 C10  C  N N 60  
PE4 O6   O  N N 61  
PE4 C11  C  N N 62  
PE4 C12  C  N N 63  
PE4 O7   O  N N 64  
PE4 C13  C  N N 65  
PE4 C14  C  N N 66  
PE4 O8   O  N N 67  
PE4 C15  C  N N 68  
PE4 C16  C  N N 69  
PE4 HO1  H  N N 70  
PE4 H11  H  N N 71  
PE4 H12  H  N N 72  
PE4 H21  H  N N 73  
PE4 H22  H  N N 74  
PE4 H31  H  N N 75  
PE4 H32  H  N N 76  
PE4 H41  H  N N 77  
PE4 H42  H  N N 78  
PE4 H51  H  N N 79  
PE4 H52  H  N N 80  
PE4 H61  H  N N 81  
PE4 H62  H  N N 82  
PE4 H71  H  N N 83  
PE4 H72  H  N N 84  
PE4 H81  H  N N 85  
PE4 H82  H  N N 86  
PE4 H91  H  N N 87  
PE4 H92  H  N N 88  
PE4 H101 H  N N 89  
PE4 H102 H  N N 90  
PE4 H111 H  N N 91  
PE4 H112 H  N N 92  
PE4 H121 H  N N 93  
PE4 H122 H  N N 94  
PE4 H131 H  N N 95  
PE4 H132 H  N N 96  
PE4 H141 H  N N 97  
PE4 H142 H  N N 98  
PE4 H151 H  N N 99  
PE4 H152 H  N N 100 
PE4 H161 H  N N 101 
PE4 H162 H  N N 102 
PE4 H163 H  N N 103 
PHE N    N  N N 104 
PHE CA   C  N S 105 
PHE C    C  N N 106 
PHE O    O  N N 107 
PHE CB   C  N N 108 
PHE CG   C  Y N 109 
PHE CD1  C  Y N 110 
PHE CD2  C  Y N 111 
PHE CE1  C  Y N 112 
PHE CE2  C  Y N 113 
PHE CZ   C  Y N 114 
PHE OXT  O  N N 115 
PHE H    H  N N 116 
PHE H2   H  N N 117 
PHE HA   H  N N 118 
PHE HB2  H  N N 119 
PHE HB3  H  N N 120 
PHE HD1  H  N N 121 
PHE HD2  H  N N 122 
PHE HE1  H  N N 123 
PHE HE2  H  N N 124 
PHE HZ   H  N N 125 
PHE HXT  H  N N 126 
SER N    N  N N 127 
SER CA   C  N S 128 
SER C    C  N N 129 
SER O    O  N N 130 
SER CB   C  N N 131 
SER OG   O  N N 132 
SER OXT  O  N N 133 
SER H    H  N N 134 
SER H2   H  N N 135 
SER HA   H  N N 136 
SER HB2  H  N N 137 
SER HB3  H  N N 138 
SER HG   H  N N 139 
SER HXT  H  N N 140 
TRP N    N  N N 141 
TRP CA   C  N S 142 
TRP C    C  N N 143 
TRP O    O  N N 144 
TRP CB   C  N N 145 
TRP CG   C  Y N 146 
TRP CD1  C  Y N 147 
TRP CD2  C  Y N 148 
TRP NE1  N  Y N 149 
TRP CE2  C  Y N 150 
TRP CE3  C  Y N 151 
TRP CZ2  C  Y N 152 
TRP CZ3  C  Y N 153 
TRP CH2  C  Y N 154 
TRP OXT  O  N N 155 
TRP H    H  N N 156 
TRP H2   H  N N 157 
TRP HA   H  N N 158 
TRP HB2  H  N N 159 
TRP HB3  H  N N 160 
TRP HD1  H  N N 161 
TRP HE1  H  N N 162 
TRP HE3  H  N N 163 
TRP HZ2  H  N N 164 
TRP HZ3  H  N N 165 
TRP HH2  H  N N 166 
TRP HXT  H  N N 167 
TYR N    N  N N 168 
TYR CA   C  N S 169 
TYR C    C  N N 170 
TYR O    O  N N 171 
TYR CB   C  N N 172 
TYR CG   C  Y N 173 
TYR CD1  C  Y N 174 
TYR CD2  C  Y N 175 
TYR CE1  C  Y N 176 
TYR CE2  C  Y N 177 
TYR CZ   C  Y N 178 
TYR OH   O  N N 179 
TYR OXT  O  N N 180 
TYR H    H  N N 181 
TYR H2   H  N N 182 
TYR HA   H  N N 183 
TYR HB2  H  N N 184 
TYR HB3  H  N N 185 
TYR HD1  H  N N 186 
TYR HD2  H  N N 187 
TYR HE1  H  N N 188 
TYR HE2  H  N N 189 
TYR HH   H  N N 190 
TYR HXT  H  N N 191 
# 
loop_
_chem_comp_bond.comp_id 
_chem_comp_bond.atom_id_1 
_chem_comp_bond.atom_id_2 
_chem_comp_bond.value_order 
_chem_comp_bond.pdbx_aromatic_flag 
_chem_comp_bond.pdbx_stereo_config 
_chem_comp_bond.pdbx_ordinal 
ASP N   CA   sing N N 1   
ASP N   H    sing N N 2   
ASP N   H2   sing N N 3   
ASP CA  C    sing N N 4   
ASP CA  CB   sing N N 5   
ASP CA  HA   sing N N 6   
ASP C   O    doub N N 7   
ASP C   OXT  sing N N 8   
ASP CB  CG   sing N N 9   
ASP CB  HB2  sing N N 10  
ASP CB  HB3  sing N N 11  
ASP CG  OD1  doub N N 12  
ASP CG  OD2  sing N N 13  
ASP OD2 HD2  sing N N 14  
ASP OXT HXT  sing N N 15  
HOH O   H1   sing N N 16  
HOH O   H2   sing N N 17  
LYS N   CA   sing N N 18  
LYS N   H    sing N N 19  
LYS N   H2   sing N N 20  
LYS CA  C    sing N N 21  
LYS CA  CB   sing N N 22  
LYS CA  HA   sing N N 23  
LYS C   O    doub N N 24  
LYS C   OXT  sing N N 25  
LYS CB  CG   sing N N 26  
LYS CB  HB2  sing N N 27  
LYS CB  HB3  sing N N 28  
LYS CG  CD   sing N N 29  
LYS CG  HG2  sing N N 30  
LYS CG  HG3  sing N N 31  
LYS CD  CE   sing N N 32  
LYS CD  HD2  sing N N 33  
LYS CD  HD3  sing N N 34  
LYS CE  NZ   sing N N 35  
LYS CE  HE2  sing N N 36  
LYS CE  HE3  sing N N 37  
LYS NZ  HZ1  sing N N 38  
LYS NZ  HZ2  sing N N 39  
LYS NZ  HZ3  sing N N 40  
LYS OXT HXT  sing N N 41  
PE4 O1  C1   sing N N 42  
PE4 O1  HO1  sing N N 43  
PE4 C1  C2   sing N N 44  
PE4 C1  H11  sing N N 45  
PE4 C1  H12  sing N N 46  
PE4 C2  O2   sing N N 47  
PE4 C2  H21  sing N N 48  
PE4 C2  H22  sing N N 49  
PE4 O2  C3   sing N N 50  
PE4 C3  C4   sing N N 51  
PE4 C3  H31  sing N N 52  
PE4 C3  H32  sing N N 53  
PE4 C4  O3   sing N N 54  
PE4 C4  H41  sing N N 55  
PE4 C4  H42  sing N N 56  
PE4 O3  C5   sing N N 57  
PE4 C5  C6   sing N N 58  
PE4 C5  H51  sing N N 59  
PE4 C5  H52  sing N N 60  
PE4 C6  O4   sing N N 61  
PE4 C6  H61  sing N N 62  
PE4 C6  H62  sing N N 63  
PE4 O4  C7   sing N N 64  
PE4 C7  C8   sing N N 65  
PE4 C7  H71  sing N N 66  
PE4 C7  H72  sing N N 67  
PE4 C8  O5   sing N N 68  
PE4 C8  H81  sing N N 69  
PE4 C8  H82  sing N N 70  
PE4 O5  C9   sing N N 71  
PE4 C9  C10  sing N N 72  
PE4 C9  H91  sing N N 73  
PE4 C9  H92  sing N N 74  
PE4 C10 O6   sing N N 75  
PE4 C10 H101 sing N N 76  
PE4 C10 H102 sing N N 77  
PE4 O6  C11  sing N N 78  
PE4 C11 C12  sing N N 79  
PE4 C11 H111 sing N N 80  
PE4 C11 H112 sing N N 81  
PE4 C12 O7   sing N N 82  
PE4 C12 H121 sing N N 83  
PE4 C12 H122 sing N N 84  
PE4 O7  C13  sing N N 85  
PE4 C13 C14  sing N N 86  
PE4 C13 H131 sing N N 87  
PE4 C13 H132 sing N N 88  
PE4 C14 O8   sing N N 89  
PE4 C14 H141 sing N N 90  
PE4 C14 H142 sing N N 91  
PE4 O8  C15  sing N N 92  
PE4 C15 C16  sing N N 93  
PE4 C15 H151 sing N N 94  
PE4 C15 H152 sing N N 95  
PE4 C16 H161 sing N N 96  
PE4 C16 H162 sing N N 97  
PE4 C16 H163 sing N N 98  
PHE N   CA   sing N N 99  
PHE N   H    sing N N 100 
PHE N   H2   sing N N 101 
PHE CA  C    sing N N 102 
PHE CA  CB   sing N N 103 
PHE CA  HA   sing N N 104 
PHE C   O    doub N N 105 
PHE C   OXT  sing N N 106 
PHE CB  CG   sing N N 107 
PHE CB  HB2  sing N N 108 
PHE CB  HB3  sing N N 109 
PHE CG  CD1  doub Y N 110 
PHE CG  CD2  sing Y N 111 
PHE CD1 CE1  sing Y N 112 
PHE CD1 HD1  sing N N 113 
PHE CD2 CE2  doub Y N 114 
PHE CD2 HD2  sing N N 115 
PHE CE1 CZ   doub Y N 116 
PHE CE1 HE1  sing N N 117 
PHE CE2 CZ   sing Y N 118 
PHE CE2 HE2  sing N N 119 
PHE CZ  HZ   sing N N 120 
PHE OXT HXT  sing N N 121 
SER N   CA   sing N N 122 
SER N   H    sing N N 123 
SER N   H2   sing N N 124 
SER CA  C    sing N N 125 
SER CA  CB   sing N N 126 
SER CA  HA   sing N N 127 
SER C   O    doub N N 128 
SER C   OXT  sing N N 129 
SER CB  OG   sing N N 130 
SER CB  HB2  sing N N 131 
SER CB  HB3  sing N N 132 
SER OG  HG   sing N N 133 
SER OXT HXT  sing N N 134 
TRP N   CA   sing N N 135 
TRP N   H    sing N N 136 
TRP N   H2   sing N N 137 
TRP CA  C    sing N N 138 
TRP CA  CB   sing N N 139 
TRP CA  HA   sing N N 140 
TRP C   O    doub N N 141 
TRP C   OXT  sing N N 142 
TRP CB  CG   sing N N 143 
TRP CB  HB2  sing N N 144 
TRP CB  HB3  sing N N 145 
TRP CG  CD1  doub Y N 146 
TRP CG  CD2  sing Y N 147 
TRP CD1 NE1  sing Y N 148 
TRP CD1 HD1  sing N N 149 
TRP CD2 CE2  doub Y N 150 
TRP CD2 CE3  sing Y N 151 
TRP NE1 CE2  sing Y N 152 
TRP NE1 HE1  sing N N 153 
TRP CE2 CZ2  sing Y N 154 
TRP CE3 CZ3  doub Y N 155 
TRP CE3 HE3  sing N N 156 
TRP CZ2 CH2  doub Y N 157 
TRP CZ2 HZ2  sing N N 158 
TRP CZ3 CH2  sing Y N 159 
TRP CZ3 HZ3  sing N N 160 
TRP CH2 HH2  sing N N 161 
TRP OXT HXT  sing N N 162 
TYR N   CA   sing N N 163 
TYR N   H    sing N N 164 
TYR N   H2   sing N N 165 
TYR CA  C    sing N N 166 
TYR CA  CB   sing N N 167 
TYR CA  HA   sing N N 168 
TYR C   O    doub N N 169 
TYR C   OXT  sing N N 170 
TYR CB  CG   sing N N 171 
TYR CB  HB2  sing N N 172 
TYR CB  HB3  sing N N 173 
TYR CG  CD1  doub Y N 174 
TYR CG  CD2  sing Y N 175 
TYR CD1 CE1  sing Y N 176 
TYR CD1 HD1  sing N N 177 
TYR CD2 CE2  doub Y N 178 
TYR CD2 HD2  sing N N 179 
TYR CE1 CZ   doub Y N 180 
TYR CE1 HE1  sing N N 181 
TYR CE2 CZ   sing Y N 182 
TYR CE2 HE2  sing N N 183 
TYR CZ  OH   sing N N 184 
TYR OH  HH   sing N N 185 
TYR OXT HXT  sing N N 186 
# 
_atom_sites.entry_id                    4E0K 
_atom_sites.fract_transf_matrix[1][1]   0.01664016 
_atom_sites.fract_transf_matrix[1][2]   0.00163545 
_atom_sites.fract_transf_matrix[1][3]   -0.00794856 
_atom_sites.fract_transf_matrix[2][1]   0.00633371 
_atom_sites.fract_transf_matrix[2][2]   -0.01342502 
_atom_sites.fract_transf_matrix[2][3]   -0.01106442 
_atom_sites.fract_transf_matrix[3][1]   -0.03584395 
_atom_sites.fract_transf_matrix[3][2]   0.03841868 
_atom_sites.fract_transf_matrix[3][3]   -0.06713381 
_atom_sites.fract_transf_vector[1]      -0.273600 
_atom_sites.fract_transf_vector[2]      -0.414113 
_atom_sites.fract_transf_vector[3]      1.202749 
# 
loop_
_atom_type.symbol 
C  
H  
N  
NA 
O  
# 
loop_
_atom_site.group_PDB 
_atom_site.id 
_atom_site.type_symbol 
_atom_site.label_atom_id 
_atom_site.label_alt_id 
_atom_site.label_comp_id 
_atom_site.label_asym_id 
_atom_site.label_entity_id 
_atom_site.label_seq_id 
_atom_site.pdbx_PDB_ins_code 
_atom_site.Cartn_x 
_atom_site.Cartn_y 
_atom_site.Cartn_z 
_atom_site.occupancy 
_atom_site.B_iso_or_equiv 
_atom_site.pdbx_formal_charge 
_atom_site.auth_seq_id 
_atom_site.auth_comp_id 
_atom_site.auth_asym_id 
_atom_site.auth_atom_id 
_atom_site.pdbx_PDB_model_num 
ATOM   1   N  N   . LYS A 1 1 ? 1.105   -8.345  -12.191 1.00 16.19 ? 1   LYS A N   1 
ATOM   2   C  CA  A LYS A 1 1 ? 0.278   -7.910  -11.030 0.35 13.85 ? 1   LYS A CA  1 
ATOM   3   C  CA  B LYS A 1 1 ? 0.253   -7.916  -11.043 0.65 14.05 ? 1   LYS A CA  1 
ATOM   4   C  C   . LYS A 1 1 ? -0.061  -9.092  -10.136 1.00 13.25 ? 1   LYS A C   1 
ATOM   5   O  O   . LYS A 1 1 ? -0.172  -10.238 -10.593 1.00 16.06 ? 1   LYS A O   1 
ATOM   6   C  CB  A LYS A 1 1 ? -0.995  -7.197  -11.494 0.35 12.96 ? 1   LYS A CB  1 
ATOM   7   C  CB  B LYS A 1 1 ? -1.057  -7.283  -11.524 0.65 14.10 ? 1   LYS A CB  1 
ATOM   8   C  CG  A LYS A 1 1 ? -0.721  -6.056  -12.449 0.35 13.19 ? 1   LYS A CG  1 
ATOM   9   C  CG  B LYS A 1 1 ? -0.908  -5.954  -12.237 0.65 14.81 ? 1   LYS A CG  1 
ATOM   10  C  CD  A LYS A 1 1 ? -1.937  -5.173  -12.646 0.35 13.37 ? 1   LYS A CD  1 
ATOM   11  C  CD  B LYS A 1 1 ? -2.259  -5.454  -12.710 0.65 15.08 ? 1   LYS A CD  1 
ATOM   12  C  CE  A LYS A 1 1 ? -1.613  -4.047  -13.608 0.35 13.77 ? 1   LYS A CE  1 
ATOM   13  C  CE  B LYS A 1 1 ? -2.185  -4.026  -13.216 0.65 17.08 ? 1   LYS A CE  1 
ATOM   14  N  NZ  A LYS A 1 1 ? -2.705  -3.070  -13.770 0.35 14.91 ? 1   LYS A NZ  1 
ATOM   15  N  NZ  B LYS A 1 1 ? -1.072  -3.832  -14.197 0.65 20.03 ? 1   LYS A NZ  1 
ATOM   16  H  H1  A LYS A 1 1 ? 1.826   -7.726  -12.319 0.35 19.43 ? 1   LYS A H1  1 
ATOM   17  H  H1  B LYS A 1 1 ? 1.814   -7.712  -12.317 0.65 19.43 ? 1   LYS A H1  1 
ATOM   18  H  H2  A LYS A 1 1 ? 1.460   -9.220  -12.020 0.35 19.43 ? 1   LYS A H2  1 
ATOM   19  H  H2  B LYS A 1 1 ? 1.477   -9.211  -12.006 0.65 19.43 ? 1   LYS A H2  1 
ATOM   20  H  H3  A LYS A 1 1 ? 0.559   -8.370  -12.980 0.35 19.43 ? 1   LYS A H3  1 
ATOM   21  H  H3  B LYS A 1 1 ? 0.569   -8.390  -12.987 0.65 19.43 ? 1   LYS A H3  1 
ATOM   22  H  HA  A LYS A 1 1 ? 0.798   -7.273  -10.496 0.35 16.62 ? 1   LYS A HA  1 
ATOM   23  H  HA  B LYS A 1 1 ? 0.740   -7.247  -10.518 0.65 16.86 ? 1   LYS A HA  1 
ATOM   24  H  HB2 A LYS A 1 1 ? -1.566  -7.836  -11.948 0.35 15.55 ? 1   LYS A HB2 1 
ATOM   25  H  HB2 B LYS A 1 1 ? -1.488  -7.897  -12.140 0.65 16.92 ? 1   LYS A HB2 1 
ATOM   26  H  HB3 A LYS A 1 1 ? -1.453  -6.835  -10.719 0.35 15.55 ? 1   LYS A HB3 1 
ATOM   27  H  HB3 B LYS A 1 1 ? -1.631  -7.139  -10.755 0.65 16.92 ? 1   LYS A HB3 1 
ATOM   28  H  HG2 A LYS A 1 1 ? -0.005  -5.507  -12.093 0.35 15.83 ? 1   LYS A HG2 1 
ATOM   29  H  HG2 B LYS A 1 1 ? -0.535  -5.299  -11.624 0.65 17.77 ? 1   LYS A HG2 1 
ATOM   30  H  HG3 A LYS A 1 1 ? -0.468  -6.417  -13.313 0.35 15.83 ? 1   LYS A HG3 1 
ATOM   31  H  HG3 B LYS A 1 1 ? -0.332  -6.063  -13.009 0.65 17.77 ? 1   LYS A HG3 1 
ATOM   32  H  HD2 A LYS A 1 1 ? -2.663  -5.698  -13.018 0.35 16.04 ? 1   LYS A HD2 1 
ATOM   33  H  HD2 B LYS A 1 1 ? -2.571  -6.017  -13.435 0.65 18.10 ? 1   LYS A HD2 1 
ATOM   34  H  HD3 A LYS A 1 1 ? -2.199  -4.786  -11.796 0.35 16.04 ? 1   LYS A HD3 1 
ATOM   35  H  HD3 B LYS A 1 1 ? -2.886  -5.482  -11.971 0.65 18.10 ? 1   LYS A HD3 1 
ATOM   36  H  HE2 A LYS A 1 1 ? -0.834  -3.570  -13.280 0.35 16.53 ? 1   LYS A HE2 1 
ATOM   37  H  HE2 B LYS A 1 1 ? -3.019  -3.802  -13.657 0.65 20.49 ? 1   LYS A HE2 1 
ATOM   38  H  HE3 A LYS A 1 1 ? -1.422  -4.427  -14.480 0.35 16.53 ? 1   LYS A HE3 1 
ATOM   39  H  HE3 B LYS A 1 1 ? -2.034  -3.430  -12.466 0.65 20.49 ? 1   LYS A HE3 1 
ATOM   40  H  HZ1 A LYS A 1 1 ? -2.462  -2.435  -14.344 0.35 17.89 ? 1   LYS A HZ1 1 
ATOM   41  H  HZ1 B LYS A 1 1 ? -1.054  -2.987  -14.475 0.65 24.04 ? 1   LYS A HZ1 1 
ATOM   42  H  HZ2 A LYS A 1 1 ? -3.433  -3.478  -14.082 0.35 17.89 ? 1   LYS A HZ2 1 
ATOM   43  H  HZ2 B LYS A 1 1 ? -0.292  -4.028  -13.815 0.65 24.04 ? 1   LYS A HZ2 1 
ATOM   44  H  HZ3 A LYS A 1 1 ? -2.897  -2.696  -12.986 0.35 17.89 ? 1   LYS A HZ3 1 
ATOM   45  H  HZ3 B LYS A 1 1 ? -1.190  -4.365  -14.900 0.65 24.04 ? 1   LYS A HZ3 1 
ATOM   46  N  N   . ASP A 1 2 ? -0.216  -8.795  -8.856  1.00 10.13 ? 2   ASP A N   1 
ATOM   47  C  CA  A ASP A 1 2 ? -0.303  -9.785  -7.784  0.49 9.94  ? 2   ASP A CA  1 
ATOM   48  C  CA  B ASP A 1 2 ? -0.517  -9.837  -7.905  0.51 9.28  ? 2   ASP A CA  1 
ATOM   49  C  C   . ASP A 1 2 ? -1.204  -9.248  -6.681  1.00 6.99  ? 2   ASP A C   1 
ATOM   50  O  O   . ASP A 1 2 ? -1.278  -8.024  -6.501  1.00 6.91  ? 2   ASP A O   1 
ATOM   51  C  CB  A ASP A 1 2 ? 1.080   -9.995  -7.152  0.49 13.66 ? 2   ASP A CB  1 
ATOM   52  C  CB  B ASP A 1 2 ? 0.772   -10.580 -7.541  0.51 11.40 ? 2   ASP A CB  1 
ATOM   53  C  CG  A ASP A 1 2 ? 1.987   -10.913 -7.959  0.49 17.97 ? 2   ASP A CG  1 
ATOM   54  C  CG  B ASP A 1 2 ? 1.930   -9.636  -7.314  0.51 17.07 ? 2   ASP A CG  1 
ATOM   55  O  OD1 A ASP A 1 2 ? 1.639   -11.311 -9.091  0.49 20.28 ? 2   ASP A OD1 1 
ATOM   56  O  OD1 B ASP A 1 2 ? 2.994   -9.806  -7.951  0.51 19.38 ? 2   ASP A OD1 1 
ATOM   57  O  OD2 A ASP A 1 2 ? 3.081   -11.232 -7.447  0.49 19.52 ? 2   ASP A OD2 1 
ATOM   58  O  OD2 B ASP A 1 2 ? 1.765   -8.710  -6.498  0.51 18.96 ? 2   ASP A OD2 1 
ATOM   59  H  H   A ASP A 1 2 ? -0.278  -7.988  -8.568  0.49 12.15 ? 2   ASP A H   1 
ATOM   60  H  H   B ASP A 1 2 ? -0.154  -8.006  -8.520  0.51 12.15 ? 2   ASP A H   1 
ATOM   61  H  HA  A ASP A 1 2 ? -0.653  -10.637 -8.118  0.49 11.93 ? 2   ASP A HA  1 
ATOM   62  H  HA  B ASP A 1 2 ? -1.131  -10.480 -8.317  0.51 11.14 ? 2   ASP A HA  1 
ATOM   63  H  HB2 A ASP A 1 2 ? 1.522   -9.135  -7.072  0.49 16.39 ? 2   ASP A HB2 1 
ATOM   64  H  HB2 B ASP A 1 2 ? 0.629   -11.083 -6.724  0.51 13.68 ? 2   ASP A HB2 1 
ATOM   65  H  HB3 A ASP A 1 2 ? 0.966   -10.389 -6.273  0.49 16.39 ? 2   ASP A HB3 1 
ATOM   66  H  HB3 B ASP A 1 2 ? 1.009   -11.180 -8.265  0.51 13.68 ? 2   ASP A HB3 1 
ATOM   67  N  N   . TRP A 1 3 ? -1.779  -10.148 -5.887  1.00 6.19  ? 3   TRP A N   1 
ATOM   68  C  CA  . TRP A 1 3 ? -2.475  -9.798  -4.675  1.00 5.54  ? 3   TRP A CA  1 
ATOM   69  C  C   . TRP A 1 3 ? -1.525  -9.631  -3.506  1.00 5.91  ? 3   TRP A C   1 
ATOM   70  O  O   . TRP A 1 3 ? -0.592  -10.413 -3.332  1.00 8.46  ? 3   TRP A O   1 
ATOM   71  C  CB  . TRP A 1 3 ? -3.504  -10.871 -4.298  1.00 5.93  ? 3   TRP A CB  1 
ATOM   72  C  CG  . TRP A 1 3 ? -4.674  -10.934 -5.218  1.00 5.62  ? 3   TRP A CG  1 
ATOM   73  C  CD1 . TRP A 1 3 ? -4.879  -11.816 -6.248  1.00 6.18  ? 3   TRP A CD1 1 
ATOM   74  C  CD2 . TRP A 1 3 ? -5.816  -10.078 -5.198  1.00 4.86  ? 3   TRP A CD2 1 
ATOM   75  N  NE1 . TRP A 1 3 ? -6.074  -11.554 -6.870  1.00 6.69  ? 3   TRP A NE1 1 
ATOM   76  C  CE2 . TRP A 1 3 ? -6.667  -10.482 -6.252  1.00 5.78  ? 3   TRP A CE2 1 
ATOM   77  C  CE3 . TRP A 1 3 ? -6.204  -9.006  -4.386  1.00 5.08  ? 3   TRP A CE3 1 
ATOM   78  C  CZ2 . TRP A 1 3 ? -7.872  -9.831  -6.519  1.00 6.29  ? 3   TRP A CZ2 1 
ATOM   79  C  CZ3 . TRP A 1 3 ? -7.406  -8.379  -4.636  1.00 5.65  ? 3   TRP A CZ3 1 
ATOM   80  C  CH2 . TRP A 1 3 ? -8.231  -8.794  -5.700  1.00 6.14  ? 3   TRP A CH2 1 
ATOM   81  H  H   . TRP A 1 3 ? -1.774  -10.995 -6.044  1.00 7.43  ? 3   TRP A H   1 
ATOM   82  H  HA  . TRP A 1 3 ? -2.949  -8.950  -4.808  1.00 6.65  ? 3   TRP A HA  1 
ATOM   83  H  HB2 . TRP A 1 3 ? -3.071  -11.738 -4.311  1.00 7.12  ? 3   TRP A HB2 1 
ATOM   84  H  HB3 . TRP A 1 3 ? -3.839  -10.685 -3.407  1.00 7.12  ? 3   TRP A HB3 1 
ATOM   85  H  HD1 . TRP A 1 3 ? -4.286  -12.485 -6.500  1.00 7.42  ? 3   TRP A HD1 1 
ATOM   86  H  HE1 . TRP A 1 3 ? -6.386  -11.975 -7.551  1.00 8.03  ? 3   TRP A HE1 1 
ATOM   87  H  HE3 . TRP A 1 3 ? -5.657  -8.718  -3.692  1.00 6.09  ? 3   TRP A HE3 1 
ATOM   88  H  HZ2 . TRP A 1 3 ? -8.433  -10.121 -7.201  1.00 7.54  ? 3   TRP A HZ2 1 
ATOM   89  H  HZ3 . TRP A 1 3 ? -7.664  -7.655  -4.112  1.00 6.78  ? 3   TRP A HZ3 1 
ATOM   90  H  HH2 . TRP A 1 3 ? -9.035  -8.353  -5.850  1.00 7.36  ? 3   TRP A HH2 1 
ATOM   91  N  N   . SER A 1 4 ? -1.818  -8.623  -2.672  1.00 5.23  ? 4   SER A N   1 
ATOM   92  C  CA  A SER A 1 4 ? -1.133  -8.386  -1.404  0.73 5.45  ? 4   SER A CA  1 
ATOM   93  C  CA  B SER A 1 4 ? -1.142  -8.456  -1.398  0.27 6.68  ? 4   SER A CA  1 
ATOM   94  C  C   . SER A 1 4 ? -2.172  -8.143  -0.319  1.00 5.54  ? 4   SER A C   1 
ATOM   95  O  O   . SER A 1 4 ? -3.263  -7.661  -0.606  1.00 6.39  ? 4   SER A O   1 
ATOM   96  C  CB  A SER A 1 4 ? -0.222  -7.154  -1.459  0.73 6.64  ? 4   SER A CB  1 
ATOM   97  C  CB  B SER A 1 4 ? -0.123  -7.326  -1.474  0.27 8.54  ? 4   SER A CB  1 
ATOM   98  O  OG  A SER A 1 4 ? 0.795   -7.276  -2.432  0.73 8.19  ? 4   SER A OG  1 
ATOM   99  O  OG  B SER A 1 4 ? -0.790  -6.096  -1.669  0.27 10.78 ? 4   SER A OG  1 
ATOM   100 H  H   A SER A 1 4 ? -2.434  -8.044  -2.833  0.73 6.28  ? 4   SER A H   1 
ATOM   101 H  H   B SER A 1 4 ? -2.411  -8.021  -2.833  0.27 6.28  ? 4   SER A H   1 
ATOM   102 H  HA  A SER A 1 4 ? -0.595  -9.169  -1.162  0.73 6.54  ? 4   SER A HA  1 
ATOM   103 H  HA  B SER A 1 4 ? -0.676  -9.284  -1.159  0.27 8.01  ? 4   SER A HA  1 
ATOM   104 H  HB2 A SER A 1 4 ? -0.763  -6.377  -1.674  0.73 7.96  ? 4   SER A HB2 1 
ATOM   105 H  HB2 B SER A 1 4 ? 0.378   -7.291  -0.644  0.27 10.25 ? 4   SER A HB2 1 
ATOM   106 H  HB3 A SER A 1 4 ? 0.192   -7.034  -0.591  0.73 7.96  ? 4   SER A HB3 1 
ATOM   107 H  HB3 B SER A 1 4 ? 0.477   -7.487  -2.220  0.27 10.25 ? 4   SER A HB3 1 
ATOM   108 H  HG  A SER A 1 4 ? 0.732   -7.999  -2.814  0.73 9.83  ? 4   SER A HG  1 
ATOM   109 H  HG  B SER A 1 4 ? -0.246  -5.484  -1.710  0.27 12.94 ? 4   SER A HG  1 
ATOM   110 N  N   . PHE A 1 5 ? -1.809  -8.450  0.923   1.00 5.11  ? 5   PHE A N   1 
ATOM   111 C  CA  . PHE A 1 5 ? -2.665  -8.224  2.086   1.00 5.12  ? 5   PHE A CA  1 
ATOM   112 C  C   . PHE A 1 5 ? -1.822  -7.574  3.163   1.00 5.31  ? 5   PHE A C   1 
ATOM   113 O  O   . PHE A 1 5 ? -0.847  -8.158  3.633   1.00 6.13  ? 5   PHE A O   1 
ATOM   114 C  CB  . PHE A 1 5 ? -3.233  -9.567  2.590   1.00 5.00  ? 5   PHE A CB  1 
ATOM   115 C  CG  . PHE A 1 5 ? -4.191  -9.472  3.729   1.00 5.57  ? 5   PHE A CG  1 
ATOM   116 C  CD1 . PHE A 1 5 ? -5.471  -9.001  3.537   1.00 6.15  ? 5   PHE A CD1 1 
ATOM   117 C  CD2 . PHE A 1 5 ? -3.831  -9.942  4.992   1.00 6.58  ? 5   PHE A CD2 1 
ATOM   118 C  CE1 . PHE A 1 5 ? -6.378  -9.006  4.580   1.00 7.93  ? 5   PHE A CE1 1 
ATOM   119 C  CE2 . PHE A 1 5 ? -4.728  -9.929  6.025   1.00 8.01  ? 5   PHE A CE2 1 
ATOM   120 C  CZ  . PHE A 1 5 ? -5.990  -9.463  5.823   1.00 8.69  ? 5   PHE A CZ  1 
ATOM   121 H  H   . PHE A 1 5 ? -1.050  -8.800  1.124   1.00 6.13  ? 5   PHE A H   1 
ATOM   122 H  HA  . PHE A 1 5 ? -3.406  -7.628  1.851   1.00 6.14  ? 5   PHE A HA  1 
ATOM   123 H  HB2 . PHE A 1 5 ? -3.698  -9.998  1.855   1.00 6.00  ? 5   PHE A HB2 1 
ATOM   124 H  HB3 . PHE A 1 5 ? -2.494  -10.125 2.876   1.00 6.00  ? 5   PHE A HB3 1 
ATOM   125 H  HD1 . PHE A 1 5 ? -5.737  -8.711  2.694   1.00 7.37  ? 5   PHE A HD1 1 
ATOM   126 H  HD2 . PHE A 1 5 ? -2.975  -10.279 5.130   1.00 7.90  ? 5   PHE A HD2 1 
ATOM   127 H  HE1 . PHE A 1 5 ? -7.236  -8.672  4.452   1.00 9.52  ? 5   PHE A HE1 1 
ATOM   128 H  HE2 . PHE A 1 5 ? -4.472  -10.234 6.866   1.00 9.61  ? 5   PHE A HE2 1 
ATOM   129 H  HZ  . PHE A 1 5 ? -6.591  -9.436  6.532   1.00 10.43 ? 5   PHE A HZ  1 
ATOM   130 N  N   . TYR A 1 6 ? -2.177  -6.360  3.548   1.00 5.87  ? 6   TYR A N   1 
ATOM   131 C  CA  . TYR A 1 6 ? -1.445  -5.652  4.578   1.00 7.09  ? 6   TYR A CA  1 
ATOM   132 C  C   . TYR A 1 6 ? -2.247  -4.491  5.118   1.00 7.12  ? 6   TYR A C   1 
ATOM   133 O  O   . TYR A 1 6 ? -3.346  -4.214  4.587   1.00 7.22  ? 6   TYR A O   1 
ATOM   134 C  CB  . TYR A 1 6 ? -0.054  -5.196  4.078   1.00 8.59  ? 6   TYR A CB  1 
ATOM   135 C  CG  . TYR A 1 6 ? -0.031  -4.428  2.766   1.00 8.87  ? 6   TYR A CG  1 
ATOM   136 C  CD1 . TYR A 1 6 ? 0.641   -4.951  1.660   1.00 11.18 ? 6   TYR A CD1 1 
ATOM   137 C  CD2 . TYR A 1 6 ? -0.644  -3.189  2.627   1.00 8.07  ? 6   TYR A CD2 1 
ATOM   138 C  CE1 . TYR A 1 6 ? 0.706   -4.264  0.457   1.00 11.82 ? 6   TYR A CE1 1 
ATOM   139 C  CE2 . TYR A 1 6 ? -0.589  -2.501  1.420   1.00 9.00  ? 6   TYR A CE2 1 
ATOM   140 C  CZ  . TYR A 1 6 ? 0.089   -3.038  0.351   1.00 11.11 ? 6   TYR A CZ  1 
ATOM   141 O  OH  . TYR A 1 6 ? 0.148   -2.346  -0.839  1.00 14.19 ? 6   TYR A OH  1 
ATOM   142 O  OXT . TYR A 1 6 ? -1.780  -3.869  6.092   1.00 8.72  ? 6   TYR A OXT 1 
ATOM   143 H  H   . TYR A 1 6 ? -2.844  -5.922  3.226   1.00 7.04  ? 6   TYR A H   1 
ATOM   144 H  HA  . TYR A 1 6 ? -1.294  -6.270  5.323   1.00 8.51  ? 6   TYR A HA  1 
ATOM   145 H  HB2 . TYR A 1 6 ? 0.341   -4.624  4.754   1.00 10.31 ? 6   TYR A HB2 1 
ATOM   146 H  HB3 . TYR A 1 6 ? 0.501   -5.984  3.960   1.00 10.31 ? 6   TYR A HB3 1 
ATOM   147 H  HD1 . TYR A 1 6 ? 1.066   -5.775  1.736   1.00 13.42 ? 6   TYR A HD1 1 
ATOM   148 H  HD2 . TYR A 1 6 ? -1.095  -2.816  3.350   1.00 9.69  ? 6   TYR A HD2 1 
ATOM   149 H  HE1 . TYR A 1 6 ? 1.160   -4.627  -0.269  1.00 14.18 ? 6   TYR A HE1 1 
ATOM   150 H  HE2 . TYR A 1 6 ? -1.000  -1.670  1.338   1.00 10.80 ? 6   TYR A HE2 1 
ATOM   151 H  HH  . TYR A 1 6 ? -0.193  -2.790  -1.438  1.00 17.03 ? 6   TYR A HH  1 
ATOM   152 N  N   . LYS B 1 1 ? -6.304  -4.508  8.002   1.00 18.26 ? 1   LYS B N   1 
ATOM   153 C  CA  . LYS B 1 1 ? -5.585  -5.164  6.874   1.00 14.26 ? 1   LYS B CA  1 
ATOM   154 C  C   . LYS B 1 1 ? -6.545  -5.373  5.739   1.00 11.49 ? 1   LYS B C   1 
ATOM   155 O  O   . LYS B 1 1 ? -7.698  -5.690  5.963   1.00 13.50 ? 1   LYS B O   1 
ATOM   156 C  CB  . LYS B 1 1 ? -5.008  -6.474  7.332   1.00 16.75 ? 1   LYS B CB  1 
ATOM   157 C  CG  . LYS B 1 1 ? -4.201  -6.288  8.575   1.00 17.65 ? 1   LYS B CG  1 
ATOM   158 C  CD  . LYS B 1 1 ? -2.820  -6.733  8.308   1.00 13.71 ? 1   LYS B CD  1 
ATOM   159 C  CE  . LYS B 1 1 ? -1.966  -6.654  9.534   1.00 13.27 ? 1   LYS B CE  1 
ATOM   160 N  NZ  . LYS B 1 1 ? -0.650  -7.142  9.191   1.00 12.80 ? 1   LYS B NZ  1 
ATOM   161 H  H1  . LYS B 1 1 ? -5.715  -3.887  8.439   1.00 21.91 ? 1   LYS B H1  1 
ATOM   162 H  H2  . LYS B 1 1 ? -7.070  -4.038  7.664   1.00 21.91 ? 1   LYS B H2  1 
ATOM   163 H  H3  . LYS B 1 1 ? -6.588  -5.175  8.631   1.00 21.91 ? 1   LYS B H3  1 
ATOM   164 H  HA  . LYS B 1 1 ? -4.854  -4.587  6.566   1.00 17.11 ? 1   LYS B HA  1 
ATOM   165 H  HB2 . LYS B 1 1 ? -5.730  -7.094  7.524   1.00 20.10 ? 1   LYS B HB2 1 
ATOM   166 H  HB3 . LYS B 1 1 ? -4.430  -6.831  6.641   1.00 20.10 ? 1   LYS B HB3 1 
ATOM   167 H  HG2 . LYS B 1 1 ? -4.185  -5.350  8.820   1.00 21.17 ? 1   LYS B HG2 1 
ATOM   168 H  HG3 . LYS B 1 1 ? -4.571  -6.826  9.291   1.00 21.17 ? 1   LYS B HG3 1 
ATOM   169 H  HD2 . LYS B 1 1 ? -2.833  -7.655  8.007   1.00 16.45 ? 1   LYS B HD2 1 
ATOM   170 H  HD3 . LYS B 1 1 ? -2.426  -6.165  7.628   1.00 16.45 ? 1   LYS B HD3 1 
ATOM   171 H  HE2 . LYS B 1 1 ? -1.895  -5.733  9.828   1.00 15.93 ? 1   LYS B HE2 1 
ATOM   172 H  HE3 . LYS B 1 1 ? -2.338  -7.215  10.233  1.00 15.93 ? 1   LYS B HE3 1 
ATOM   173 H  HZ1 . LYS B 1 1 ? -0.118  -7.106  9.904   1.00 15.36 ? 1   LYS B HZ1 1 
ATOM   174 H  HZ2 . LYS B 1 1 ? -0.701  -7.984  8.911   1.00 15.36 ? 1   LYS B HZ2 1 
ATOM   175 H  HZ3 . LYS B 1 1 ? -0.300  -6.642  8.544   1.00 15.36 ? 1   LYS B HZ3 1 
ATOM   176 N  N   . ASP B 1 2 ? -6.065  -5.209  4.521   1.00 8.53  ? 2   ASP B N   1 
ATOM   177 C  CA  A ASP B 1 2 ? -6.932  -5.270  3.344   0.53 7.63  ? 2   ASP B CA  1 
ATOM   178 C  CA  B ASP B 1 2 ? -6.916  -5.248  3.357   0.47 8.19  ? 2   ASP B CA  1 
ATOM   179 C  C   . ASP B 1 2 ? -6.111  -5.700  2.142   1.00 6.07  ? 2   ASP B C   1 
ATOM   180 O  O   . ASP B 1 2 ? -4.876  -5.653  2.147   1.00 6.59  ? 2   ASP B O   1 
ATOM   181 C  CB  A ASP B 1 2 ? -7.595  -3.913  3.024   0.53 9.74  ? 2   ASP B CB  1 
ATOM   182 C  CB  B ASP B 1 2 ? -7.499  -3.855  3.144   0.47 10.37 ? 2   ASP B CB  1 
ATOM   183 C  CG  A ASP B 1 2 ? -8.329  -3.294  4.199   0.53 13.92 ? 2   ASP B CG  1 
ATOM   184 C  CG  B ASP B 1 2 ? -8.856  -3.893  2.523   0.47 13.63 ? 2   ASP B CG  1 
ATOM   185 O  OD1 A ASP B 1 2 ? -9.496  -3.676  4.426   0.53 15.80 ? 2   ASP B OD1 1 
ATOM   186 O  OD1 B ASP B 1 2 ? -9.249  -4.974  2.049   0.47 13.79 ? 2   ASP B OD1 1 
ATOM   187 O  OD2 A ASP B 1 2 ? -7.775  -2.383  4.854   0.53 15.92 ? 2   ASP B OD2 1 
ATOM   188 O  OD2 B ASP B 1 2 ? -9.524  -2.844  2.521   0.47 15.46 ? 2   ASP B OD2 1 
ATOM   189 H  H   A ASP B 1 2 ? -5.237  -5.059  4.341   0.53 10.24 ? 2   ASP B H   1 
ATOM   190 H  H   B ASP B 1 2 ? -5.234  -5.070  4.342   0.47 10.24 ? 2   ASP B H   1 
ATOM   191 H  HA  A ASP B 1 2 ? -7.638  -5.934  3.491   0.53 9.15  ? 2   ASP B HA  1 
ATOM   192 H  HA  B ASP B 1 2 ? -7.651  -5.880  3.502   0.47 9.83  ? 2   ASP B HA  1 
ATOM   193 H  HB2 A ASP B 1 2 ? -6.907  -3.289  2.742   0.53 11.69 ? 2   ASP B HB2 1 
ATOM   194 H  HB2 B ASP B 1 2 ? -7.571  -3.409  4.002   0.47 12.44 ? 2   ASP B HB2 1 
ATOM   195 H  HB3 A ASP B 1 2 ? -8.236  -4.040  2.307   0.53 11.69 ? 2   ASP B HB3 1 
ATOM   196 H  HB3 B ASP B 1 2 ? -6.912  -3.352  2.556   0.47 12.44 ? 2   ASP B HB3 1 
ATOM   197 N  N   . TRP B 1 3 ? -6.821  -6.106  1.089   1.00 5.85  ? 3   TRP B N   1 
ATOM   198 C  CA  . TRP B 1 3 ? -6.216  -6.589  -0.131  1.00 5.49  ? 3   TRP B CA  1 
ATOM   199 C  C   . TRP B 1 3 ? -5.981  -5.479  -1.146  1.00 5.74  ? 3   TRP B C   1 
ATOM   200 O  O   . TRP B 1 3 ? -6.673  -4.462  -1.187  1.00 8.10  ? 3   TRP B O   1 
ATOM   201 C  CB  . TRP B 1 3 ? -7.096  -7.678  -0.757  1.00 6.23  ? 3   TRP B CB  1 
ATOM   202 C  CG  . TRP B 1 3 ? -7.165  -8.903  0.084   1.00 7.01  ? 3   TRP B CG  1 
ATOM   203 C  CD1 . TRP B 1 3 ? -8.090  -9.191  1.044   1.00 7.69  ? 3   TRP B CD1 1 
ATOM   204 C  CD2 . TRP B 1 3 ? -6.246  -10.001 0.075   1.00 7.20  ? 3   TRP B CD2 1 
ATOM   205 N  NE1 . TRP B 1 3 ? -7.802  -10.399 1.626   1.00 8.04  ? 3   TRP B NE1 1 
ATOM   206 C  CE2 . TRP B 1 3 ? -6.663  -10.910 1.069   1.00 7.93  ? 3   TRP B CE2 1 
ATOM   207 C  CE3 . TRP B 1 3 ? -5.099  -10.294 -0.669  1.00 7.56  ? 3   TRP B CE3 1 
ATOM   208 C  CZ2 . TRP B 1 3 ? -5.985  -12.099 1.325   1.00 9.12  ? 3   TRP B CZ2 1 
ATOM   209 C  CZ3 . TRP B 1 3 ? -4.445  -11.469 -0.430  1.00 8.74  ? 3   TRP B CZ3 1 
ATOM   210 C  CH2 . TRP B 1 3 ? -4.874  -12.346 0.579   1.00 9.61  ? 3   TRP B CH2 1 
ATOM   211 H  H   . TRP B 1 3 ? -7.681  -6.108  1.067   1.00 7.01  ? 3   TRP B H   1 
ATOM   212 H  HA  . TRP B 1 3 ? -5.348  -6.989  0.082   1.00 6.59  ? 3   TRP B HA  1 
ATOM   213 H  HB2 . TRP B 1 3 ? -7.997  -7.336  -0.864  1.00 7.47  ? 3   TRP B HB2 1 
ATOM   214 H  HB3 . TRP B 1 3 ? -6.728  -7.926  -1.620  1.00 7.47  ? 3   TRP B HB3 1 
ATOM   215 H  HD1 . TRP B 1 3 ? -8.805  -8.643  1.278   1.00 9.23  ? 3   TRP B HD1 1 
ATOM   216 H  HE1 . TRP B 1 3 ? -8.250  -10.763 2.264   1.00 9.65  ? 3   TRP B HE1 1 
ATOM   217 H  HE3 . TRP B 1 3 ? -4.792  -9.704  -1.318  1.00 9.07  ? 3   TRP B HE3 1 
ATOM   218 H  HZ2 . TRP B 1 3 ? -6.284  -12.702 1.966   1.00 10.95 ? 3   TRP B HZ2 1 
ATOM   219 H  HZ3 . TRP B 1 3 ? -3.671  -11.664 -0.908  1.00 10.49 ? 3   TRP B HZ3 1 
ATOM   220 H  HH2 . TRP B 1 3 ? -4.408  -13.140 0.712   1.00 11.53 ? 3   TRP B HH2 1 
ATOM   221 N  N   . SER B 1 4 ? -4.987  -5.725  -1.986  1.00 5.17  ? 4   SER B N   1 
ATOM   222 C  CA  A SER B 1 4 ? -4.693  -4.903  -3.158  0.87 5.40  ? 4   SER B CA  1 
ATOM   223 C  CA  B SER B 1 4 ? -4.771  -4.919  -3.173  0.13 5.03  ? 4   SER B CA  1 
ATOM   224 C  C   . SER B 1 4 ? -4.288  -5.825  -4.294  1.00 4.76  ? 4   SER B C   1 
ATOM   225 O  O   . SER B 1 4 ? -3.722  -6.894  -4.043  1.00 5.54  ? 4   SER B O   1 
ATOM   226 C  CB  A SER B 1 4 ? -3.509  -3.939  -2.901  0.87 7.95  ? 4   SER B CB  1 
ATOM   227 C  CB  B SER B 1 4 ? -3.738  -3.832  -2.894  0.13 5.25  ? 4   SER B CB  1 
ATOM   228 O  OG  A SER B 1 4 ? -3.686  -3.142  -1.746  0.87 9.69  ? 4   SER B OG  1 
ATOM   229 O  OG  B SER B 1 4 ? -2.509  -4.414  -2.513  0.13 6.54  ? 4   SER B OG  1 
ATOM   230 H  H   A SER B 1 4 ? -4.446  -6.388  -1.896  0.87 6.21  ? 4   SER B H   1 
ATOM   231 H  H   B SER B 1 4 ? -4.418  -6.362  -1.887  0.13 6.21  ? 4   SER B H   1 
ATOM   232 H  HA  A SER B 1 4 ? -5.483  -4.388  -3.423  0.87 6.49  ? 4   SER B HA  1 
ATOM   233 H  HA  B SER B 1 4 ? -5.611  -4.495  -3.445  0.13 6.03  ? 4   SER B HA  1 
ATOM   234 H  HB2 A SER B 1 4 ? -2.701  -4.464  -2.794  0.87 9.54  ? 4   SER B HB2 1 
ATOM   235 H  HB2 B SER B 1 4 ? -3.605  -3.306  -3.699  0.13 6.30  ? 4   SER B HB2 1 
ATOM   236 H  HB3 A SER B 1 4 ? -3.416  -3.353  -3.669  0.87 9.54  ? 4   SER B HB3 1 
ATOM   237 H  HB3 B SER B 1 4 ? -4.058  -3.266  -2.174  0.13 6.30  ? 4   SER B HB3 1 
ATOM   238 H  HG  A SER B 1 4 ? -4.401  -3.321  -1.388  0.87 11.63 ? 4   SER B HG  1 
ATOM   239 H  HG  B SER B 1 4 ? -2.574  -5.231  -2.511  0.13 7.85  ? 4   SER B HG  1 
ATOM   240 N  N   . PHE B 1 5 ? -4.512  -5.401  -5.533  1.00 4.79  ? 5   PHE B N   1 
ATOM   241 C  CA  . PHE B 1 5 ? -4.078  -6.138  -6.716  1.00 5.19  ? 5   PHE B CA  1 
ATOM   242 C  C   . PHE B 1 5 ? -3.437  -5.137  -7.671  1.00 5.44  ? 5   PHE B C   1 
ATOM   243 O  O   . PHE B 1 5 ? -4.107  -4.262  -8.206  1.00 6.35  ? 5   PHE B O   1 
ATOM   244 C  CB  . PHE B 1 5 ? -5.250  -6.842  -7.404  1.00 4.93  ? 5   PHE B CB  1 
ATOM   245 C  CG  . PHE B 1 5 ? -4.835  -7.719  -8.553  1.00 6.27  ? 5   PHE B CG  1 
ATOM   246 C  CD1 . PHE B 1 5 ? -4.283  -8.964  -8.336  1.00 7.32  ? 5   PHE B CD1 1 
ATOM   247 C  CD2 . PHE B 1 5 ? -4.980  -7.285  -9.854  1.00 8.00  ? 5   PHE B CD2 1 
ATOM   248 C  CE1 . PHE B 1 5 ? -3.899  -9.755  -9.380  1.00 9.98  ? 5   PHE B CE1 1 
ATOM   249 C  CE2 . PHE B 1 5 ? -4.583  -8.068  -10.922 1.00 11.06 ? 5   PHE B CE2 1 
ATOM   250 C  CZ  . PHE B 1 5 ? -4.044  -9.310  -10.687 1.00 12.45 ? 5   PHE B CZ  1 
ATOM   251 H  H   . PHE B 1 5 ? -4.925  -4.669  -5.720  1.00 5.75  ? 5   PHE B H   1 
ATOM   252 H  HA  . PHE B 1 5 ? -3.409  -6.808  -6.464  1.00 6.22  ? 5   PHE B HA  1 
ATOM   253 H  HB2 . PHE B 1 5 ? -5.705  -7.400  -6.755  1.00 5.91  ? 5   PHE B HB2 1 
ATOM   254 H  HB3 . PHE B 1 5 ? -5.861  -6.171  -7.748  1.00 5.91  ? 5   PHE B HB3 1 
ATOM   255 H  HD1 . PHE B 1 5 ? -4.179  -9.273  -7.465  1.00 8.78  ? 5   PHE B HD1 1 
ATOM   256 H  HD2 . PHE B 1 5 ? -5.341  -6.443  -10.016 1.00 9.60  ? 5   PHE B HD2 1 
ATOM   257 H  HE1 . PHE B 1 5 ? -3.531  -10.594 -9.214  1.00 11.98 ? 5   PHE B HE1 1 
ATOM   258 H  HE2 . PHE B 1 5 ? -4.693  -7.762  -11.793 1.00 13.27 ? 5   PHE B HE2 1 
ATOM   259 H  HZ  . PHE B 1 5 ? -3.783  -9.850  -11.397 1.00 14.95 ? 5   PHE B HZ  1 
ATOM   260 N  N   . TYR B 1 6 ? -2.128  -5.243  -7.855  1.00 6.37  ? 6   TYR B N   1 
ATOM   261 C  CA  . TYR B 1 6 ? -1.381  -4.343  -8.728  1.00 7.65  ? 6   TYR B CA  1 
ATOM   262 C  C   . TYR B 1 6 ? 0.010   -4.903  -8.958  1.00 8.75  ? 6   TYR B C   1 
ATOM   263 O  O   . TYR B 1 6 ? 0.348   -5.943  -8.363  1.00 10.04 ? 6   TYR B O   1 
ATOM   264 C  CB  . TYR B 1 6 ? -1.295  -2.910  -8.172  1.00 9.32  ? 6   TYR B CB  1 
ATOM   265 C  CG  . TYR B 1 6 ? -0.604  -2.826  -6.818  1.00 12.18 ? 6   TYR B CG  1 
ATOM   266 C  CD1 . TYR B 1 6 ? 0.786   -2.866  -6.716  1.00 13.98 ? 6   TYR B CD1 1 
ATOM   267 C  CD2 . TYR B 1 6 ? -1.325  -2.735  -5.648  1.00 14.24 ? 6   TYR B CD2 1 
ATOM   268 C  CE1 . TYR B 1 6 ? 1.431   -2.832  -5.488  1.00 16.25 ? 6   TYR B CE1 1 
ATOM   269 C  CE2 . TYR B 1 6 ? -0.684  -2.700  -4.401  1.00 15.03 ? 6   TYR B CE2 1 
ATOM   270 C  CZ  . TYR B 1 6 ? 0.697   -2.755  -4.332  1.00 15.50 ? 6   TYR B CZ  1 
ATOM   271 O  OH  . TYR B 1 6 ? 1.347   -2.721  -3.119  1.00 18.95 ? 6   TYR B OH  1 
ATOM   272 O  OXT . TYR B 1 6 ? 0.757   -4.293  -9.731  1.00 10.45 ? 6   TYR B OXT 1 
ATOM   273 H  H   . TYR B 1 6 ? -1.639  -5.842  -7.478  1.00 7.64  ? 6   TYR B H   1 
ATOM   274 H  HA  . TYR B 1 6 ? -1.834  -4.299  -9.596  1.00 9.18  ? 6   TYR B HA  1 
ATOM   275 H  HB2 . TYR B 1 6 ? -0.795  -2.361  -8.796  1.00 11.18 ? 6   TYR B HB2 1 
ATOM   276 H  HB3 . TYR B 1 6 ? -2.193  -2.558  -8.069  1.00 11.18 ? 6   TYR B HB3 1 
ATOM   277 H  HD1 . TYR B 1 6 ? 1.293   -2.938  -7.491  1.00 16.78 ? 6   TYR B HD1 1 
ATOM   278 H  HD2 . TYR B 1 6 ? -2.255  -2.716  -5.685  1.00 17.09 ? 6   TYR B HD2 1 
ATOM   279 H  HE1 . TYR B 1 6 ? 2.360   -2.866  -5.448  1.00 19.50 ? 6   TYR B HE1 1 
ATOM   280 H  HE2 . TYR B 1 6 ? -1.187  -2.644  -3.620  1.00 18.03 ? 6   TYR B HE2 1 
ATOM   281 H  HH  . TYR B 1 6 ? 1.842   -2.069  -3.085  1.00 22.75 ? 6   TYR B HH  1 
ATOM   282 N  N   . LYS C 1 1 ? -3.031  -1.415  7.173   1.00 8.36  ? 1   LYS C N   1 
ATOM   283 C  CA  A LYS C 1 1 ? -2.128  -0.320  6.753   0.17 6.60  ? 1   LYS C CA  1 
ATOM   284 C  CA  B LYS C 1 1 ? -2.166  -0.326  6.742   0.54 6.13  ? 1   LYS C CA  1 
ATOM   285 C  CA  C LYS C 1 1 ? -1.958  -0.467  6.739   0.29 6.73  ? 1   LYS C CA  1 
ATOM   286 C  C   . LYS C 1 1 ? -2.103  -0.198  5.243   1.00 5.43  ? 1   LYS C C   1 
ATOM   287 O  O   . LYS C 1 1 ? -2.566  -1.082  4.517   1.00 6.90  ? 1   LYS C O   1 
ATOM   288 C  CB  A LYS C 1 1 ? -0.709  -0.550  7.269   0.17 6.53  ? 1   LYS C CB  1 
ATOM   289 C  CB  B LYS C 1 1 ? -0.789  -0.570  7.285   0.54 6.72  ? 1   LYS C CB  1 
ATOM   290 C  CB  C LYS C 1 1 ? -0.559  -1.057  6.998   0.29 6.92  ? 1   LYS C CB  1 
ATOM   291 C  CG  A LYS C 1 1 ? -0.558  -0.408  8.777   0.17 5.98  ? 1   LYS C CG  1 
ATOM   292 C  CG  B LYS C 1 1 ? -0.786  -0.509  8.776   0.54 8.09  ? 1   LYS C CG  1 
ATOM   293 C  CG  C LYS C 1 1 ? -0.156  -1.292  8.468   0.29 7.57  ? 1   LYS C CG  1 
ATOM   294 C  CD  A LYS C 1 1 ? 0.894   -0.453  9.199   0.17 5.72  ? 1   LYS C CD  1 
ATOM   295 C  CD  B LYS C 1 1 ? 0.585   -0.571  9.338   0.54 8.96  ? 1   LYS C CD  1 
ATOM   296 C  CD  C LYS C 1 1 ? 0.412   -0.022  9.113   0.29 8.05  ? 1   LYS C CD  1 
ATOM   297 C  CE  A LYS C 1 1 ? 1.041   -0.916  10.628  0.17 6.07  ? 1   LYS C CE  1 
ATOM   298 C  CE  B LYS C 1 1 ? 0.515   -0.638  10.820  0.54 11.64 ? 1   LYS C CE  1 
ATOM   299 C  CE  C LYS C 1 1 ? 1.042   -0.243  10.485  0.29 7.16  ? 1   LYS C CE  1 
ATOM   300 N  NZ  A LYS C 1 1 ? 0.377   -0.004  11.596  0.17 7.38  ? 1   LYS C NZ  1 
ATOM   301 N  NZ  B LYS C 1 1 ? 1.516   0.260   11.349  0.54 10.22 ? 1   LYS C NZ  1 
ATOM   302 N  NZ  C LYS C 1 1 ? 0.021   -0.476  11.552  0.29 8.16  ? 1   LYS C NZ  1 
ATOM   303 H  H1  A LYS C 1 1 ? -3.138  -1.391  8.127   0.17 10.03 ? 1   LYS C H1  1 
ATOM   304 H  H1  B LYS C 1 1 ? -3.116  -1.396  8.129   0.54 10.03 ? 1   LYS C H1  1 
ATOM   305 H  H1  C LYS C 1 1 ? -3.202  -1.296  8.110   0.29 10.03 ? 1   LYS C H1  1 
ATOM   306 H  H2  A LYS C 1 1 ? -3.886  -1.306  6.752   0.17 10.03 ? 1   LYS C H2  1 
ATOM   307 H  H2  B LYS C 1 1 ? -3.896  -1.315  6.772   0.54 10.03 ? 1   LYS C H2  1 
ATOM   308 H  H2  C LYS C 1 1 ? -3.832  -1.241  6.676   0.29 10.03 ? 1   LYS C H2  1 
ATOM   309 H  H3  A LYS C 1 1 ? -2.652  -2.259  6.915   0.17 10.03 ? 1   LYS C H3  1 
ATOM   310 H  H3  B LYS C 1 1 ? -2.646  -2.253  6.904   0.54 10.03 ? 1   LYS C H3  1 
ATOM   311 H  H3  C LYS C 1 1 ? -2.744  -2.318  7.013   0.29 10.03 ? 1   LYS C H3  1 
ATOM   312 H  HA  A LYS C 1 1 ? -2.455  0.526   7.123   0.17 7.92  ? 1   LYS C HA  1 
ATOM   313 H  HA  B LYS C 1 1 ? -2.500  0.518   7.110   0.54 7.36  ? 1   LYS C HA  1 
ATOM   314 H  HA  C LYS C 1 1 ? -2.042  0.379   7.225   0.29 8.07  ? 1   LYS C HA  1 
ATOM   315 H  HB2 A LYS C 1 1 ? -0.433  -1.449  7.029   0.17 7.83  ? 1   LYS C HB2 1 
ATOM   316 H  HB2 B LYS C 1 1 ? -0.487  -1.451  7.014   0.54 8.06  ? 1   LYS C HB2 1 
ATOM   317 H  HB2 C LYS C 1 1 ? -0.505  -1.914  6.547   0.29 8.30  ? 1   LYS C HB2 1 
ATOM   318 H  HB3 A LYS C 1 1 ? -0.117  0.096   6.852   0.17 7.83  ? 1   LYS C HB3 1 
ATOM   319 H  HB3 B LYS C 1 1 ? -0.186  0.112   6.950   0.54 8.06  ? 1   LYS C HB3 1 
ATOM   320 H  HB3 C LYS C 1 1 ? 0.098   -0.454  6.615   0.29 8.30  ? 1   LYS C HB3 1 
ATOM   321 H  HG2 A LYS C 1 1 ? -0.929  0.443   9.056   0.17 7.17  ? 1   LYS C HG2 1 
ATOM   322 H  HG2 B LYS C 1 1 ? -1.192  0.324   9.062   0.54 9.70  ? 1   LYS C HG2 1 
ATOM   323 H  HG2 C LYS C 1 1 ? -0.938  -1.565  8.974   0.29 9.09  ? 1   LYS C HG2 1 
ATOM   324 H  HG3 A LYS C 1 1 ? -1.024  -1.137  9.215   0.17 7.17  ? 1   LYS C HG3 1 
ATOM   325 H  HG3 B LYS C 1 1 ? -1.289  -1.262  9.126   0.54 9.70  ? 1   LYS C HG3 1 
ATOM   326 H  HG3 C LYS C 1 1 ? 0.524   -1.982  8.507   0.29 9.09  ? 1   LYS C HG3 1 
ATOM   327 H  HD2 A LYS C 1 1 ? 1.375   -1.072  8.628   0.17 6.86  ? 1   LYS C HD2 1 
ATOM   328 H  HD2 B LYS C 1 1 ? 1.036   -1.366  9.013   0.54 10.75 ? 1   LYS C HD2 1 
ATOM   329 H  HD2 C LYS C 1 1 ? 1.096   0.344   8.530   0.29 9.66  ? 1   LYS C HD2 1 
ATOM   330 H  HD3 A LYS C 1 1 ? 1.277   0.436   9.126   0.17 6.86  ? 1   LYS C HD3 1 
ATOM   331 H  HD3 B LYS C 1 1 ? 1.076   0.227   9.087   0.54 10.75 ? 1   LYS C HD3 1 
ATOM   332 H  HD3 C LYS C 1 1 ? -0.306  0.622   9.218   0.29 9.66  ? 1   LYS C HD3 1 
ATOM   333 H  HE2 A LYS C 1 1 ? 0.640   -1.794  10.720  0.17 7.28  ? 1   LYS C HE2 1 
ATOM   334 H  HE2 B LYS C 1 1 ? -0.360  -0.351  11.124  0.54 13.97 ? 1   LYS C HE2 1 
ATOM   335 H  HE2 C LYS C 1 1 ? 1.619   -1.021  10.446  0.29 8.59  ? 1   LYS C HE2 1 
ATOM   336 H  HE3 A LYS C 1 1 ? 1.985   -0.956  10.852  0.17 7.28  ? 1   LYS C HE3 1 
ATOM   337 H  HE3 B LYS C 1 1 ? 0.710   -1.539  11.120  0.54 13.97 ? 1   LYS C HE3 1 
ATOM   338 H  HE3 C LYS C 1 1 ? 1.556   0.543   10.728  0.29 8.59  ? 1   LYS C HE3 1 
ATOM   339 H  HZ1 A LYS C 1 1 ? 0.485   -0.309  12.425  0.17 8.86  ? 1   LYS C HZ1 1 
ATOM   340 H  HZ1 B LYS C 1 1 ? 1.500   0.243   12.239  0.54 12.27 ? 1   LYS C HZ1 1 
ATOM   341 H  HZ1 C LYS C 1 1 ? 0.424   -0.601  12.336  0.29 9.79  ? 1   LYS C HZ1 1 
ATOM   342 H  HZ2 A LYS C 1 1 ? 0.731   0.810   11.539  0.17 8.86  ? 1   LYS C HZ2 1 
ATOM   343 H  HZ2 B LYS C 1 1 ? 2.325   0.014   11.070  0.54 12.27 ? 1   LYS C HZ2 1 
ATOM   344 H  HZ2 C LYS C 1 1 ? -0.521  0.228   11.614  0.29 9.79  ? 1   LYS C HZ2 1 
ATOM   345 H  HZ3 A LYS C 1 1 ? -0.494  0.047   11.418  0.17 8.86  ? 1   LYS C HZ3 1 
ATOM   346 H  HZ3 B LYS C 1 1 ? 1.355   1.091   11.074  0.54 12.27 ? 1   LYS C HZ3 1 
ATOM   347 H  HZ3 C LYS C 1 1 ? -0.463  -1.197  11.358  0.29 9.79  ? 1   LYS C HZ3 1 
ATOM   348 N  N   . ASP C 1 2 ? -1.587  0.930   4.778   1.00 4.63  ? 2   ASP C N   1 
ATOM   349 C  CA  A ASP C 1 2 ? -1.485  1.134   3.352   0.87 5.02  ? 2   ASP C CA  1 
ATOM   350 C  CA  B ASP C 1 2 ? -1.476  1.150   3.351   0.13 5.23  ? 2   ASP C CA  1 
ATOM   351 C  C   . ASP C 1 2 ? -0.385  2.136   3.046   1.00 4.02  ? 2   ASP C C   1 
ATOM   352 O  O   . ASP C 1 2 ? 0.081   2.871   3.928   1.00 4.33  ? 2   ASP C O   1 
ATOM   353 C  CB  A ASP C 1 2 ? -2.817  1.580   2.772   0.87 7.20  ? 2   ASP C CB  1 
ATOM   354 C  CB  B ASP C 1 2 ? -2.792  1.658   2.777   0.13 7.48  ? 2   ASP C CB  1 
ATOM   355 C  CG  A ASP C 1 2 ? -3.022  1.121   1.333   0.87 9.13  ? 2   ASP C CG  1 
ATOM   356 C  CG  B ASP C 1 2 ? -3.767  0.547   2.515   0.13 9.02  ? 2   ASP C CG  1 
ATOM   357 O  OD1 A ASP C 1 2 ? -4.171  1.241   0.869   0.87 12.10 ? 2   ASP C OD1 1 
ATOM   358 O  OD1 B ASP C 1 2 ? -3.691  -0.067  1.433   0.13 9.30  ? 2   ASP C OD1 1 
ATOM   359 O  OD2 A ASP C 1 2 ? -2.065  0.663   0.653   0.87 9.45  ? 2   ASP C OD2 1 
ATOM   360 O  OD2 B ASP C 1 2 ? -4.598  0.280   3.401   0.13 10.89 ? 2   ASP C OD2 1 
ATOM   361 H  H   A ASP C 1 2 ? -1.296  1.578   5.260   0.87 5.55  ? 2   ASP C H   1 
ATOM   362 H  H   B ASP C 1 2 ? -1.297  1.576   5.264   0.13 5.55  ? 2   ASP C H   1 
ATOM   363 H  HA  A ASP C 1 2 ? -1.243  0.284   2.928   0.87 6.03  ? 2   ASP C HA  1 
ATOM   364 H  HA  B ASP C 1 2 ? -1.256  0.303   2.910   0.13 6.27  ? 2   ASP C HA  1 
ATOM   365 H  HB2 A ASP C 1 2 ? -3.534  1.209   3.309   0.87 8.64  ? 2   ASP C HB2 1 
ATOM   366 H  HB2 B ASP C 1 2 ? -3.198  2.272   3.408   0.13 8.98  ? 2   ASP C HB2 1 
ATOM   367 H  HB3 A ASP C 1 2 ? -2.859  2.548   2.787   0.87 8.64  ? 2   ASP C HB3 1 
ATOM   368 H  HB3 B ASP C 1 2 ? -2.617  2.110   1.936   0.13 8.98  ? 2   ASP C HB3 1 
ATOM   369 N  N   . TRP C 1 3 ? 0.028   2.138   1.792   1.00 4.37  ? 3   TRP C N   1 
ATOM   370 C  CA  . TRP C 1 3 ? 0.979   3.081   1.252   1.00 4.48  ? 3   TRP C CA  1 
ATOM   371 C  C   . TRP C 1 3 ? 0.268   4.337   0.749   1.00 4.87  ? 3   TRP C C   1 
ATOM   372 O  O   . TRP C 1 3 ? -0.760  4.234   0.095   1.00 7.76  ? 3   TRP C O   1 
ATOM   373 C  CB  . TRP C 1 3 ? 1.736   2.424   0.086   1.00 5.53  ? 3   TRP C CB  1 
ATOM   374 C  CG  . TRP C 1 3 ? 2.775   1.403   0.511   1.00 5.77  ? 3   TRP C CG  1 
ATOM   375 C  CD1 . TRP C 1 3 ? 2.683   0.033   0.484   1.00 7.59  ? 3   TRP C CD1 1 
ATOM   376 C  CD2 . TRP C 1 3 ? 4.077   1.695   1.035   1.00 5.35  ? 3   TRP C CD2 1 
ATOM   377 N  NE1 . TRP C 1 3 ? 3.854   -0.530  0.976   1.00 7.93  ? 3   TRP C NE1 1 
ATOM   378 C  CE2 . TRP C 1 3 ? 4.726   0.475   1.307   1.00 6.98  ? 3   TRP C CE2 1 
ATOM   379 C  CE3 . TRP C 1 3 ? 4.759   2.884   1.298   1.00 5.12  ? 3   TRP C CE3 1 
ATOM   380 C  CZ2 . TRP C 1 3 ? 6.024   0.432   1.845   1.00 7.06  ? 3   TRP C CZ2 1 
ATOM   381 C  CZ3 . TRP C 1 3 ? 6.043   2.830   1.821   1.00 6.28  ? 3   TRP C CZ3 1 
ATOM   382 C  CH2 . TRP C 1 3 ? 6.661   1.607   2.085   1.00 7.13  ? 3   TRP C CH2 1 
ATOM   383 H  H   . TRP C 1 3 ? -0.245  1.570   1.208   1.00 5.25  ? 3   TRP C H   1 
ATOM   384 H  HA  . TRP C 1 3 ? 1.624   3.337   1.945   1.00 5.37  ? 3   TRP C HA  1 
ATOM   385 H  HB2 . TRP C 1 3 ? 1.095   1.973   -0.485  1.00 6.64  ? 3   TRP C HB2 1 
ATOM   386 H  HB3 . TRP C 1 3 ? 2.192   3.118   -0.417  1.00 6.64  ? 3   TRP C HB3 1 
ATOM   387 H  HD1 . TRP C 1 3 ? 1.941   -0.447  0.194   1.00 9.11  ? 3   TRP C HD1 1 
ATOM   388 H  HE1 . TRP C 1 3 ? 4.013   -1.373  1.045   1.00 9.52  ? 3   TRP C HE1 1 
ATOM   389 H  HE3 . TRP C 1 3 ? 4.356   3.704   1.127   1.00 6.14  ? 3   TRP C HE3 1 
ATOM   390 H  HZ2 . TRP C 1 3 ? 6.442   -0.380  2.018   1.00 8.48  ? 3   TRP C HZ2 1 
ATOM   391 H  HZ3 . TRP C 1 3 ? 6.499   3.622   1.997   1.00 7.53  ? 3   TRP C HZ3 1 
ATOM   392 H  HH2 . TRP C 1 3 ? 7.523   1.597   2.434   1.00 8.56  ? 3   TRP C HH2 1 
ATOM   393 N  N   . SER C 1 4 ? 0.875   5.493   0.997   1.00 3.61  ? 4   SER C N   1 
ATOM   394 C  CA  A SER C 1 4 ? 0.407   6.799   0.509   0.81 3.54  ? 4   SER C CA  1 
ATOM   395 C  CA  B SER C 1 4 ? 0.400   6.727   0.408   0.19 3.44  ? 4   SER C CA  1 
ATOM   396 C  C   . SER C 1 4 ? 1.588   7.551   -0.072  1.00 3.10  ? 4   SER C C   1 
ATOM   397 O  O   . SER C 1 4 ? 2.684   7.470   0.482   1.00 3.97  ? 4   SER C O   1 
ATOM   398 C  CB  A SER C 1 4 ? -0.131  7.680   1.641   0.81 5.38  ? 4   SER C CB  1 
ATOM   399 C  CB  B SER C 1 4 ? -0.432  7.492   1.422   0.19 4.21  ? 4   SER C CB  1 
ATOM   400 O  OG  A SER C 1 4 ? -1.219  7.120   2.320   0.81 7.19  ? 4   SER C OG  1 
ATOM   401 O  OG  B SER C 1 4 ? 0.278   7.608   2.637   0.19 6.45  ? 4   SER C OG  1 
ATOM   402 H  H   A SER C 1 4 ? 1.593   5.553   1.465   0.81 4.33  ? 4   SER C H   1 
ATOM   403 H  H   B SER C 1 4 ? 1.564   5.584   1.503   0.19 4.33  ? 4   SER C H   1 
ATOM   404 H  HA  A SER C 1 4 ? -0.282  6.686   -0.178  0.81 4.25  ? 4   SER C HA  1 
ATOM   405 H  HA  B SER C 1 4 ? -0.166  6.522   -0.364  0.19 4.13  ? 4   SER C HA  1 
ATOM   406 H  HB2 A SER C 1 4 ? 0.584   7.830   2.280   0.81 6.46  ? 4   SER C HB2 1 
ATOM   407 H  HB2 B SER C 1 4 ? -0.620  8.379   1.077   0.19 5.06  ? 4   SER C HB2 1 
ATOM   408 H  HB3 A SER C 1 4 ? -0.409  8.529   1.263   0.81 6.46  ? 4   SER C HB3 1 
ATOM   409 H  HB3 B SER C 1 4 ? -1.261  7.012   1.582   0.19 5.06  ? 4   SER C HB3 1 
ATOM   410 H  HG  A SER C 1 4 ? -1.403  6.389   1.997   0.81 8.63  ? 4   SER C HG  1 
ATOM   411 H  HG  B SER C 1 4 ? -0.170  8.021   3.186   0.19 7.74  ? 4   SER C HG  1 
ATOM   412 N  N   . PHE C 1 5 ? 1.359   8.304   -1.140  1.00 3.13  ? 5   PHE C N   1 
ATOM   413 C  CA  . PHE C 1 5 ? 2.401   9.101   -1.804  1.00 3.24  ? 5   PHE C CA  1 
ATOM   414 C  C   . PHE C 1 5 ? 1.912   10.543  -1.842  1.00 3.64  ? 5   PHE C C   1 
ATOM   415 O  O   . PHE C 1 5 ? 0.938   10.862  -2.523  1.00 4.27  ? 5   PHE C O   1 
ATOM   416 C  CB  . PHE C 1 5 ? 2.660   8.575   -3.209  1.00 3.63  ? 5   PHE C CB  1 
ATOM   417 C  CG  . PHE C 1 5 ? 3.845   9.187   -3.907  1.00 4.20  ? 5   PHE C CG  1 
ATOM   418 C  CD1 . PHE C 1 5 ? 5.129   8.826   -3.560  1.00 5.57  ? 5   PHE C CD1 1 
ATOM   419 C  CD2 . PHE C 1 5 ? 3.681   10.071  -4.953  1.00 6.17  ? 5   PHE C CD2 1 
ATOM   420 C  CE1 . PHE C 1 5 ? 6.224   9.346   -4.217  1.00 8.18  ? 5   PHE C CE1 1 
ATOM   421 C  CE2 . PHE C 1 5 ? 4.783   10.589  -5.617  1.00 8.28  ? 5   PHE C CE2 1 
ATOM   422 C  CZ  . PHE C 1 5 ? 6.042   10.221  -5.249  1.00 9.34  ? 5   PHE C CZ  1 
ATOM   423 H  H   . PHE C 1 5 ? 0.588   8.377   -1.512  1.00 3.75  ? 5   PHE C H   1 
ATOM   424 H  HA  . PHE C 1 5 ? 3.234   9.060   -1.290  1.00 3.89  ? 5   PHE C HA  1 
ATOM   425 H  HB2 . PHE C 1 5 ? 2.812   7.618   -3.157  1.00 4.35  ? 5   PHE C HB2 1 
ATOM   426 H  HB3 . PHE C 1 5 ? 1.876   8.750   -3.753  1.00 4.35  ? 5   PHE C HB3 1 
ATOM   427 H  HD1 . PHE C 1 5 ? 5.260   8.221   -2.865  1.00 6.69  ? 5   PHE C HD1 1 
ATOM   428 H  HD2 . PHE C 1 5 ? 2.825   10.319  -5.218  1.00 7.40  ? 5   PHE C HD2 1 
ATOM   429 H  HE1 . PHE C 1 5 ? 7.082   9.096   -3.961  1.00 9.81  ? 5   PHE C HE1 1 
ATOM   430 H  HE2 . PHE C 1 5 ? 4.661   11.192  -6.315  1.00 9.93  ? 5   PHE C HE2 1 
ATOM   431 H  HZ  . PHE C 1 5 ? 6.779   10.583  -5.687  1.00 11.21 ? 5   PHE C HZ  1 
ATOM   432 N  N   . TYR C 1 6 ? 2.580   11.414  -1.107  1.00 4.42  ? 6   TYR C N   1 
ATOM   433 C  CA  . TYR C 1 6 ? 2.188   12.812  -1.015  1.00 5.94  ? 6   TYR C CA  1 
ATOM   434 C  C   . TYR C 1 6 ? 3.325   13.656  -0.463  1.00 6.76  ? 6   TYR C C   1 
ATOM   435 O  O   . TYR C 1 6 ? 4.364   13.097  -0.093  1.00 7.41  ? 6   TYR C O   1 
ATOM   436 C  CB  . TYR C 1 6 ? 0.914   13.005  -0.171  1.00 6.65  ? 6   TYR C CB  1 
ATOM   437 C  CG  . TYR C 1 6 ? 1.021   12.506  1.262   1.00 7.49  ? 6   TYR C CG  1 
ATOM   438 C  CD1 . TYR C 1 6 ? 0.324   11.394  1.677   1.00 9.33  ? 6   TYR C CD1 1 
ATOM   439 C  CD2 . TYR C 1 6 ? 1.835   13.151  2.196   1.00 8.58  ? 6   TYR C CD2 1 
ATOM   440 C  CE1 . TYR C 1 6 ? 0.412   10.954  3.003   1.00 10.98 ? 6   TYR C CE1 1 
ATOM   441 C  CE2 . TYR C 1 6 ? 1.934   12.719  3.506   1.00 10.14 ? 6   TYR C CE2 1 
ATOM   442 C  CZ  . TYR C 1 6 ? 1.233   11.619  3.899   1.00 10.72 ? 6   TYR C CZ  1 
ATOM   443 O  OH  . TYR C 1 6 ? 1.339   11.174  5.204   1.00 12.83 ? 6   TYR C OH  1 
ATOM   444 O  OXT . TYR C 1 6 ? 3.141   14.884  -0.424  1.00 8.25  ? 6   TYR C OXT 1 
ATOM   445 H  H   . TYR C 1 6 ? 3.277   11.219  -0.643  1.00 5.30  ? 6   TYR C H   1 
ATOM   446 H  HA  . TYR C 1 6 ? 1.992   13.138  -1.918  1.00 7.12  ? 6   TYR C HA  1 
ATOM   447 H  HB2 . TYR C 1 6 ? 0.706   13.952  -0.137  1.00 7.98  ? 6   TYR C HB2 1 
ATOM   448 H  HB3 . TYR C 1 6 ? 0.186   12.525  -0.595  1.00 7.98  ? 6   TYR C HB3 1 
ATOM   449 H  HD1 . TYR C 1 6 ? -0.229  10.946  1.079   1.00 11.19 ? 6   TYR C HD1 1 
ATOM   450 H  HD2 . TYR C 1 6 ? 2.314   13.904  1.934   1.00 10.29 ? 6   TYR C HD2 1 
ATOM   451 H  HE1 . TYR C 1 6 ? -0.060  10.200  3.274   1.00 13.18 ? 6   TYR C HE1 1 
ATOM   452 H  HE2 . TYR C 1 6 ? 2.484   13.166  4.108   1.00 12.17 ? 6   TYR C HE2 1 
ATOM   453 H  HH  . TYR C 1 6 ? 1.097   11.763  5.722   1.00 15.39 ? 6   TYR C HH  1 
ATOM   454 N  N   . LYS D 1 1 ? 7.592   14.967  -2.681  1.00 17.83 ? 1   LYS D N   1 
ATOM   455 C  CA  . LYS D 1 1 ? 6.651   13.905  -2.266  1.00 15.31 ? 1   LYS D CA  1 
ATOM   456 C  C   . LYS D 1 1 ? 7.410   12.650  -1.904  1.00 14.65 ? 1   LYS D C   1 
ATOM   457 O  O   . LYS D 1 1 ? 8.557   12.463  -2.290  1.00 18.23 ? 1   LYS D O   1 
ATOM   458 C  CB  . LYS D 1 1 ? 5.638   13.584  -3.360  1.00 17.02 ? 1   LYS D CB  1 
ATOM   459 C  CG  . LYS D 1 1 ? 4.602   14.683  -3.568  1.00 18.78 ? 1   LYS D CG  1 
ATOM   460 C  CD  . LYS D 1 1 ? 3.662   14.328  -4.693  1.00 20.52 ? 1   LYS D CD  1 
ATOM   461 C  CE  . LYS D 1 1 ? 2.399   15.163  -4.650  1.00 19.99 ? 1   LYS D CE  1 
ATOM   462 N  NZ  . LYS D 1 1 ? 2.670   16.576  -4.305  1.00 16.58 ? 1   LYS D NZ  1 
ATOM   463 H  H1  . LYS D 1 1 ? 7.148   15.817  -2.653  1.00 21.39 ? 1   LYS D H1  1 
ATOM   464 H  H2  . LYS D 1 1 ? 8.344   14.978  -2.084  1.00 21.39 ? 1   LYS D H2  1 
ATOM   465 H  H3  . LYS D 1 1 ? 7.897   14.794  -3.575  1.00 21.39 ? 1   LYS D H3  1 
ATOM   466 H  HA  . LYS D 1 1 ? 6.158   14.204  -1.473  1.00 18.38 ? 1   LYS D HA  1 
ATOM   467 H  HB2 . LYS D 1 1 ? 6.111   13.460  -4.199  1.00 20.43 ? 1   LYS D HB2 1 
ATOM   468 H  HB3 . LYS D 1 1 ? 5.166   12.771  -3.123  1.00 20.43 ? 1   LYS D HB3 1 
ATOM   469 H  HG2 . LYS D 1 1 ? 4.082   14.792  -2.757  1.00 22.53 ? 1   LYS D HG2 1 
ATOM   470 H  HG3 . LYS D 1 1 ? 5.052   15.511  -3.795  1.00 22.53 ? 1   LYS D HG3 1 
ATOM   471 H  HD2 . LYS D 1 1 ? 4.104   14.487  -5.541  1.00 24.62 ? 1   LYS D HD2 1 
ATOM   472 H  HD3 . LYS D 1 1 ? 3.411   13.393  -4.616  1.00 24.62 ? 1   LYS D HD3 1 
ATOM   473 H  HE2 . LYS D 1 1 ? 1.976   15.142  -5.522  1.00 23.99 ? 1   LYS D HE2 1 
ATOM   474 H  HE3 . LYS D 1 1 ? 1.801   14.799  -3.980  1.00 23.99 ? 1   LYS D HE3 1 
ATOM   475 H  HZ1 . LYS D 1 1 ? 1.909   17.036  -4.290  1.00 19.89 ? 1   LYS D HZ1 1 
ATOM   476 H  HZ2 . LYS D 1 1 ? 3.054   16.625  -3.504  1.00 19.89 ? 1   LYS D HZ2 1 
ATOM   477 H  HZ3 . LYS D 1 1 ? 3.214   16.937  -4.909  1.00 19.89 ? 1   LYS D HZ3 1 
ATOM   478 N  N   . ASP D 1 2 ? 6.746   11.784  -1.175  1.00 9.39  ? 2   ASP D N   1 
ATOM   479 C  CA  A ASP D 1 2 ? 7.379   10.628  -0.555  0.37 9.08  ? 2   ASP D CA  1 
ATOM   480 C  CA  B ASP D 1 2 ? 7.348   10.508  -0.882  0.33 8.53  ? 2   ASP D CA  1 
ATOM   481 C  CA  C ASP D 1 2 ? 7.374   10.637  -0.571  0.30 9.04  ? 2   ASP D CA  1 
ATOM   482 C  C   . ASP D 1 2 ? 6.318   9.580   -0.278  1.00 5.89  ? 2   ASP D C   1 
ATOM   483 O  O   . ASP D 1 2 ? 5.148   9.921   -0.115  1.00 5.88  ? 2   ASP D O   1 
ATOM   484 C  CB  A ASP D 1 2 ? 8.035   11.025  0.771   0.37 11.97 ? 2   ASP D CB  1 
ATOM   485 C  CB  B ASP D 1 2 ? 8.598   10.658  -0.003  0.33 9.08  ? 2   ASP D CB  1 
ATOM   486 C  CB  C ASP D 1 2 ? 8.043   11.087  0.722   0.30 11.54 ? 2   ASP D CB  1 
ATOM   487 C  CG  A ASP D 1 2 ? 9.407   11.624  0.591   0.37 14.80 ? 2   ASP D CG  1 
ATOM   488 C  CG  B ASP D 1 2 ? 8.286   11.220  1.352   0.33 11.11 ? 2   ASP D CG  1 
ATOM   489 C  CG  C ASP D 1 2 ? 9.416   10.528  0.868   0.30 13.96 ? 2   ASP D CG  1 
ATOM   490 O  OD1 A ASP D 1 2 ? 9.517   12.851  0.737   0.37 16.08 ? 2   ASP D OD1 1 
ATOM   491 O  OD1 B ASP D 1 2 ? 9.213   11.688  2.043   0.33 12.47 ? 2   ASP D OD1 1 
ATOM   492 O  OD1 C ASP D 1 2 ? 9.696   9.519   0.201   0.30 16.84 ? 2   ASP D OD1 1 
ATOM   493 O  OD2 A ASP D 1 2 ? 10.367  10.872  0.324   0.37 16.26 ? 2   ASP D OD2 1 
ATOM   494 O  OD2 B ASP D 1 2 ? 7.107   11.199  1.726   0.33 10.75 ? 2   ASP D OD2 1 
ATOM   495 O  OD2 C ASP D 1 2 ? 10.219  11.096  1.627   0.30 15.02 ? 2   ASP D OD2 1 
ATOM   496 H  H   A ASP D 1 2 ? 5.902   11.839  -1.016  0.37 11.27 ? 2   ASP D H   1 
ATOM   497 H  H   B ASP D 1 2 ? 5.962   11.904  -0.844  0.33 11.27 ? 2   ASP D H   1 
ATOM   498 H  H   C ASP D 1 2 ? 5.903   11.841  -1.011  0.30 11.27 ? 2   ASP D H   1 
ATOM   499 H  HA  A ASP D 1 2 ? 8.058   10.250  -1.152  0.37 10.89 ? 2   ASP D HA  1 
ATOM   500 H  HA  B ASP D 1 2 ? 7.638   10.107  -1.729  0.33 10.24 ? 2   ASP D HA  1 
ATOM   501 H  HA  C ASP D 1 2 ? 8.051   10.263  -1.173  0.30 10.85 ? 2   ASP D HA  1 
ATOM   502 H  HB2 A ASP D 1 2 ? 7.477   11.682  1.216   0.37 14.37 ? 2   ASP D HB2 1 
ATOM   503 H  HB2 B ASP D 1 2 ? 9.005   9.786   0.118   0.33 10.89 ? 2   ASP D HB2 1 
ATOM   504 H  HB2 C ASP D 1 2 ? 8.108   12.054  0.727   0.30 13.85 ? 2   ASP D HB2 1 
ATOM   505 H  HB3 A ASP D 1 2 ? 8.124   10.235  1.328   0.37 14.37 ? 2   ASP D HB3 1 
ATOM   506 H  HB3 B ASP D 1 2 ? 9.223   11.258  -0.440  0.33 10.89 ? 2   ASP D HB3 1 
ATOM   507 H  HB3 C ASP D 1 2 ? 7.512   10.784  1.477   0.30 13.85 ? 2   ASP D HB3 1 
ATOM   508 N  N   . TRP D 1 3 ? 6.757   8.340   -0.130  1.00 5.15  ? 3   TRP D N   1 
ATOM   509 C  CA  . TRP D 1 3 ? 5.901   7.264   0.301   1.00 4.30  ? 3   TRP D CA  1 
ATOM   510 C  C   . TRP D 1 3 ? 5.941   7.113   1.824   1.00 4.70  ? 3   TRP D C   1 
ATOM   511 O  O   . TRP D 1 3 ? 6.998   7.223   2.440   1.00 6.34  ? 3   TRP D O   1 
ATOM   512 C  CB  . TRP D 1 3 ? 6.336   5.921   -0.320  1.00 4.55  ? 3   TRP D CB  1 
ATOM   513 C  CG  . TRP D 1 3 ? 5.977   5.753   -1.754  1.00 4.62  ? 3   TRP D CG  1 
ATOM   514 C  CD1 . TRP D 1 3 ? 6.801   5.860   -2.828  1.00 5.15  ? 3   TRP D CD1 1 
ATOM   515 C  CD2 . TRP D 1 3 ? 4.666   5.463   -2.275  1.00 4.01  ? 3   TRP D CD2 1 
ATOM   516 N  NE1 . TRP D 1 3 ? 6.095   5.653   -3.988  1.00 5.41  ? 3   TRP D NE1 1 
ATOM   517 C  CE2 . TRP D 1 3 ? 4.780   5.402   -3.679  1.00 4.53  ? 3   TRP D CE2 1 
ATOM   518 C  CE3 . TRP D 1 3 ? 3.417   5.240   -1.693  1.00 3.96  ? 3   TRP D CE3 1 
ATOM   519 C  CZ2 . TRP D 1 3 ? 3.684   5.138   -4.499  1.00 4.86  ? 3   TRP D CZ2 1 
ATOM   520 C  CZ3 . TRP D 1 3 ? 2.330   4.974   -2.509  1.00 4.10  ? 3   TRP D CZ3 1 
ATOM   521 C  CH2 . TRP D 1 3 ? 2.472   4.933   -3.899  1.00 4.57  ? 3   TRP D CH2 1 
ATOM   522 H  H   . TRP D 1 3 ? 7.569   8.098   -0.276  1.00 6.18  ? 3   TRP D H   1 
ATOM   523 H  HA  . TRP D 1 3 ? 4.979   7.450   0.030   1.00 5.16  ? 3   TRP D HA  1 
ATOM   524 H  HB2 . TRP D 1 3 ? 7.300   5.844   -0.248  1.00 5.45  ? 3   TRP D HB2 1 
ATOM   525 H  HB3 . TRP D 1 3 ? 5.914   5.201   0.174   1.00 5.45  ? 3   TRP D HB3 1 
ATOM   526 H  HD1 . TRP D 1 3 ? 7.710   6.049   -2.785  1.00 6.18  ? 3   TRP D HD1 1 
ATOM   527 H  HE1 . TRP D 1 3 ? 6.424   5.674   -4.782  1.00 6.49  ? 3   TRP D HE1 1 
ATOM   528 H  HE3 . TRP D 1 3 ? 3.315   5.275   -0.770  1.00 4.76  ? 3   TRP D HE3 1 
ATOM   529 H  HZ2 . TRP D 1 3 ? 3.774   5.102   -5.424  1.00 5.83  ? 3   TRP D HZ2 1 
ATOM   530 H  HZ3 . TRP D 1 3 ? 1.493   4.830   -2.128  1.00 4.92  ? 3   TRP D HZ3 1 
ATOM   531 H  HH2 . TRP D 1 3 ? 1.729   4.746   -4.425  1.00 5.49  ? 3   TRP D HH2 1 
ATOM   532 N  N   . SER D 1 4 ? 4.777   6.807   2.379   1.00 3.87  ? 4   SER D N   1 
ATOM   533 C  CA  A SER D 1 4 ? 4.578   6.472   3.798   0.50 3.41  ? 4   SER D CA  1 
ATOM   534 C  CA  B SER D 1 4 ? 4.673   6.412   3.769   0.23 3.73  ? 4   SER D CA  1 
ATOM   535 C  CA  C SER D 1 4 ? 4.662   6.432   3.772   0.27 5.08  ? 4   SER D CA  1 
ATOM   536 C  C   . SER D 1 4 ? 3.761   5.196   3.862   1.00 3.09  ? 4   SER D C   1 
ATOM   537 O  O   . SER D 1 4 ? 2.909   4.973   3.009   1.00 4.32  ? 4   SER D O   1 
ATOM   538 C  CB  A SER D 1 4 ? 3.779   7.556   4.535   0.50 4.81  ? 4   SER D CB  1 
ATOM   539 C  CB  B SER D 1 4 ? 4.115   7.558   4.601   0.23 3.89  ? 4   SER D CB  1 
ATOM   540 C  CB  C SER D 1 4 ? 4.093   7.600   4.577   0.27 8.39  ? 4   SER D CB  1 
ATOM   541 O  OG  A SER D 1 4 ? 4.461   8.789   4.563   0.50 6.36  ? 4   SER D OG  1 
ATOM   542 O  OG  B SER D 1 4 ? 2.892   8.009   4.038   0.23 4.08  ? 4   SER D OG  1 
ATOM   543 O  OG  C SER D 1 4 ? 4.308   7.415   5.956   0.27 11.19 ? 4   SER D OG  1 
ATOM   544 H  H   A SER D 1 4 ? 4.042   6.785   1.932   0.50 4.64  ? 4   SER D H   1 
ATOM   545 H  H   B SER D 1 4 ? 4.024   6.822   1.963   0.23 4.64  ? 4   SER D H   1 
ATOM   546 H  H   C SER D 1 4 ? 4.027   6.811   1.958   0.27 4.64  ? 4   SER D H   1 
ATOM   547 H  HA  A SER D 1 4 ? 5.439   6.335   4.246   0.50 4.09  ? 4   SER D HA  1 
ATOM   548 H  HA  B SER D 1 4 ? 5.558   6.172   4.114   0.23 4.48  ? 4   SER D HA  1 
ATOM   549 H  HA  C SER D 1 4 ? 5.546   6.206   4.127   0.27 6.10  ? 4   SER D HA  1 
ATOM   550 H  HB2 A SER D 1 4 ? 2.930   7.679   4.082   0.50 5.77  ? 4   SER D HB2 1 
ATOM   551 H  HB2 B SER D 1 4 ? 3.953   7.246   5.506   0.23 4.66  ? 4   SER D HB2 1 
ATOM   552 H  HB2 C SER D 1 4 ? 4.530   8.419   4.297   0.27 10.07 ? 4   SER D HB2 1 
ATOM   553 H  HB3 A SER D 1 4 ? 3.625   7.264   5.447   0.50 5.77  ? 4   SER D HB3 1 
ATOM   554 H  HB3 B SER D 1 4 ? 4.752   8.288   4.607   0.23 4.66  ? 4   SER D HB3 1 
ATOM   555 H  HB3 C SER D 1 4 ? 3.138   7.660   4.413   0.27 10.07 ? 4   SER D HB3 1 
ATOM   556 H  HG  A SER D 1 4 ? 4.013   9.347   4.962   0.50 7.63  ? 4   SER D HG  1 
ATOM   557 H  HG  B SER D 1 4 ? 2.588   8.626   4.484   0.23 4.89  ? 4   SER D HG  1 
ATOM   558 H  HG  C SER D 1 4 ? 3.998   8.048   6.376   0.27 13.43 ? 4   SER D HG  1 
ATOM   559 N  N   . PHE D 1 5 ? 3.961   4.412   4.925   1.00 3.22  ? 5   PHE D N   1 
ATOM   560 C  CA  . PHE D 1 5 ? 3.207   3.188   5.159   1.00 2.99  ? 5   PHE D CA  1 
ATOM   561 C  C   . PHE D 1 5 ? 2.707   3.235   6.600   1.00 3.21  ? 5   PHE D C   1 
ATOM   562 O  O   . PHE D 1 5 ? 3.504   3.190   7.536   1.00 3.98  ? 5   PHE D O   1 
ATOM   563 C  CB  . PHE D 1 5 ? 4.076   1.949   4.931   1.00 3.39  ? 5   PHE D CB  1 
ATOM   564 C  CG  . PHE D 1 5 ? 3.321   0.648   5.040   1.00 3.72  ? 5   PHE D CG  1 
ATOM   565 C  CD1 . PHE D 1 5 ? 2.486   0.226   4.008   1.00 4.87  ? 5   PHE D CD1 1 
ATOM   566 C  CD2 . PHE D 1 5 ? 3.438   -0.150  6.173   1.00 4.39  ? 5   PHE D CD2 1 
ATOM   567 C  CE1 . PHE D 1 5 ? 1.810   -0.962  4.096   1.00 6.69  ? 5   PHE D CE1 1 
ATOM   568 C  CE2 . PHE D 1 5 ? 2.758   -1.348  6.280   1.00 5.80  ? 5   PHE D CE2 1 
ATOM   569 C  CZ  . PHE D 1 5 ? 1.929   -1.744  5.243   1.00 7.27  ? 5   PHE D CZ  1 
ATOM   570 H  H   . PHE D 1 5 ? 4.542   4.576   5.537   1.00 3.87  ? 5   PHE D H   1 
ATOM   571 H  HA  . PHE D 1 5 ? 2.436   3.150   4.556   1.00 3.59  ? 5   PHE D HA  1 
ATOM   572 H  HB2 . PHE D 1 5 ? 4.459   1.994   4.041   1.00 4.07  ? 5   PHE D HB2 1 
ATOM   573 H  HB3 . PHE D 1 5 ? 4.784   1.937   5.593   1.00 4.07  ? 5   PHE D HB3 1 
ATOM   574 H  HD1 . PHE D 1 5 ? 2.400   0.748   3.243   1.00 5.85  ? 5   PHE D HD1 1 
ATOM   575 H  HD2 . PHE D 1 5 ? 3.992   0.123   6.869   1.00 5.27  ? 5   PHE D HD2 1 
ATOM   576 H  HE1 . PHE D 1 5 ? 1.251   -1.233  3.404   1.00 8.02  ? 5   PHE D HE1 1 
ATOM   577 H  HE2 . PHE D 1 5 ? 2.842   -1.872  7.043   1.00 6.96  ? 5   PHE D HE2 1 
ATOM   578 H  HZ  . PHE D 1 5 ? 1.467   -2.549  5.303   1.00 8.72  ? 5   PHE D HZ  1 
ATOM   579 N  N   . TYR D 1 6 ? 1.388   3.312   6.770   1.00 3.68  ? 6   TYR D N   1 
ATOM   580 C  CA  . TYR D 1 6 ? 0.786   3.401   8.097   1.00 4.59  ? 6   TYR D CA  1 
ATOM   581 C  C   . TYR D 1 6 ? -0.692  3.076   8.042   1.00 4.98  ? 6   TYR D C   1 
ATOM   582 O  O   . TYR D 1 6 ? -1.309  3.067   9.122   1.00 6.86  ? 6   TYR D O   1 
ATOM   583 C  CB  . TYR D 1 6 ? 1.027   4.762   8.747   1.00 5.91  ? 6   TYR D CB  1 
ATOM   584 C  CG  . TYR D 1 6 ? 0.579   5.953   7.961   1.00 6.51  ? 6   TYR D CG  1 
ATOM   585 C  CD1 . TYR D 1 6 ? 1.519   6.814   7.434   1.00 9.11  ? 6   TYR D CD1 1 
ATOM   586 C  CD2 . TYR D 1 6 ? -0.767  6.257   7.775   1.00 7.40  ? 6   TYR D CD2 1 
ATOM   587 C  CE1 . TYR D 1 6 ? 1.158   7.942   6.740   1.00 10.29 ? 6   TYR D CE1 1 
ATOM   588 C  CE2 . TYR D 1 6 ? -1.133  7.397   7.060   1.00 9.24  ? 6   TYR D CE2 1 
ATOM   589 C  CZ  . TYR D 1 6 ? -0.164  8.220   6.547   1.00 9.86  ? 6   TYR D CZ  1 
ATOM   590 O  OH  . TYR D 1 6 ? -0.498  9.346   5.859   1.00 12.27 ? 6   TYR D OH  1 
ATOM   591 O  OXT . TYR D 1 6 ? -1.210  2.853   6.932   1.00 5.68  ? 6   TYR D OXT 1 
ATOM   592 H  H   . TYR D 1 6 ? 0.817   3.314   6.126   1.00 4.42  ? 6   TYR D H   1 
ATOM   593 H  HA  . TYR D 1 6 ? 1.209   2.728   8.670   1.00 5.51  ? 6   TYR D HA  1 
ATOM   594 H  HB2 . TYR D 1 6 ? 0.558   4.782   9.596   1.00 7.10  ? 6   TYR D HB2 1 
ATOM   595 H  HB3 . TYR D 1 6 ? 1.980   4.860   8.904   1.00 7.10  ? 6   TYR D HB3 1 
ATOM   596 H  HD1 . TYR D 1 6 ? 2.423   6.633   7.563   1.00 10.93 ? 6   TYR D HD1 1 
ATOM   597 H  HD2 . TYR D 1 6 ? -1.422  5.697   8.124   1.00 8.88  ? 6   TYR D HD2 1 
ATOM   598 H  HE1 . TYR D 1 6 ? 1.809   8.505   6.389   1.00 12.35 ? 6   TYR D HE1 1 
ATOM   599 H  HE2 . TYR D 1 6 ? -2.032  7.596   6.931   1.00 11.09 ? 6   TYR D HE2 1 
ATOM   600 H  HH  . TYR D 1 6 ? -0.183  9.315   5.102   1.00 14.72 ? 6   TYR D HH  1 
HETATM 601 O  O2  A PE4 E 2 . ? 6.938   -1.661  -1.369  0.64 15.46 ? 101 PE4 B O2  1 
HETATM 602 O  O2  B PE4 E 2 . ? 7.764   -2.184  -1.271  0.36 16.01 ? 101 PE4 B O2  1 
HETATM 603 C  C3  A PE4 E 2 . ? 7.836   -0.659  -1.676  0.64 14.15 ? 101 PE4 B C3  1 
HETATM 604 C  C3  B PE4 E 2 . ? 7.635   -0.827  -1.024  0.36 16.21 ? 101 PE4 B C3  1 
HETATM 605 C  C4  A PE4 E 2 . ? 7.269   0.705   -1.896  0.64 12.27 ? 101 PE4 B C4  1 
HETATM 606 C  C4  B PE4 E 2 . ? 7.344   0.102   -2.161  0.36 14.70 ? 101 PE4 B C4  1 
HETATM 607 O  O3  A PE4 E 2 . ? 6.594   0.917   -3.076  0.64 12.04 ? 101 PE4 B O3  1 
HETATM 608 O  O3  B PE4 E 2 . ? 6.691   1.284   -1.855  0.36 14.32 ? 101 PE4 B O3  1 
HETATM 609 C  C5  A PE4 E 2 . ? 5.802   2.028   -3.260  0.64 10.87 ? 101 PE4 B C5  1 
HETATM 610 C  C5  B PE4 E 2 . ? 5.698   1.787   -2.676  0.36 13.97 ? 101 PE4 B C5  1 
HETATM 611 C  C6  A PE4 E 2 . ? 4.363   1.762   -2.997  0.64 12.01 ? 101 PE4 B C6  1 
HETATM 612 C  C6  B PE4 E 2 . ? 4.831   0.820   -3.411  0.36 13.79 ? 101 PE4 B C6  1 
HETATM 613 O  O4  A PE4 E 2 . ? 3.769   0.864   -3.857  0.64 12.46 ? 101 PE4 B O4  1 
HETATM 614 O  O4  B PE4 E 2 . ? 3.864   1.315   -4.264  0.36 15.00 ? 101 PE4 B O4  1 
HETATM 615 C  C7  A PE4 E 2 . ? 2.629   0.204   -3.476  0.64 14.69 ? 101 PE4 B C7  1 
HETATM 616 C  C7  B PE4 E 2 . ? 2.532   1.270   -3.886  0.36 16.23 ? 101 PE4 B C7  1 
HETATM 617 C  C8  A PE4 E 2 . ? 1.347   0.855   -3.836  0.64 16.49 ? 101 PE4 B C8  1 
HETATM 618 C  C8  B PE4 E 2 . ? 1.513   1.189   -4.973  0.36 15.98 ? 101 PE4 B C8  1 
HETATM 619 O  O5  A PE4 E 2 . ? 1.335   1.725   -4.906  0.64 16.90 ? 101 PE4 B O5  1 
HETATM 620 O  O5  B PE4 E 2 . ? 0.171   1.326   -4.698  0.36 15.62 ? 101 PE4 B O5  1 
HETATM 621 C  C9  A PE4 E 2 . ? 0.073   2.181   -5.266  0.64 16.95 ? 101 PE4 B C9  1 
HETATM 622 C  C9  B PE4 E 2 . ? -0.578  2.073   -5.581  0.36 15.48 ? 101 PE4 B C9  1 
HETATM 623 C  C10 A PE4 E 2 . ? -0.576  1.508   -6.424  0.64 16.71 ? 101 PE4 B C10 1 
HETATM 624 C  C10 B PE4 E 2 . ? -1.177  1.372   -6.754  0.36 16.80 ? 101 PE4 B C10 1 
HETATM 625 O  O6  A PE4 E 2 . ? -0.206  1.981   -7.659  0.64 14.41 ? 101 PE4 B O6  1 
HETATM 626 O  O6  B PE4 E 2 . ? -0.344  0.766   -7.668  0.36 17.43 ? 101 PE4 B O6  1 
HETATM 627 C  C11 A PE4 E 2 . ? -0.112  1.067   -8.699  0.64 14.05 ? 101 PE4 B C11 1 
HETATM 628 C  C11 B PE4 E 2 . ? -0.528  0.996   -9.010  0.36 17.54 ? 101 PE4 B C11 1 
HETATM 629 C  C12 A PE4 E 2 . ? 1.232   1.054   -9.370  0.64 15.53 ? 101 PE4 B C12 1 
HETATM 630 C  C12 B PE4 E 2 . ? 0.489   1.841   -9.697  0.36 17.65 ? 101 PE4 B C12 1 
HETATM 631 NA NA  . NA  F 3 . ? -10.246 -6.392  -0.190  1.00 48.94 ? 102 NA  B NA  1 
HETATM 632 O  O2  . PE4 G 2 . ? 0.031   10.344  10.301  0.29 15.46 ? 101 PE4 C O2  1 
HETATM 633 C  C3  . PE4 G 2 . ? -1.305  10.602  10.526  0.29 15.31 ? 101 PE4 C C3  1 
HETATM 634 C  C4  . PE4 G 2 . ? -2.010  11.476  9.546   0.29 14.69 ? 101 PE4 C C4  1 
HETATM 635 O  O3  . PE4 G 2 . ? -1.334  12.601  9.129   0.29 14.64 ? 101 PE4 C O3  1 
HETATM 636 C  C5  . PE4 G 2 . ? -1.843  13.403  8.135   0.29 13.19 ? 101 PE4 C C5  1 
HETATM 637 C  C6  . PE4 G 2 . ? -1.720  12.901  6.738   0.29 11.91 ? 101 PE4 C C6  1 
HETATM 638 O  O4  . PE4 G 2 . ? -1.805  13.810  5.715   0.29 11.70 ? 101 PE4 C O4  1 
HETATM 639 C  C7  . PE4 G 2 . ? -2.457  13.489  4.548   0.29 12.02 ? 101 PE4 C C7  1 
HETATM 640 C  C8  . PE4 G 2 . ? -2.238  14.400  3.391   0.29 12.89 ? 101 PE4 C C8  1 
HETATM 641 O  O5  . PE4 G 2 . ? -2.908  14.131  2.220   0.29 12.60 ? 101 PE4 C O5  1 
HETATM 642 C  C9  . PE4 G 2 . ? -4.013  14.897  1.931   0.29 10.67 ? 101 PE4 C C9  1 
HETATM 643 C  C10 . PE4 G 2 . ? -5.066  14.332  1.046   0.29 9.95  ? 101 PE4 C C10 1 
HETATM 644 O  O6  . PE4 G 2 . ? -6.060  15.212  0.666   0.29 10.61 ? 101 PE4 C O6  1 
HETATM 645 C  C11 . PE4 G 2 . ? -5.691  16.352  -0.021  0.29 8.11  ? 101 PE4 C C11 1 
HETATM 646 C  C12 . PE4 G 2 . ? -6.754  17.373  -0.278  0.29 8.15  ? 101 PE4 C C12 1 
HETATM 647 O  O   . HOH H 4 . ? -0.279  -6.199  -4.686  1.00 16.48 ? 101 HOH A O   1 
HETATM 648 O  O   . HOH H 4 . ? 0.265   -4.963  7.629   1.00 15.94 ? 102 HOH A O   1 
HETATM 649 O  O   . HOH H 4 . ? -7.231  -13.590 -8.473  1.00 20.16 ? 103 HOH A O   1 
HETATM 650 O  O   . HOH H 4 . ? -1.779  -0.891  -1.494  0.95 17.79 ? 104 HOH A O   1 
HETATM 651 O  O   . HOH H 4 . ? -0.149  -12.800 -4.889  0.84 20.27 ? 105 HOH A O   1 
HETATM 652 O  O   . HOH H 4 . ? -1.555  -12.943 -6.843  1.00 24.02 ? 106 HOH A O   1 
HETATM 653 O  O   . HOH H 4 . ? -4.313  -14.132 -9.064  1.00 29.57 ? 107 HOH A O   1 
HETATM 654 O  O   . HOH H 4 . ? 2.772   -6.607  -7.228  0.85 30.47 ? 108 HOH A O   1 
HETATM 655 O  O   . HOH H 4 . ? -0.329  -13.015 -9.246  0.87 32.54 ? 109 HOH A O   1 
HETATM 656 O  O   . HOH H 4 . ? 2.665   -5.982  -13.273 0.93 32.26 ? 110 HOH A O   1 
HETATM 657 O  O   . HOH H 4 . ? 1.702   -3.448  -13.856 0.94 34.22 ? 111 HOH A O   1 
HETATM 658 O  O   . HOH H 4 . ? -2.956  -9.086  -14.334 0.65 28.44 ? 112 HOH A O   1 
HETATM 659 O  O   . HOH I 4 . ? -2.925  -4.567  0.358   1.00 11.98 ? 201 HOH B O   1 
HETATM 660 O  O   . HOH I 4 . ? 0.761   -7.561  11.641  1.00 12.98 ? 202 HOH B O   1 
HETATM 661 O  O   . HOH I 4 . ? -1.790  -0.748  -11.152 0.92 14.99 ? 203 HOH B O   1 
HETATM 662 O  O   . HOH I 4 . ? 0.583   -2.168  -11.320 0.75 16.73 ? 204 HOH B O   1 
HETATM 663 O  O   . HOH I 4 . ? 0.419   1.575   -14.219 0.75 27.09 ? 205 HOH B O   1 
HETATM 664 O  O   . HOH I 4 . ? 3.515   -3.642  -3.029  0.66 22.49 ? 206 HOH B O   1 
HETATM 665 O  O   . HOH I 4 . ? 6.456   -1.105  -4.989  1.00 25.90 ? 207 HOH B O   1 
HETATM 666 O  O   . HOH I 4 . ? 4.636   -1.621  -2.086  0.70 22.49 ? 208 HOH B O   1 
HETATM 667 O  O   . HOH I 4 . ? 3.055   -5.326  -10.571 0.88 28.61 ? 209 HOH B O   1 
HETATM 668 O  O   . HOH I 4 . ? -5.367  -1.694  5.173   0.94 21.85 ? 210 HOH B O   1 
HETATM 669 O  O   . HOH I 4 . ? -9.120  -0.251  3.528   0.95 32.44 ? 211 HOH B O   1 
HETATM 670 O  O   . HOH I 4 . ? 3.008   -0.704  -11.320 0.82 26.12 ? 212 HOH B O   1 
HETATM 671 O  O   . HOH I 4 . ? -7.731  -2.110  7.077   0.88 35.84 ? 213 HOH B O   1 
HETATM 672 O  O   . HOH J 4 . ? 5.880   14.371  1.761   0.93 8.22  ? 201 HOH C O   1 
HETATM 673 O  O   . HOH J 4 . ? -0.152  5.644   4.311   1.00 14.17 ? 202 HOH C O   1 
HETATM 674 O  O   . HOH J 4 . ? -3.088  9.226   3.046   0.88 14.41 ? 203 HOH C O   1 
HETATM 675 O  O   . HOH J 4 . ? -2.894  5.062   4.690   1.00 18.56 ? 204 HOH C O   1 
HETATM 676 O  O   . HOH J 4 . ? 1.356   16.489  -1.526  1.00 16.90 ? 205 HOH C O   1 
HETATM 677 O  O   . HOH J 4 . ? -7.760  15.972  -3.606  1.00 17.15 ? 206 HOH C O   1 
HETATM 678 O  O   . HOH J 4 . ? -3.305  -2.711  9.719   0.99 25.69 ? 207 HOH C O   1 
HETATM 679 O  O   . HOH J 4 . ? -5.475  1.221   5.949   0.89 24.76 ? 208 HOH C O   1 
HETATM 680 O  O   . HOH J 4 . ? -5.060  0.172   8.690   1.00 23.35 ? 209 HOH C O   1 
HETATM 681 O  O   . HOH J 4 . ? -6.206  1.873   2.427   0.99 28.43 ? 210 HOH C O   1 
HETATM 682 O  O   . HOH J 4 . ? -3.753  -2.538  5.790   0.63 1.73  ? 211 HOH C O   1 
HETATM 683 O  O   . HOH J 4 . ? -6.741  -0.193  4.013   0.90 32.61 ? 212 HOH C O   1 
HETATM 684 O  O   . HOH J 4 . ? 3.906   10.213  7.115   0.91 13.65 ? 213 HOH C O   1 
HETATM 685 O  O   . HOH K 4 . ? -3.877  3.203   6.598   1.00 8.35  ? 101 HOH D O   1 
HETATM 686 O  O   . HOH K 4 . ? -0.352  2.636   11.595  0.96 15.24 ? 102 HOH D O   1 
HETATM 687 O  O   . HOH K 4 . ? 3.730   10.139  2.322   1.00 14.27 ? 103 HOH D O   1 
HETATM 688 O  O   . HOH K 4 . ? 4.602   13.310  -7.625  0.71 10.00 ? 104 HOH D O   1 
HETATM 689 O  O   . HOH K 4 . ? 2.999   19.048  -5.802  0.82 17.82 ? 105 HOH D O   1 
HETATM 690 O  O   . HOH K 4 . ? 4.543   18.123  -2.423  0.75 27.38 ? 106 HOH D O   1 
HETATM 691 O  O   . HOH K 4 . ? 5.282   12.043  3.178   0.59 22.27 ? 107 HOH D O   1 
HETATM 692 O  O   . HOH K 4 . ? 11.570  9.434   2.671   0.88 33.46 ? 108 HOH D O   1 
HETATM 693 O  O   . HOH K 4 . ? 10.670  13.503  -4.401  0.94 33.65 ? 109 HOH D O   1 
HETATM 694 O  O   . HOH K 4 . ? 10.654  13.303  3.075   0.53 32.58 ? 110 HOH D O   1 
HETATM 695 O  O   . HOH K 4 . ? 10.314  14.505  -0.701  0.89 34.59 ? 111 HOH D O   1 
# 
loop_
_atom_site_anisotrop.id 
_atom_site_anisotrop.type_symbol 
_atom_site_anisotrop.pdbx_label_atom_id 
_atom_site_anisotrop.pdbx_label_alt_id 
_atom_site_anisotrop.pdbx_label_comp_id 
_atom_site_anisotrop.pdbx_label_asym_id 
_atom_site_anisotrop.pdbx_label_seq_id 
_atom_site_anisotrop.pdbx_PDB_ins_code 
_atom_site_anisotrop.U[1][1] 
_atom_site_anisotrop.U[2][2] 
_atom_site_anisotrop.U[3][3] 
_atom_site_anisotrop.U[1][2] 
_atom_site_anisotrop.U[1][3] 
_atom_site_anisotrop.U[2][3] 
_atom_site_anisotrop.pdbx_auth_seq_id 
_atom_site_anisotrop.pdbx_auth_comp_id 
_atom_site_anisotrop.pdbx_auth_asym_id 
_atom_site_anisotrop.pdbx_auth_atom_id 
1   N  N   . LYS A 1 ? 0.2098 0.2124 0.1932 -0.0021 0.0897  -0.0332 1   LYS A N   
2   C  CA  A LYS A 1 ? 0.2038 0.1958 0.1267 0.0022  0.0711  -0.0101 1   LYS A CA  
3   C  CA  B LYS A 1 ? 0.1935 0.1967 0.1436 0.0081  0.0605  -0.0069 1   LYS A CA  
4   C  C   . LYS A 1 ? 0.2043 0.1759 0.1230 -0.0003 0.0616  -0.0098 1   LYS A C   
5   O  O   . LYS A 1 ? 0.2661 0.1923 0.1519 -0.0245 0.0737  -0.0475 1   LYS A O   
6   C  CB  A LYS A 1 ? 0.1993 0.2012 0.0919 0.0043  0.0601  -0.0011 1   LYS A CB  
7   C  CB  B LYS A 1 ? 0.1743 0.2077 0.1538 0.0155  0.0295  -0.0001 1   LYS A CB  
8   C  CG  A LYS A 1 ? 0.2041 0.1981 0.0989 0.0059  0.0608  0.0022  1   LYS A CG  
9   C  CG  B LYS A 1 ? 0.1826 0.2058 0.1742 0.0149  0.0224  0.0065  1   LYS A CG  
10  C  CD  A LYS A 1 ? 0.2039 0.1939 0.1101 0.0106  0.0584  0.0055  1   LYS A CD  
11  C  CD  B LYS A 1 ? 0.1808 0.1982 0.1940 0.0218  0.0161  0.0151  1   LYS A CD  
12  C  CE  A LYS A 1 ? 0.2161 0.2040 0.1032 0.0014  0.0611  0.0011  1   LYS A CE  
13  C  CE  B LYS A 1 ? 0.2112 0.2081 0.2295 0.0029  0.0342  0.0022  1   LYS A CE  
14  N  NZ  A LYS A 1 ? 0.2202 0.2105 0.1357 -0.0029 0.0644  -0.0110 1   LYS A NZ  
15  N  NZ  B LYS A 1 ? 0.2447 0.2292 0.2873 -0.0226 0.0639  -0.0251 1   LYS A NZ  
46  N  N   . ASP A 2 ? 0.1421 0.1373 0.1055 0.0166  0.0588  0.0036  2   ASP A N   
47  C  CA  A ASP A 2 ? 0.1261 0.1175 0.1343 0.0162  0.0563  0.0050  2   ASP A CA  
48  C  CA  B ASP A 2 ? 0.1365 0.1079 0.1083 0.0193  0.0480  0.0098  2   ASP A CA  
49  C  C   . ASP A 2 ? 0.0825 0.0926 0.0905 0.0198  0.0152  0.0097  2   ASP A C   
50  O  O   . ASP A 2 ? 0.0821 0.0821 0.0984 -0.0007 0.0185  0.0051  2   ASP A O   
51  C  CB  A ASP A 2 ? 0.1437 0.1635 0.2116 -0.0052 0.0621  -0.0242 2   ASP A CB  
52  C  CB  B ASP A 2 ? 0.1435 0.1261 0.1637 0.0262  0.0213  -0.0074 2   ASP A CB  
53  C  CG  A ASP A 2 ? 0.1854 0.2165 0.2809 -0.0426 0.0657  -0.0705 2   ASP A CG  
54  C  CG  B ASP A 2 ? 0.1926 0.1774 0.2784 -0.0086 0.0455  -0.0609 2   ASP A CG  
55  O  OD1 A ASP A 2 ? 0.2108 0.2415 0.3181 -0.0645 0.0713  -0.0959 2   ASP A OD1 
56  O  OD1 B ASP A 2 ? 0.1958 0.1941 0.3464 -0.0119 0.0546  -0.0854 2   ASP A OD1 
57  O  OD2 A ASP A 2 ? 0.2065 0.2345 0.3008 -0.0592 0.0701  -0.0844 2   ASP A OD2 
58  O  OD2 B ASP A 2 ? 0.2087 0.1976 0.3139 -0.0200 0.0464  -0.0801 2   ASP A OD2 
67  N  N   . TRP A 3 ? 0.0826 0.0702 0.0825 0.0029  0.0097  -0.0015 3   TRP A N   
68  C  CA  . TRP A 3 ? 0.0751 0.0703 0.0653 0.0021  -0.0027 -0.0015 3   TRP A CA  
69  C  C   . TRP A 3 ? 0.0672 0.0777 0.0797 0.0097  -0.0133 0.0081  3   TRP A C   
70  O  O   . TRP A 3 ? 0.0983 0.1165 0.1065 0.0235  -0.0189 -0.0051 3   TRP A O   
71  C  CB  . TRP A 3 ? 0.0903 0.0556 0.0794 -0.0039 -0.0001 0.0065  3   TRP A CB  
72  C  CG  . TRP A 3 ? 0.0911 0.0540 0.0683 -0.0176 0.0045  0.0035  3   TRP A CG  
73  C  CD1 . TRP A 3 ? 0.1040 0.0589 0.0720 -0.0263 0.0128  -0.0115 3   TRP A CD1 
74  C  CD2 . TRP A 3 ? 0.0720 0.0542 0.0584 -0.0217 -0.0005 0.0087  3   TRP A CD2 
75  N  NE1 . TRP A 3 ? 0.1001 0.0748 0.0792 -0.0341 0.0019  -0.0142 3   TRP A NE1 
76  C  CE2 . TRP A 3 ? 0.0825 0.0730 0.0641 -0.0312 -0.0009 -0.0025 3   TRP A CE2 
77  C  CE3 . TRP A 3 ? 0.0784 0.0647 0.0498 -0.0220 -0.0019 0.0111  3   TRP A CE3 
78  C  CZ2 . TRP A 3 ? 0.0749 0.1025 0.0615 -0.0314 -0.0100 0.0076  3   TRP A CZ2 
79  C  CZ3 . TRP A 3 ? 0.0756 0.0786 0.0604 -0.0110 -0.0009 0.0181  3   TRP A CZ3 
80  C  CH2 . TRP A 3 ? 0.0665 0.1035 0.0632 -0.0147 -0.0047 0.0133  3   TRP A CH2 
91  N  N   . SER A 4 ? 0.0540 0.0679 0.0769 -0.0079 -0.0184 0.0144  4   SER A N   
92  C  CA  A SER A 4 ? 0.0633 0.0749 0.0688 -0.0154 -0.0272 0.0175  4   SER A CA  
93  C  CA  B SER A 4 ? 0.0773 0.0807 0.0957 -0.0219 -0.0164 0.0002  4   SER A CA  
94  C  C   . SER A 4 ? 0.0640 0.0664 0.0803 -0.0081 -0.0264 0.0117  4   SER A C   
95  O  O   . SER A 4 ? 0.0803 0.0890 0.0733 0.0042  -0.0284 0.0093  4   SER A O   
96  C  CB  A SER A 4 ? 0.0755 0.1009 0.0759 -0.0336 -0.0238 0.0155  4   SER A CB  
97  C  CB  B SER A 4 ? 0.1029 0.1042 0.1175 -0.0404 -0.0188 -0.0167 4   SER A CB  
98  O  OG  A SER A 4 ? 0.0808 0.1333 0.0971 -0.0502 -0.0087 0.0066  4   SER A OG  
99  O  OG  B SER A 4 ? 0.1291 0.1150 0.1656 -0.0527 -0.0104 -0.0303 4   SER A OG  
110 N  N   . PHE A 5 ? 0.0648 0.0627 0.0667 -0.0105 -0.0285 0.0074  5   PHE A N   
111 C  CA  . PHE A 5 ? 0.0727 0.0543 0.0674 -0.0120 -0.0284 -0.0032 5   PHE A CA  
112 C  C   . PHE A 5 ? 0.0817 0.0496 0.0705 -0.0122 -0.0389 0.0116  5   PHE A C   
113 O  O   . PHE A 5 ? 0.0984 0.0495 0.0850 -0.0096 -0.0502 0.0043  5   PHE A O   
114 C  CB  . PHE A 5 ? 0.0751 0.0517 0.0632 -0.0125 -0.0190 -0.0095 5   PHE A CB  
115 C  CG  . PHE A 5 ? 0.0885 0.0574 0.0656 -0.0197 -0.0116 -0.0084 5   PHE A CG  
116 C  CD1 . PHE A 5 ? 0.0749 0.0766 0.0820 -0.0143 -0.0124 -0.0206 5   PHE A CD1 
117 C  CD2 . PHE A 5 ? 0.1046 0.0630 0.0824 -0.0063 -0.0076 0.0053  5   PHE A CD2 
118 C  CE1 . PHE A 5 ? 0.0931 0.1029 0.1055 -0.0169 0.0084  -0.0212 5   PHE A CE1 
119 C  CE2 . PHE A 5 ? 0.1184 0.0994 0.0865 -0.0122 0.0060  0.0021  5   PHE A CE2 
120 C  CZ  . PHE A 5 ? 0.1212 0.1131 0.0959 -0.0234 0.0324  -0.0092 5   PHE A CZ  
130 N  N   . TYR A 6 ? 0.0970 0.0415 0.0844 -0.0124 -0.0442 -0.0007 6   TYR A N   
131 C  CA  . TYR A 6 ? 0.1148 0.0502 0.1045 -0.0129 -0.0565 -0.0010 6   TYR A CA  
132 C  C   . TYR A 6 ? 0.1264 0.0589 0.0851 -0.0190 -0.0512 -0.0023 6   TYR A C   
133 O  O   . TYR A 6 ? 0.1216 0.0636 0.0889 -0.0133 -0.0290 -0.0150 6   TYR A O   
134 C  CB  . TYR A 6 ? 0.1004 0.0788 0.1471 -0.0197 -0.0484 -0.0235 6   TYR A CB  
135 C  CG  . TYR A 6 ? 0.0864 0.0977 0.1531 -0.0293 -0.0247 -0.0398 6   TYR A CG  
136 C  CD1 . TYR A 6 ? 0.1030 0.1172 0.2048 -0.0375 0.0000  -0.0526 6   TYR A CD1 
137 C  CD2 . TYR A 6 ? 0.1106 0.0838 0.1123 -0.0426 -0.0089 -0.0211 6   TYR A CD2 
138 C  CE1 . TYR A 6 ? 0.1143 0.1550 0.1798 -0.0594 0.0199  -0.0692 6   TYR A CE1 
139 C  CE2 . TYR A 6 ? 0.1172 0.1145 0.1103 -0.0529 -0.0080 -0.0291 6   TYR A CE2 
140 C  CZ  . TYR A 6 ? 0.1436 0.1454 0.1330 -0.0784 0.0226  -0.0468 6   TYR A CZ  
141 O  OH  . TYR A 6 ? 0.2104 0.1819 0.1469 -0.1097 0.0439  -0.0530 6   TYR A OH  
142 O  OXT . TYR A 6 ? 0.1622 0.0687 0.1003 -0.0204 -0.0604 -0.0051 6   TYR A OXT 
152 N  N   . LYS B 1 ? 0.2814 0.2430 0.1693 -0.0578 0.0053  -0.0712 1   LYS B N   
153 C  CA  . LYS B 1 ? 0.2523 0.2082 0.0813 -0.0466 -0.0111 -0.0327 1   LYS B CA  
154 C  C   . LYS B 1 ? 0.2055 0.1641 0.0671 -0.0288 0.0019  -0.0171 1   LYS B C   
155 O  O   . LYS B 1 ? 0.2051 0.1925 0.1156 -0.0283 0.0255  -0.0258 1   LYS B O   
156 C  CB  . LYS B 1 ? 0.2344 0.2145 0.1876 -0.0256 -0.0253 -0.0473 1   LYS B CB  
157 C  CG  . LYS B 1 ? 0.2416 0.2078 0.2211 -0.0160 -0.0234 -0.0457 1   LYS B CG  
158 C  CD  . LYS B 1 ? 0.2296 0.1545 0.1368 0.0123  -0.0432 0.0060  1   LYS B CD  
159 C  CE  . LYS B 1 ? 0.2252 0.1560 0.1231 0.0183  -0.0479 0.0026  1   LYS B CE  
160 N  NZ  . LYS B 1 ? 0.2394 0.1229 0.1240 0.0163  -0.0450 -0.0035 1   LYS B NZ  
176 N  N   . ASP B 2 ? 0.1447 0.1135 0.0660 -0.0114 -0.0119 -0.0194 2   ASP B N   
177 C  CA  A ASP B 2 ? 0.0961 0.1113 0.0822 0.0028  -0.0286 -0.0281 2   ASP B CA  
178 C  CA  B ASP B 2 ? 0.1184 0.1101 0.0829 -0.0061 -0.0078 -0.0236 2   ASP B CA  
179 C  C   . ASP B 2 ? 0.0930 0.0740 0.0635 -0.0039 -0.0114 -0.0072 2   ASP B C   
180 O  O   . ASP B 2 ? 0.0860 0.0922 0.0723 -0.0083 -0.0223 -0.0235 2   ASP B O   
181 C  CB  A ASP B 2 ? 0.0916 0.1381 0.1405 0.0150  -0.0382 -0.0464 2   ASP B CB  
182 C  CB  B ASP B 2 ? 0.1340 0.1382 0.1218 -0.0021 -0.0010 -0.0342 2   ASP B CB  
183 C  CG  A ASP B 2 ? 0.1259 0.1814 0.2215 -0.0127 -0.0075 -0.0874 2   ASP B CG  
184 C  CG  B ASP B 2 ? 0.1517 0.1661 0.2000 -0.0093 0.0200  -0.0556 2   ASP B CG  
185 O  OD1 A ASP B 2 ? 0.1381 0.2014 0.2610 -0.0212 0.0088  -0.0998 2   ASP B OD1 
186 O  OD1 B ASP B 2 ? 0.1509 0.1728 0.2004 -0.0035 0.0154  -0.0502 2   ASP B OD1 
187 O  OD2 A ASP B 2 ? 0.1452 0.1889 0.2706 -0.0208 0.0075  -0.1062 2   ASP B OD2 
188 O  OD2 B ASP B 2 ? 0.1590 0.1765 0.2519 -0.0103 0.0239  -0.0704 2   ASP B OD2 
197 N  N   . TRP B 3 ? 0.0766 0.0817 0.0638 -0.0113 -0.0167 -0.0141 3   TRP B N   
198 C  CA  . TRP B 3 ? 0.0823 0.0678 0.0585 -0.0075 -0.0203 0.0011  3   TRP B CA  
199 C  C   . TRP B 3 ? 0.0822 0.0704 0.0655 0.0059  -0.0203 0.0011  3   TRP B C   
200 O  O   . TRP B 3 ? 0.1316 0.0760 0.1002 0.0203  -0.0003 0.0078  3   TRP B O   
201 C  CB  . TRP B 3 ? 0.0977 0.0755 0.0633 -0.0177 -0.0258 -0.0069 3   TRP B CB  
202 C  CG  . TRP B 3 ? 0.1000 0.0915 0.0748 -0.0322 -0.0341 -0.0153 3   TRP B CG  
203 C  CD1 . TRP B 3 ? 0.0998 0.0983 0.0941 -0.0386 -0.0315 -0.0042 3   TRP B CD1 
204 C  CD2 . TRP B 3 ? 0.1173 0.0838 0.0726 -0.0263 -0.0417 -0.0096 3   TRP B CD2 
205 N  NE1 . TRP B 3 ? 0.1266 0.0960 0.0830 -0.0521 -0.0287 0.0005  3   TRP B NE1 
206 C  CE2 . TRP B 3 ? 0.1416 0.0771 0.0825 -0.0380 -0.0449 -0.0002 3   TRP B CE2 
207 C  CE3 . TRP B 3 ? 0.1386 0.0716 0.0771 -0.0091 -0.0515 -0.0099 3   TRP B CE3 
208 C  CZ2 . TRP B 3 ? 0.1811 0.0742 0.0914 -0.0372 -0.0515 0.0018  3   TRP B CZ2 
209 C  CZ3 . TRP B 3 ? 0.1694 0.0695 0.0932 -0.0087 -0.0620 -0.0067 3   TRP B CZ3 
210 C  CH2 . TRP B 3 ? 0.1908 0.0655 0.1089 -0.0188 -0.0617 -0.0040 3   TRP B CH2 
221 N  N   . SER B 4 ? 0.0776 0.0565 0.0625 -0.0053 -0.0244 -0.0003 4   SER B N   
222 C  CA  A SER B 4 ? 0.0980 0.0500 0.0573 -0.0163 -0.0233 0.0035  4   SER B CA  
223 C  CA  B SER B 4 ? 0.0768 0.0557 0.0585 -0.0107 -0.0207 0.0038  4   SER B CA  
224 C  C   . SER B 4 ? 0.0677 0.0517 0.0616 -0.0092 -0.0153 0.0067  4   SER B C   
225 O  O   . SER B 4 ? 0.0852 0.0579 0.0673 -0.0034 -0.0208 0.0089  4   SER B O   
226 C  CB  A SER B 4 ? 0.1401 0.0707 0.0910 -0.0429 -0.0109 -0.0093 4   SER B CB  
227 C  CB  B SER B 4 ? 0.0893 0.0593 0.0510 -0.0193 -0.0214 0.0076  4   SER B CB  
228 O  OG  A SER B 4 ? 0.1719 0.0886 0.1076 -0.0620 -0.0057 -0.0129 4   SER B OG  
229 O  OG  B SER B 4 ? 0.1068 0.0708 0.0711 -0.0335 0.0001  -0.0002 4   SER B OG  
240 N  N   . PHE B 5 ? 0.0721 0.0465 0.0633 -0.0060 -0.0190 0.0095  5   PHE B N   
241 C  CA  . PHE B 5 ? 0.0711 0.0594 0.0664 -0.0107 -0.0101 0.0097  5   PHE B CA  
242 C  C   . PHE B 5 ? 0.0659 0.0778 0.0631 -0.0107 -0.0148 0.0178  5   PHE B C   
243 O  O   . PHE B 5 ? 0.0699 0.0841 0.0871 -0.0145 -0.0102 0.0353  5   PHE B O   
244 C  CB  . PHE B 5 ? 0.0651 0.0568 0.0653 -0.0153 -0.0077 0.0078  5   PHE B CB  
245 C  CG  . PHE B 5 ? 0.0972 0.0743 0.0667 -0.0227 0.0008  0.0018  5   PHE B CG  
246 C  CD1 . PHE B 5 ? 0.1218 0.0768 0.0794 -0.0184 0.0195  -0.0038 5   PHE B CD1 
247 C  CD2 . PHE B 5 ? 0.1467 0.0944 0.0631 -0.0309 0.0007  0.0038  5   PHE B CD2 
248 C  CE1 . PHE B 5 ? 0.1732 0.0940 0.1123 -0.0297 0.0388  -0.0211 5   PHE B CE1 
249 C  CE2 . PHE B 5 ? 0.2178 0.1224 0.0799 -0.0556 0.0311  -0.0185 5   PHE B CE2 
250 C  CZ  . PHE B 5 ? 0.2233 0.1369 0.1130 -0.0628 0.0557  -0.0515 5   PHE B CZ  
260 N  N   . TYR B 6 ? 0.0686 0.0826 0.0907 -0.0062 0.0009  0.0252  6   TYR B N   
261 C  CA  . TYR B 6 ? 0.0850 0.1023 0.1032 -0.0149 0.0166  0.0243  6   TYR B CA  
262 C  C   . TYR B 6 ? 0.0856 0.1233 0.1235 -0.0123 0.0223  0.0191  6   TYR B C   
263 O  O   . TYR B 6 ? 0.0832 0.1284 0.1701 -0.0010 0.0251  0.0143  6   TYR B O   
264 C  CB  . TYR B 6 ? 0.1070 0.0860 0.1611 -0.0263 0.0429  0.0260  6   TYR B CB  
265 C  CG  . TYR B 6 ? 0.1357 0.1507 0.1764 -0.0687 0.0531  -0.0277 6   TYR B CG  
266 C  CD1 . TYR B 6 ? 0.1492 0.2149 0.1672 -0.0843 0.0367  -0.0647 6   TYR B CD1 
267 C  CD2 . TYR B 6 ? 0.1655 0.1735 0.2021 -0.0874 0.0686  -0.0541 6   TYR B CD2 
268 C  CE1 . TYR B 6 ? 0.1772 0.2402 0.1999 -0.0949 0.0407  -0.0828 6   TYR B CE1 
269 C  CE2 . TYR B 6 ? 0.1732 0.1972 0.2005 -0.0930 0.0482  -0.0691 6   TYR B CE2 
270 C  CZ  . TYR B 6 ? 0.1834 0.2326 0.1728 -0.0984 0.0286  -0.0736 6   TYR B CZ  
271 O  OH  . TYR B 6 ? 0.2366 0.2749 0.2087 -0.1273 0.0466  -0.1029 6   TYR B OH  
272 O  OXT . TYR B 6 ? 0.1088 0.1383 0.1499 -0.0266 0.0481  0.0158  6   TYR B OXT 
282 N  N   . LYS C 1 ? 0.1111 0.0953 0.1113 -0.0243 0.0142  0.0143  1   LYS C N   
283 C  CA  A LYS C 1 ? 0.0969 0.0681 0.0859 -0.0151 0.0076  0.0148  1   LYS C CA  
284 C  CA  B LYS C 1 ? 0.0963 0.0630 0.0736 -0.0041 -0.0021 0.0148  1   LYS C CA  
285 C  CA  C LYS C 1 ? 0.1056 0.0657 0.0844 -0.0180 0.0038  0.0194  1   LYS C CA  
286 C  C   . LYS C 1 ? 0.0689 0.0546 0.0829 -0.0070 -0.0019 0.0038  1   LYS C C   
287 O  O   . LYS C 1 ? 0.1127 0.0509 0.0987 -0.0332 -0.0100 0.0015  1   LYS C O   
288 C  CB  A LYS C 1 ? 0.1027 0.0605 0.0849 -0.0130 0.0060  0.0200  1   LYS C CB  
289 C  CB  B LYS C 1 ? 0.1043 0.0604 0.0907 0.0119  -0.0192 0.0002  1   LYS C CB  
290 C  CB  C LYS C 1 ? 0.1045 0.0796 0.0786 -0.0186 -0.0250 0.0146  1   LYS C CB  
291 C  CG  A LYS C 1 ? 0.1017 0.0548 0.0706 -0.0087 0.0035  0.0348  1   LYS C CG  
292 C  CG  B LYS C 1 ? 0.1200 0.0776 0.1097 0.0156  -0.0189 -0.0030 1   LYS C CG  
293 C  CG  C LYS C 1 ? 0.1152 0.0841 0.0886 -0.0162 -0.0273 0.0116  1   LYS C CG  
294 C  CD  A LYS C 1 ? 0.0962 0.0616 0.0596 -0.0072 -0.0015 0.0347  1   LYS C CD  
295 C  CD  B LYS C 1 ? 0.1295 0.0984 0.1125 0.0062  -0.0124 -0.0011 1   LYS C CD  
296 C  CD  C LYS C 1 ? 0.1146 0.0808 0.1104 -0.0107 -0.0254 0.0054  1   LYS C CD  
297 C  CE  A LYS C 1 ? 0.0909 0.0794 0.0604 -0.0106 -0.0068 0.0253  1   LYS C CE  
298 C  CE  B LYS C 1 ? 0.1397 0.1199 0.1826 -0.0033 0.0115  -0.0248 1   LYS C CE  
299 C  CE  C LYS C 1 ? 0.1060 0.0800 0.0861 -0.0049 -0.0369 0.0128  1   LYS C CE  
300 N  NZ  A LYS C 1 ? 0.0922 0.0895 0.0987 -0.0167 0.0008  0.0071  1   LYS C NZ  
301 N  NZ  B LYS C 1 ? 0.1247 0.1094 0.1543 0.0100  0.0034  -0.0002 1   LYS C NZ  
302 N  NZ  C LYS C 1 ? 0.1111 0.0878 0.1111 -0.0090 -0.0290 -0.0033 1   LYS C NZ  
348 N  N   . ASP C 2 ? 0.0582 0.0489 0.0685 -0.0092 -0.0020 -0.0052 2   ASP C N   
349 C  CA  A ASP C 2 ? 0.0641 0.0617 0.0650 -0.0112 -0.0089 -0.0056 2   ASP C CA  
350 C  CA  B ASP C 2 ? 0.0679 0.0541 0.0767 -0.0161 -0.0014 -0.0128 2   ASP C CA  
351 C  C   . ASP C 2 ? 0.0474 0.0448 0.0604 -0.0072 -0.0166 -0.0021 2   ASP C C   
352 O  O   . ASP C 2 ? 0.0511 0.0537 0.0598 -0.0110 -0.0097 -0.0063 2   ASP C O   
353 C  CB  A ASP C 2 ? 0.0651 0.1075 0.1011 -0.0098 -0.0362 0.0059  2   ASP C CB  
354 C  CB  B ASP C 2 ? 0.0941 0.0765 0.1139 -0.0314 0.0139  -0.0304 2   ASP C CB  
355 C  CG  A ASP C 2 ? 0.1176 0.1084 0.1208 -0.0277 -0.0628 0.0181  2   ASP C CG  
356 C  CG  B ASP C 2 ? 0.1141 0.0814 0.1473 -0.0378 0.0245  -0.0405 2   ASP C CG  
357 O  OD1 A ASP C 2 ? 0.1485 0.1430 0.1682 -0.0358 -0.0788 0.0017  2   ASP C OD1 
358 O  OD1 B ASP C 2 ? 0.1166 0.0750 0.1618 -0.0351 0.0214  -0.0397 2   ASP C OD1 
359 O  OD2 A ASP C 2 ? 0.1465 0.1120 0.1007 -0.0607 -0.0515 0.0153  2   ASP C OD2 
360 O  OD2 B ASP C 2 ? 0.1309 0.1047 0.1782 -0.0501 0.0402  -0.0570 2   ASP C OD2 
369 N  N   . TRP C 3 ? 0.0691 0.0508 0.0462 -0.0205 -0.0144 -0.0002 3   TRP C N   
370 C  CA  . TRP C 3 ? 0.0683 0.0510 0.0509 -0.0186 -0.0203 0.0047  3   TRP C CA  
371 C  C   . TRP C 3 ? 0.0535 0.0646 0.0670 -0.0216 -0.0267 0.0145  3   TRP C C   
372 O  O   . TRP C 3 ? 0.0932 0.0794 0.1224 -0.0324 -0.0577 0.0350  3   TRP C O   
373 C  CB  . TRP C 3 ? 0.0889 0.0692 0.0521 -0.0268 -0.0116 -0.0083 3   TRP C CB  
374 C  CG  . TRP C 3 ? 0.1126 0.0510 0.0556 -0.0106 -0.0023 -0.0080 3   TRP C CG  
375 C  CD1 . TRP C 3 ? 0.1378 0.0773 0.0733 -0.0195 0.0018  -0.0237 3   TRP C CD1 
376 C  CD2 . TRP C 3 ? 0.0845 0.0547 0.0643 0.0102  0.0084  -0.0038 3   TRP C CD2 
377 N  NE1 . TRP C 3 ? 0.1433 0.0542 0.1040 0.0058  0.0034  -0.0197 3   TRP C NE1 
378 C  CE2 . TRP C 3 ? 0.1201 0.0641 0.0810 0.0065  0.0225  -0.0105 3   TRP C CE2 
379 C  CE3 . TRP C 3 ? 0.0593 0.0674 0.0680 0.0157  0.0072  0.0082  3   TRP C CE3 
380 C  CZ2 . TRP C 3 ? 0.0926 0.0738 0.1020 0.0335  0.0065  -0.0005 3   TRP C CZ2 
381 C  CZ3 . TRP C 3 ? 0.0674 0.0843 0.0867 0.0152  0.0141  0.0193  3   TRP C CZ3 
382 C  CH2 . TRP C 3 ? 0.0807 0.0937 0.0965 0.0249  0.0118  0.0158  3   TRP C CH2 
393 N  N   . SER C 4 ? 0.0352 0.0571 0.0448 -0.0078 -0.0095 0.0051  4   SER C N   
394 C  CA  A SER C 4 ? 0.0293 0.0620 0.0433 0.0100  0.0011  0.0106  4   SER C CA  
395 C  CA  B SER C 4 ? 0.0323 0.0605 0.0380 -0.0023 -0.0127 -0.0010 4   SER C CA  
396 C  C   . SER C 4 ? 0.0305 0.0444 0.0427 0.0004  -0.0051 -0.0010 4   SER C C   
397 O  O   . SER C 4 ? 0.0406 0.0588 0.0516 -0.0029 -0.0105 0.0073  4   SER C O   
398 C  CB  A SER C 4 ? 0.0529 0.0734 0.0782 0.0220  0.0061  0.0190  4   SER C CB  
399 C  CB  B SER C 4 ? 0.0404 0.0636 0.0561 0.0027  -0.0141 0.0012  4   SER C CB  
400 O  OG  A SER C 4 ? 0.0852 0.0903 0.0977 0.0164  0.0416  0.0203  4   SER C OG  
401 O  OG  B SER C 4 ? 0.0782 0.0644 0.1026 -0.0117 0.0057  -0.0132 4   SER C OG  
412 N  N   . PHE C 5 ? 0.0324 0.0484 0.0381 -0.0016 -0.0060 -0.0035 5   PHE C N   
413 C  CA  . PHE C 5 ? 0.0329 0.0496 0.0406 -0.0049 -0.0034 -0.0023 5   PHE C CA  
414 C  C   . PHE C 5 ? 0.0569 0.0470 0.0346 -0.0142 -0.0033 -0.0035 5   PHE C C   
415 O  O   . PHE C 5 ? 0.0590 0.0480 0.0552 -0.0032 -0.0209 -0.0018 5   PHE C O   
416 C  CB  . PHE C 5 ? 0.0424 0.0432 0.0522 -0.0044 -0.0047 -0.0030 5   PHE C CB  
417 C  CG  . PHE C 5 ? 0.0523 0.0611 0.0461 -0.0041 0.0057  0.0012  5   PHE C CG  
418 C  CD1 . PHE C 5 ? 0.0477 0.0790 0.0850 0.0000  0.0097  0.0058  5   PHE C CD1 
419 C  CD2 . PHE C 5 ? 0.0839 0.0883 0.0622 -0.0067 0.0143  0.0102  5   PHE C CD2 
420 C  CE1 . PHE C 5 ? 0.0697 0.1126 0.1285 -0.0111 0.0343  -0.0074 5   PHE C CE1 
421 C  CE2 . PHE C 5 ? 0.1185 0.1193 0.0768 -0.0266 0.0288  0.0091  5   PHE C CE2 
422 C  CZ  . PHE C 5 ? 0.1084 0.1233 0.1231 -0.0298 0.0619  0.0020  5   PHE C CZ  
432 N  N   . TYR C 6 ? 0.0639 0.0460 0.0578 -0.0093 -0.0207 -0.0069 6   TYR C N   
433 C  CA  . TYR C 6 ? 0.0883 0.0507 0.0866 -0.0093 -0.0193 -0.0098 6   TYR C CA  
434 C  C   . TYR C 6 ? 0.1113 0.0560 0.0895 -0.0189 -0.0274 -0.0083 6   TYR C C   
435 O  O   . TYR C 6 ? 0.0936 0.0763 0.1118 -0.0247 -0.0275 -0.0222 6   TYR C O   
436 C  CB  . TYR C 6 ? 0.0858 0.0550 0.1118 0.0101  -0.0039 -0.0133 6   TYR C CB  
437 C  CG  . TYR C 6 ? 0.1243 0.0502 0.1102 0.0104  0.0087  -0.0215 6   TYR C CG  
438 C  CD1 . TYR C 6 ? 0.1581 0.0678 0.1284 0.0003  0.0233  -0.0244 6   TYR C CD1 
439 C  CD2 . TYR C 6 ? 0.1471 0.0782 0.1004 0.0111  0.0092  -0.0290 6   TYR C CD2 
440 C  CE1 . TYR C 6 ? 0.2067 0.0802 0.1304 -0.0043 0.0452  -0.0077 6   TYR C CE1 
441 C  CE2 . TYR C 6 ? 0.1750 0.0884 0.1219 0.0180  0.0066  -0.0303 6   TYR C CE2 
442 C  CZ  . TYR C 6 ? 0.2114 0.1022 0.0937 0.0065  0.0336  -0.0241 6   TYR C CZ  
443 O  OH  . TYR C 6 ? 0.2400 0.1188 0.1286 0.0166  0.0392  -0.0219 6   TYR C OH  
444 O  OXT . TYR C 6 ? 0.1300 0.0564 0.1270 -0.0213 -0.0324 -0.0185 6   TYR C OXT 
454 N  N   . LYS D 1 ? 0.2628 0.1685 0.2462 -0.0553 0.0679  0.0315  1   LYS D N   
455 C  CA  . LYS D 1 ? 0.2354 0.1497 0.1967 -0.0423 0.0407  0.0506  1   LYS D CA  
456 C  C   . LYS D 1 ? 0.1846 0.1461 0.2258 -0.0428 0.0672  0.0281  1   LYS D C   
457 O  O   . LYS D 1 ? 0.2116 0.1794 0.3015 -0.0518 0.1211  0.0125  1   LYS D O   
458 C  CB  . LYS D 1 ? 0.2653 0.1906 0.1910 -0.0493 0.0098  0.0241  1   LYS D CB  
459 C  CG  . LYS D 1 ? 0.2797 0.2149 0.2189 -0.0514 0.0215  0.0021  1   LYS D CG  
460 C  CD  . LYS D 1 ? 0.2698 0.2112 0.2985 -0.0360 0.0243  -0.0146 1   LYS D CD  
461 C  CE  . LYS D 1 ? 0.2729 0.2008 0.2859 -0.0284 0.0106  -0.0100 1   LYS D CE  
462 N  NZ  . LYS D 1 ? 0.2401 0.1903 0.1994 -0.0019 -0.0450 0.0203  1   LYS D NZ  
478 N  N   . ASP D 2 ? 0.1107 0.0969 0.1491 -0.0296 0.0176  0.0332  2   ASP D N   
479 C  CA  A ASP D 2 ? 0.0714 0.1085 0.1651 -0.0241 -0.0047 0.0037  2   ASP D CA  
480 C  CA  B ASP D 2 ? 0.0960 0.0967 0.1314 -0.0283 0.0137  0.0219  2   ASP D CA  
481 C  CA  C ASP D 2 ? 0.0829 0.1052 0.1554 -0.0295 -0.0014 0.0005  2   ASP D CA  
482 C  C   . ASP D 2 ? 0.0515 0.0949 0.0777 -0.0191 -0.0126 0.0133  2   ASP D C   
483 O  O   . ASP D 2 ? 0.0551 0.0719 0.0965 -0.0148 -0.0195 0.0069  2   ASP D O   
484 C  CB  A ASP D 2 ? 0.0768 0.1322 0.2460 -0.0247 -0.0169 -0.0295 2   ASP D CB  
485 C  CB  B ASP D 2 ? 0.0970 0.1062 0.1415 -0.0222 0.0047  0.0167  2   ASP D CB  
486 C  CB  C ASP D 2 ? 0.0990 0.1234 0.2162 -0.0376 -0.0114 -0.0346 2   ASP D CB  
487 C  CG  A ASP D 2 ? 0.1001 0.1575 0.3046 -0.0346 -0.0036 -0.0530 2   ASP D CG  
488 C  CG  B ASP D 2 ? 0.1194 0.1234 0.1793 -0.0341 -0.0019 -0.0076 2   ASP D CG  
489 C  CG  C ASP D 2 ? 0.1338 0.1439 0.2527 -0.0531 -0.0018 -0.0625 2   ASP D CG  
490 O  OD1 A ASP D 2 ? 0.1193 0.1747 0.3168 -0.0505 0.0142  -0.0666 2   ASP D OD1 
491 O  OD1 B ASP D 2 ? 0.1072 0.1430 0.2234 -0.0310 -0.0063 -0.0299 2   ASP D OD1 
492 O  OD1 C ASP D 2 ? 0.1620 0.1662 0.3116 -0.0580 0.0077  -0.0878 2   ASP D OD1 
493 O  OD2 A ASP D 2 ? 0.1076 0.1721 0.3379 -0.0342 0.0022  -0.0644 2   ASP D OD2 
494 O  OD2 B ASP D 2 ? 0.1304 0.1277 0.1502 -0.0368 -0.0168 -0.0042 2   ASP D OD2 
495 O  OD2 C ASP D 2 ? 0.1466 0.1571 0.2673 -0.0614 0.0023  -0.0718 2   ASP D OD2 
508 N  N   . TRP D 3 ? 0.0403 0.0802 0.0753 -0.0072 -0.0011 0.0147  3   TRP D N   
509 C  CA  . TRP D 3 ? 0.0317 0.0819 0.0497 -0.0052 -0.0039 0.0127  3   TRP D CA  
510 C  C   . TRP D 3 ? 0.0295 0.0861 0.0628 -0.0064 -0.0080 0.0109  3   TRP D C   
511 O  O   . TRP D 3 ? 0.0453 0.1304 0.0651 -0.0261 -0.0127 0.0181  3   TRP D O   
512 C  CB  . TRP D 3 ? 0.0338 0.0818 0.0571 0.0053  -0.0008 0.0093  3   TRP D CB  
513 C  CG  . TRP D 3 ? 0.0412 0.0683 0.0659 0.0114  0.0033  0.0051  3   TRP D CG  
514 C  CD1 . TRP D 3 ? 0.0317 0.0945 0.0696 0.0100  0.0103  -0.0003 3   TRP D CD1 
515 C  CD2 . TRP D 3 ? 0.0369 0.0581 0.0573 0.0079  0.0010  -0.0033 3   TRP D CD2 
516 N  NE1 . TRP D 3 ? 0.0458 0.1006 0.0592 0.0143  0.0080  -0.0123 3   TRP D NE1 
517 C  CE2 . TRP D 3 ? 0.0482 0.0686 0.0555 0.0098  0.0073  -0.0105 3   TRP D CE2 
518 C  CE3 . TRP D 3 ? 0.0427 0.0526 0.0552 0.0030  0.0032  -0.0055 3   TRP D CE3 
519 C  CZ2 . TRP D 3 ? 0.0514 0.0758 0.0573 0.0076  0.0005  -0.0171 3   TRP D CZ2 
520 C  CZ3 . TRP D 3 ? 0.0335 0.0509 0.0713 0.0017  0.0023  -0.0048 3   TRP D CZ3 
521 C  CH2 . TRP D 3 ? 0.0482 0.0683 0.0572 0.0030  -0.0097 -0.0132 3   TRP D CH2 
532 N  N   . SER D 4 ? 0.0440 0.0600 0.0429 -0.0026 -0.0125 0.0036  4   SER D N   
533 C  CA  A SER D 4 ? 0.0568 0.0485 0.0243 -0.0026 -0.0179 0.0012  4   SER D CA  
534 C  CA  B SER D 4 ? 0.0399 0.0450 0.0569 0.0123  -0.0069 -0.0023 4   SER D CA  
535 C  CA  C SER D 4 ? 0.0563 0.0610 0.0757 -0.0035 -0.0026 -0.0157 4   SER D CA  
536 C  C   . SER D 4 ? 0.0382 0.0419 0.0372 0.0056  -0.0083 -0.0014 4   SER D C   
537 O  O   . SER D 4 ? 0.0561 0.0531 0.0548 -0.0092 -0.0254 0.0066  4   SER D O   
538 C  CB  A SER D 4 ? 0.1043 0.0409 0.0374 -0.0142 -0.0245 0.0021  4   SER D CB  
539 C  CB  B SER D 4 ? 0.0588 0.0410 0.0478 0.0172  -0.0011 0.0040  4   SER D CB  
540 C  CB  C SER D 4 ? 0.1062 0.0920 0.1207 -0.0302 0.0163  -0.0431 4   SER D CB  
541 O  OG  A SER D 4 ? 0.1264 0.0379 0.0773 -0.0179 -0.0041 -0.0086 4   SER D OG  
542 O  OG  B SER D 4 ? 0.0636 0.0414 0.0499 0.0264  0.0081  0.0009  4   SER D OG  
543 O  OG  C SER D 4 ? 0.1355 0.1085 0.1813 -0.0401 0.0314  -0.0623 4   SER D OG  
559 N  N   . PHE D 5 ? 0.0370 0.0488 0.0369 -0.0019 -0.0083 -0.0062 5   PHE D N   
560 C  CA  . PHE D 5 ? 0.0272 0.0407 0.0458 -0.0079 -0.0021 -0.0055 5   PHE D CA  
561 C  C   . PHE D 5 ? 0.0397 0.0386 0.0437 -0.0016 -0.0024 0.0005  5   PHE D C   
562 O  O   . PHE D 5 ? 0.0423 0.0670 0.0419 0.0025  -0.0059 -0.0003 5   PHE D O   
563 C  CB  . PHE D 5 ? 0.0347 0.0443 0.0497 -0.0062 -0.0023 -0.0044 5   PHE D CB  
564 C  CG  . PHE D 5 ? 0.0389 0.0489 0.0535 -0.0012 0.0043  -0.0086 5   PHE D CG  
565 C  CD1 . PHE D 5 ? 0.0537 0.0591 0.0722 -0.0089 -0.0098 -0.0189 5   PHE D CD1 
566 C  CD2 . PHE D 5 ? 0.0419 0.0491 0.0760 -0.0026 -0.0019 -0.0062 5   PHE D CD2 
567 C  CE1 . PHE D 5 ? 0.0814 0.0723 0.1003 -0.0270 -0.0094 -0.0303 5   PHE D CE1 
568 C  CE2 . PHE D 5 ? 0.0818 0.0447 0.0937 -0.0145 0.0045  0.0021  5   PHE D CE2 
569 C  CZ  . PHE D 5 ? 0.1001 0.0531 0.1229 -0.0337 0.0133  -0.0151 5   PHE D CZ  
579 N  N   . TYR D 6 ? 0.0417 0.0513 0.0470 -0.0017 -0.0023 0.0006  6   TYR D N   
580 C  CA  . TYR D 6 ? 0.0560 0.0653 0.0530 -0.0029 0.0053  -0.0069 6   TYR D CA  
581 C  C   . TYR D 6 ? 0.0513 0.0756 0.0621 -0.0031 0.0118  -0.0106 6   TYR D C   
582 O  O   . TYR D 6 ? 0.0698 0.1109 0.0799 -0.0099 0.0264  -0.0057 6   TYR D O   
583 C  CB  . TYR D 6 ? 0.0773 0.0929 0.0545 -0.0093 0.0159  -0.0223 6   TYR D CB  
584 C  CG  . TYR D 6 ? 0.1001 0.0836 0.0637 0.0021  0.0325  -0.0170 6   TYR D CG  
585 C  CD1 . TYR D 6 ? 0.1368 0.0887 0.1206 0.0032  0.0662  -0.0065 6   TYR D CD1 
586 C  CD2 . TYR D 6 ? 0.1082 0.0902 0.0828 0.0171  0.0287  -0.0217 6   TYR D CD2 
587 C  CE1 . TYR D 6 ? 0.1675 0.0828 0.1407 0.0204  0.0699  0.0010  6   TYR D CE1 
588 C  CE2 . TYR D 6 ? 0.1370 0.0909 0.1234 0.0389  0.0248  -0.0194 6   TYR D CE2 
589 C  CZ  . TYR D 6 ? 0.1826 0.0853 0.1067 0.0351  0.0434  0.0000  6   TYR D CZ  
590 O  OH  . TYR D 6 ? 0.2243 0.0939 0.1479 0.0397  0.0519  0.0005  6   TYR D OH  
591 O  OXT . TYR D 6 ? 0.0520 0.0859 0.0779 -0.0043 0.0104  -0.0223 6   TYR D OXT 
601 O  O2  A PE4 E . ? 0.1636 0.2236 0.2000 -0.0130 -0.0036 -0.0379 101 PE4 B O2  
602 O  O2  B PE4 E . ? 0.1996 0.1736 0.2350 0.0514  0.0494  -0.0459 101 PE4 B O2  
603 C  C3  A PE4 E . ? 0.1670 0.2019 0.1685 -0.0069 0.0030  -0.0141 101 PE4 B C3  
604 C  C3  B PE4 E . ? 0.2096 0.1756 0.2305 0.0404  0.0556  -0.0507 101 PE4 B C3  
605 C  C4  A PE4 E . ? 0.1693 0.1658 0.1312 -0.0008 0.0018  0.0141  101 PE4 B C4  
606 C  C4  B PE4 E . ? 0.2084 0.1548 0.1953 0.0433  0.0597  -0.0381 101 PE4 B C4  
607 O  O3  A PE4 E . ? 0.1848 0.1488 0.1239 -0.0048 0.0130  0.0073  101 PE4 B O3  
608 O  O3  B PE4 E . ? 0.2109 0.1497 0.1833 0.0358  0.0723  -0.0353 101 PE4 B O3  
609 C  C5  A PE4 E . ? 0.1747 0.1142 0.1240 0.0027  0.0134  0.0249  101 PE4 B C5  
610 C  C5  B PE4 E . ? 0.1936 0.1171 0.2200 0.0516  0.0677  -0.0269 101 PE4 B C5  
611 C  C6  A PE4 E . ? 0.1717 0.1184 0.1661 0.0012  0.0096  0.0058  101 PE4 B C6  
612 C  C6  B PE4 E . ? 0.1958 0.1082 0.2200 0.0480  0.0747  -0.0145 101 PE4 B C6  
613 O  O4  A PE4 E . ? 0.1601 0.1150 0.1982 0.0105  -0.0095 0.0044  101 PE4 B O4  
614 O  O4  B PE4 E . ? 0.2329 0.1236 0.2134 0.0201  0.1085  -0.0298 101 PE4 B O4  
615 C  C7  A PE4 E . ? 0.1770 0.1189 0.2621 0.0045  0.0288  -0.0132 101 PE4 B C7  
616 C  C7  B PE4 E . ? 0.2349 0.1330 0.2486 0.0091  0.1185  -0.0426 101 PE4 B C7  
617 C  C8  A PE4 E . ? 0.1880 0.1237 0.3147 -0.0028 0.0539  -0.0367 101 PE4 B C8  
618 C  C8  B PE4 E . ? 0.2264 0.1299 0.2509 0.0115  0.1069  -0.0361 101 PE4 B C8  
619 O  O5  A PE4 E . ? 0.1779 0.1134 0.3509 0.0025  0.0631  -0.0534 101 PE4 B O5  
620 O  O5  B PE4 E . ? 0.2231 0.1223 0.2482 0.0035  0.0829  -0.0187 101 PE4 B O5  
621 C  C9  A PE4 E . ? 0.1732 0.1220 0.3489 -0.0014 0.0661  -0.0632 101 PE4 B C9  
622 C  C9  B PE4 E . ? 0.2078 0.1249 0.2557 0.0014  0.0624  -0.0181 101 PE4 B C9  
623 C  C10 A PE4 E . ? 0.1613 0.1172 0.3562 -0.0027 0.0494  -0.0682 101 PE4 B C10 
624 C  C10 B PE4 E . ? 0.2168 0.1419 0.2797 -0.0202 0.0606  -0.0278 101 PE4 B C10 
625 O  O6  A PE4 E . ? 0.1400 0.0881 0.3194 0.0087  0.0153  -0.0336 101 PE4 B O6  
626 O  O6  B PE4 E . ? 0.2259 0.1371 0.2991 -0.0308 0.0587  -0.0227 101 PE4 B O6  
627 C  C11 A PE4 E . ? 0.1453 0.1040 0.2847 -0.0065 0.0044  -0.0469 101 PE4 B C11 
628 C  C11 B PE4 E . ? 0.2360 0.1251 0.3054 -0.0385 0.0537  -0.0096 101 PE4 B C11 
629 C  C12 A PE4 E . ? 0.1752 0.1266 0.2882 -0.0292 0.0324  -0.0739 101 PE4 B C12 
630 C  C12 B PE4 E . ? 0.2556 0.1007 0.3141 -0.0410 0.0555  0.0145  101 PE4 B C12 
631 NA NA  . NA  F . ? 0.5524 0.5971 0.7099 -0.0015 0.0922  0.0696  102 NA  B NA  
632 O  O2  . PE4 G . ? 0.1822 0.1643 0.2409 -0.0305 0.0756  0.0080  101 PE4 C O2  
633 C  C3  . PE4 G . ? 0.1784 0.1696 0.2339 -0.0260 0.0796  0.0059  101 PE4 C C3  
634 C  C4  . PE4 G . ? 0.1767 0.1643 0.2172 -0.0202 0.0796  0.0162  101 PE4 C C4  
635 O  O3  . PE4 G . ? 0.1878 0.1612 0.2073 -0.0233 0.0744  0.0201  101 PE4 C O3  
636 C  C5  . PE4 G . ? 0.1798 0.1498 0.1716 -0.0162 0.0575  0.0299  101 PE4 C C5  
637 C  C6  . PE4 G . ? 0.1640 0.1416 0.1467 -0.0071 0.0436  0.0353  101 PE4 C C6  
638 O  O4  . PE4 G . ? 0.1666 0.1439 0.1342 -0.0109 0.0396  0.0320  101 PE4 C O4  
639 C  C7  . PE4 G . ? 0.1604 0.1407 0.1554 -0.0113 0.0412  0.0226  101 PE4 C C7  
640 C  C8  . PE4 G . ? 0.1514 0.1336 0.2049 -0.0105 0.0371  0.0051  101 PE4 C C8  
641 O  O5  . PE4 G . ? 0.1252 0.1128 0.2405 0.0033  0.0200  0.0028  101 PE4 C O5  
642 C  C9  . PE4 G . ? 0.1068 0.0871 0.2115 0.0139  0.0165  0.0141  101 PE4 C C9  
643 C  C10 . PE4 G . ? 0.1110 0.0930 0.1743 -0.0023 0.0237  0.0137  101 PE4 C C10 
644 O  O6  . PE4 G . ? 0.0956 0.1140 0.1937 -0.0133 0.0442  -0.0195 101 PE4 C O6  
645 C  C11 . PE4 G . ? 0.0432 0.1208 0.1441 0.0025  0.0207  -0.0161 101 PE4 C C11 
646 C  C12 . PE4 G . ? 0.0416 0.1216 0.1466 -0.0039 0.0110  -0.0236 101 PE4 C C12 
647 O  O   . HOH H . ? 0.3186 0.1659 0.1415 -0.1147 -0.0934 0.0523  101 HOH A O   
648 O  O   . HOH H . ? 0.2328 0.1886 0.1840 -0.0209 -0.1144 0.0355  102 HOH A O   
649 O  O   . HOH H . ? 0.1853 0.2835 0.2970 0.0000  -0.0489 -0.1595 103 HOH A O   
650 O  O   . HOH H . ? 0.2597 0.2592 0.1571 -0.0948 0.0277  -0.0614 104 HOH A O   
651 O  O   . HOH H . ? 0.4339 0.1776 0.1587 0.0976  -0.0385 -0.0342 105 HOH A O   
652 O  O   . HOH H . ? 0.3309 0.1503 0.4314 0.0122  0.1782  -0.0195 106 HOH A O   
653 O  O   . HOH H . ? 0.2132 0.4000 0.5103 -0.0009 -0.0455 -0.2403 107 HOH A O   
654 O  O   . HOH H . ? 0.2119 0.4212 0.5246 0.0401  -0.1418 -0.0025 108 HOH A O   
655 O  O   . HOH H . ? 0.4910 0.2848 0.4607 -0.0395 -0.0072 -0.0071 109 HOH A O   
656 O  O   . HOH H . ? 0.2762 0.5491 0.4006 0.0377  0.1115  0.0125  110 HOH A O   
657 O  O   . HOH H . ? 0.4075 0.5062 0.3864 0.0034  0.0302  0.0523  111 HOH A O   
658 O  O   . HOH H . ? 0.3621 0.3941 0.3243 -0.0073 0.0669  -0.0316 112 HOH A O   
659 O  O   . HOH I . ? 0.1656 0.1670 0.1226 -0.0872 -0.0507 0.0201  201 HOH B O   
660 O  O   . HOH I . ? 0.1884 0.1168 0.1879 -0.0124 -0.0677 0.0011  202 HOH B O   
661 O  O   . HOH I . ? 0.1504 0.1756 0.2436 -0.0540 -0.0281 -0.0091 203 HOH B O   
662 O  O   . HOH I . ? 0.1509 0.2137 0.2710 -0.0021 0.0598  0.0911  204 HOH B O   
663 O  O   . HOH I . ? 0.3316 0.3515 0.3463 0.0025  0.0266  0.0714  205 HOH B O   
664 O  O   . HOH I . ? 0.3597 0.2082 0.2866 -0.0511 -0.1490 0.0102  206 HOH B O   
665 O  O   . HOH I . ? 0.5397 0.1717 0.2727 -0.0152 0.1952  -0.0184 207 HOH B O   
666 O  O   . HOH I . ? 0.3394 0.1522 0.3631 -0.0259 0.2003  -0.0097 208 HOH B O   
667 O  O   . HOH I . ? 0.2093 0.4173 0.4605 0.0523  0.1297  0.0185  209 HOH B O   
668 O  O   . HOH I . ? 0.1318 0.3877 0.3106 -0.0485 -0.0351 -0.0782 210 HOH B O   
669 O  O   . HOH I . ? 0.3645 0.4532 0.4150 -0.0055 -0.0047 0.0134  211 HOH B O   
670 O  O   . HOH I . ? 0.2972 0.2627 0.4324 -0.0246 0.0275  0.0090  212 HOH B O   
671 O  O   . HOH I . ? 0.4602 0.3991 0.5023 -0.0264 0.0026  0.0098  213 HOH B O   
672 O  O   . HOH J . ? 0.0869 0.1218 0.1036 0.0165  -0.0169 -0.0459 201 HOH C O   
673 O  O   . HOH J . ? 0.3270 0.1220 0.0895 0.0957  0.0127  0.0098  202 HOH C O   
674 O  O   . HOH J . ? 0.1749 0.2322 0.1403 0.0818  -0.0223 -0.0336 203 HOH C O   
675 O  O   . HOH J . ? 0.4373 0.1516 0.1161 0.0079  0.0322  0.0113  204 HOH C O   
676 O  O   . HOH J . ? 0.1839 0.1808 0.2776 -0.0076 -0.0399 0.0780  205 HOH C O   
677 O  O   . HOH J . ? 0.2315 0.1531 0.2672 -0.0358 0.0308  -0.0500 206 HOH C O   
678 O  O   . HOH J . ? 0.3059 0.4154 0.2548 0.0577  0.0496  0.1728  207 HOH C O   
679 O  O   . HOH J . ? 0.2350 0.3833 0.3223 -0.1309 0.1141  -0.1925 208 HOH C O   
680 O  O   . HOH J . ? 0.2229 0.1965 0.4679 -0.0197 0.0835  -0.1367 209 HOH C O   
681 O  O   . HOH J . ? 0.2990 0.2085 0.5728 0.0812  -0.1144 -0.0120 210 HOH C O   
682 O  O   . HOH J . ? 0.0271 0.0103 0.0286 -0.0068 -0.0007 -0.0030 211 HOH C O   
683 O  O   . HOH J . ? 0.4784 0.4209 0.3398 0.0136  -0.0611 -0.1266 212 HOH C O   
684 O  O   . HOH J . ? 0.1684 0.1770 0.1735 0.0105  -0.0129 -0.0309 213 HOH C O   
685 O  O   . HOH K . ? 0.0817 0.1388 0.0966 0.0346  -0.0078 -0.0407 101 HOH D O   
686 O  O   . HOH K . ? 0.3182 0.1472 0.1135 0.0416  -0.0419 0.0003  102 HOH D O   
687 O  O   . HOH K . ? 0.3038 0.1405 0.0981 0.1041  0.0290  0.0152  103 HOH D O   
688 O  O   . HOH K . ? 0.1045 0.1610 0.1143 -0.0103 0.0368  -0.0217 104 HOH D O   
689 O  O   . HOH K . ? 0.2160 0.1950 0.2661 -0.0182 -0.0919 0.0124  105 HOH D O   
690 O  O   . HOH K . ? 0.5414 0.2620 0.2369 -0.1455 0.0139  0.0645  106 HOH D O   
691 O  O   . HOH K . ? 0.2618 0.1816 0.4027 0.0535  0.0896  0.1227  107 HOH D O   
692 O  O   . HOH K . ? 0.3421 0.4992 0.4299 -0.0114 0.0475  -0.0456 108 HOH D O   
693 O  O   . HOH K . ? 0.4303 0.5022 0.3460 -0.0336 -0.0537 -0.0582 109 HOH D O   
694 O  O   . HOH K . ? 0.4158 0.4330 0.3890 -0.0009 0.0119  -0.0151 110 HOH D O   
695 O  O   . HOH K . ? 0.4422 0.4751 0.3967 -0.0349 0.0515  -0.0282 111 HOH D O   
# 
